data_1AZ5
# 
_entry.id   1AZ5 
# 
_audit_conform.dict_name       mmcif_pdbx.dic 
_audit_conform.dict_version    5.389 
_audit_conform.dict_location   http://mmcif.pdb.org/dictionaries/ascii/mmcif_pdbx.dic 
# 
loop_
_database_2.database_id 
_database_2.database_code 
_database_2.pdbx_database_accession 
_database_2.pdbx_DOI 
PDB   1AZ5         pdb_00001az5 10.2210/pdb1az5/pdb 
WWPDB D_1000171432 ?            ?                   
# 
loop_
_pdbx_audit_revision_history.ordinal 
_pdbx_audit_revision_history.data_content_type 
_pdbx_audit_revision_history.major_revision 
_pdbx_audit_revision_history.minor_revision 
_pdbx_audit_revision_history.revision_date 
1 'Structure model' 1 0 1998-05-27 
2 'Structure model' 1 1 2008-03-03 
3 'Structure model' 1 2 2011-07-13 
4 'Structure model' 1 3 2011-11-16 
5 'Structure model' 2 0 2021-11-03 
6 'Structure model' 2 1 2024-02-07 
7 'Structure model' 2 2 2024-04-03 
# 
_pdbx_audit_revision_details.ordinal             1 
_pdbx_audit_revision_details.revision_ordinal    1 
_pdbx_audit_revision_details.data_content_type   'Structure model' 
_pdbx_audit_revision_details.provider            repository 
_pdbx_audit_revision_details.type                'Initial release' 
_pdbx_audit_revision_details.description         ? 
_pdbx_audit_revision_details.details             ? 
# 
loop_
_pdbx_audit_revision_group.ordinal 
_pdbx_audit_revision_group.revision_ordinal 
_pdbx_audit_revision_group.data_content_type 
_pdbx_audit_revision_group.group 
1 2 'Structure model' 'Version format compliance' 
2 3 'Structure model' 'Version format compliance' 
3 4 'Structure model' 'Atomic model'              
4 5 'Structure model' 'Atomic model'              
5 5 'Structure model' 'Database references'       
6 5 'Structure model' Other                       
7 6 'Structure model' 'Data collection'           
8 7 'Structure model' 'Refinement description'    
# 
loop_
_pdbx_audit_revision_category.ordinal 
_pdbx_audit_revision_category.revision_ordinal 
_pdbx_audit_revision_category.data_content_type 
_pdbx_audit_revision_category.category 
1 5 'Structure model' atom_site                     
2 5 'Structure model' database_2                    
3 5 'Structure model' pdbx_database_status          
4 5 'Structure model' struct_ref_seq_dif            
5 6 'Structure model' chem_comp_atom                
6 6 'Structure model' chem_comp_bond                
7 7 'Structure model' pdbx_initial_refinement_model 
# 
loop_
_pdbx_audit_revision_item.ordinal 
_pdbx_audit_revision_item.revision_ordinal 
_pdbx_audit_revision_item.data_content_type 
_pdbx_audit_revision_item.item 
1 5 'Structure model' '_atom_site.occupancy'                
2 5 'Structure model' '_database_2.pdbx_DOI'                
3 5 'Structure model' '_database_2.pdbx_database_accession' 
4 5 'Structure model' '_pdbx_database_status.process_site'  
5 5 'Structure model' '_struct_ref_seq_dif.details'         
# 
_pdbx_database_status.status_code                     REL 
_pdbx_database_status.entry_id                        1AZ5 
_pdbx_database_status.recvd_initial_deposition_date   1997-11-25 
_pdbx_database_status.deposit_site                    ? 
_pdbx_database_status.process_site                    BNL 
_pdbx_database_status.status_code_sf                  REL 
_pdbx_database_status.status_code_mr                  ? 
_pdbx_database_status.SG_entry                        ? 
_pdbx_database_status.pdb_format_compatible           Y 
_pdbx_database_status.status_code_cs                  ? 
_pdbx_database_status.status_code_nmr_data            ? 
_pdbx_database_status.methods_development_category    ? 
# 
loop_
_audit_author.name 
_audit_author.pdbx_ordinal 
'Rose, R.B.'   1 
'Craik, C.S.'  2 
'Stroud, R.M.' 3 
# 
loop_
_citation.id 
_citation.title 
_citation.journal_abbrev 
_citation.journal_volume 
_citation.page_first 
_citation.page_last 
_citation.year 
_citation.journal_id_ASTM 
_citation.country 
_citation.journal_id_ISSN 
_citation.journal_id_CSD 
_citation.book_publisher 
_citation.pdbx_database_id_PubMed 
_citation.pdbx_database_id_DOI 
primary 'Domain flexibility in retroviral proteases: structural implications for drug resistant mutations.' Biochemistry 37 2607  
2621 1998 BICHAW US 0006-2960 0033 ? 9485411 10.1021/bi9716074 
1       'Three-Dimensional Structures of HIV-1 and Siv Protease Product Complexes'                          Biochemistry 35 12933 
?    1996 BICHAW US 0006-2960 0033 ? ?       ?                 
# 
loop_
_citation_author.citation_id 
_citation_author.name 
_citation_author.ordinal 
_citation_author.identifier_ORCID 
primary 'Rose, R.B.'    1 ? 
primary 'Craik, C.S.'   2 ? 
primary 'Stroud, R.M.'  3 ? 
1       'Rose, R.B.'    4 ? 
1       'Craik, C.S.'   5 ? 
1       'Douglas, N.L.' 6 ? 
1       'Stroud, R.M.'  7 ? 
# 
loop_
_entity.id 
_entity.type 
_entity.src_method 
_entity.pdbx_description 
_entity.formula_weight 
_entity.pdbx_number_of_molecules 
_entity.pdbx_ec 
_entity.pdbx_mutation 
_entity.pdbx_fragment 
_entity.details 
1 polymer man 'SIV PROTEASE' 10768.428 1  3.4.23.16 S4H ? ? 
2 water   nat water          18.015    19 ?         ?   ? ? 
# 
_entity_name_com.entity_id   1 
_entity_name_com.name        'SIV PROTEINASE' 
# 
_entity_poly.entity_id                      1 
_entity_poly.type                           'polypeptide(L)' 
_entity_poly.nstd_linkage                   no 
_entity_poly.nstd_monomer                   no 
_entity_poly.pdbx_seq_one_letter_code       
;PQFHLWKRPVVTAHIEGQPVEVLLDTGADDSIVTGIELGPHYTPKIVGGIGGFINTKEYKNVEVEVLGKRIKGTIMTGDT
PINIFGRNLLTALGMSLNF
;
_entity_poly.pdbx_seq_one_letter_code_can   
;PQFHLWKRPVVTAHIEGQPVEVLLDTGADDSIVTGIELGPHYTPKIVGGIGGFINTKEYKNVEVEVLGKRIKGTIMTGDT
PINIFGRNLLTALGMSLNF
;
_entity_poly.pdbx_strand_id                 A 
_entity_poly.pdbx_target_identifier         ? 
# 
_pdbx_entity_nonpoly.entity_id   2 
_pdbx_entity_nonpoly.name        water 
_pdbx_entity_nonpoly.comp_id     HOH 
# 
loop_
_entity_poly_seq.entity_id 
_entity_poly_seq.num 
_entity_poly_seq.mon_id 
_entity_poly_seq.hetero 
1 1  PRO n 
1 2  GLN n 
1 3  PHE n 
1 4  HIS n 
1 5  LEU n 
1 6  TRP n 
1 7  LYS n 
1 8  ARG n 
1 9  PRO n 
1 10 VAL n 
1 11 VAL n 
1 12 THR n 
1 13 ALA n 
1 14 HIS n 
1 15 ILE n 
1 16 GLU n 
1 17 GLY n 
1 18 GLN n 
1 19 PRO n 
1 20 VAL n 
1 21 GLU n 
1 22 VAL n 
1 23 LEU n 
1 24 LEU n 
1 25 ASP n 
1 26 THR n 
1 27 GLY n 
1 28 ALA n 
1 29 ASP n 
1 30 ASP n 
1 31 SER n 
1 32 ILE n 
1 33 VAL n 
1 34 THR n 
1 35 GLY n 
1 36 ILE n 
1 37 GLU n 
1 38 LEU n 
1 39 GLY n 
1 40 PRO n 
1 41 HIS n 
1 42 TYR n 
1 43 THR n 
1 44 PRO n 
1 45 LYS n 
1 46 ILE n 
1 47 VAL n 
1 48 GLY n 
1 49 GLY n 
1 50 ILE n 
1 51 GLY n 
1 52 GLY n 
1 53 PHE n 
1 54 ILE n 
1 55 ASN n 
1 56 THR n 
1 57 LYS n 
1 58 GLU n 
1 59 TYR n 
1 60 LYS n 
1 61 ASN n 
1 62 VAL n 
1 63 GLU n 
1 64 VAL n 
1 65 GLU n 
1 66 VAL n 
1 67 LEU n 
1 68 GLY n 
1 69 LYS n 
1 70 ARG n 
1 71 ILE n 
1 72 LYS n 
1 73 GLY n 
1 74 THR n 
1 75 ILE n 
1 76 MET n 
1 77 THR n 
1 78 GLY n 
1 79 ASP n 
1 80 THR n 
1 81 PRO n 
1 82 ILE n 
1 83 ASN n 
1 84 ILE n 
1 85 PHE n 
1 86 GLY n 
1 87 ARG n 
1 88 ASN n 
1 89 LEU n 
1 90 LEU n 
1 91 THR n 
1 92 ALA n 
1 93 LEU n 
1 94 GLY n 
1 95 MET n 
1 96 SER n 
1 97 LEU n 
1 98 ASN n 
1 99 PHE n 
# 
_entity_src_gen.entity_id                          1 
_entity_src_gen.pdbx_src_id                        1 
_entity_src_gen.pdbx_alt_source_flag               sample 
_entity_src_gen.pdbx_seq_type                      ? 
_entity_src_gen.pdbx_beg_seq_num                   ? 
_entity_src_gen.pdbx_end_seq_num                   ? 
_entity_src_gen.gene_src_common_name               ? 
_entity_src_gen.gene_src_genus                     Lentivirus 
_entity_src_gen.pdbx_gene_src_gene                 'SIV(MAC)239' 
_entity_src_gen.gene_src_species                   ? 
_entity_src_gen.gene_src_strain                    X90 
_entity_src_gen.gene_src_tissue                    ? 
_entity_src_gen.gene_src_tissue_fraction           ? 
_entity_src_gen.gene_src_details                   ? 
_entity_src_gen.pdbx_gene_src_fragment             ? 
_entity_src_gen.pdbx_gene_src_scientific_name      'Simian immunodeficiency virus' 
_entity_src_gen.pdbx_gene_src_ncbi_taxonomy_id     11723 
_entity_src_gen.pdbx_gene_src_variant              'SIV(MAC)239' 
_entity_src_gen.pdbx_gene_src_cell_line            ? 
_entity_src_gen.pdbx_gene_src_atcc                 ? 
_entity_src_gen.pdbx_gene_src_organ                ? 
_entity_src_gen.pdbx_gene_src_organelle            ? 
_entity_src_gen.pdbx_gene_src_cell                 ? 
_entity_src_gen.pdbx_gene_src_cellular_location    ? 
_entity_src_gen.host_org_common_name               ? 
_entity_src_gen.pdbx_host_org_scientific_name      'Escherichia coli' 
_entity_src_gen.pdbx_host_org_ncbi_taxonomy_id     562 
_entity_src_gen.host_org_genus                     Escherichia 
_entity_src_gen.pdbx_host_org_gene                 'SIV(MAC)239' 
_entity_src_gen.pdbx_host_org_organ                ? 
_entity_src_gen.host_org_species                   ? 
_entity_src_gen.pdbx_host_org_tissue               ? 
_entity_src_gen.pdbx_host_org_tissue_fraction      ? 
_entity_src_gen.pdbx_host_org_strain               ? 
_entity_src_gen.pdbx_host_org_variant              ? 
_entity_src_gen.pdbx_host_org_cell_line            ? 
_entity_src_gen.pdbx_host_org_atcc                 ? 
_entity_src_gen.pdbx_host_org_culture_collection   ? 
_entity_src_gen.pdbx_host_org_cell                 ? 
_entity_src_gen.pdbx_host_org_organelle            ? 
_entity_src_gen.pdbx_host_org_cellular_location    ? 
_entity_src_gen.pdbx_host_org_vector_type          ? 
_entity_src_gen.pdbx_host_org_vector               ? 
_entity_src_gen.host_org_details                   ? 
_entity_src_gen.expression_system_id               ? 
_entity_src_gen.plasmid_name                       PSOD/PR179 
_entity_src_gen.plasmid_details                    ? 
_entity_src_gen.pdbx_description                   ? 
# 
loop_
_chem_comp.id 
_chem_comp.type 
_chem_comp.mon_nstd_flag 
_chem_comp.name 
_chem_comp.pdbx_synonyms 
_chem_comp.formula 
_chem_comp.formula_weight 
ALA 'L-peptide linking' y ALANINE         ? 'C3 H7 N O2'     89.093  
ARG 'L-peptide linking' y ARGININE        ? 'C6 H15 N4 O2 1' 175.209 
ASN 'L-peptide linking' y ASPARAGINE      ? 'C4 H8 N2 O3'    132.118 
ASP 'L-peptide linking' y 'ASPARTIC ACID' ? 'C4 H7 N O4'     133.103 
GLN 'L-peptide linking' y GLUTAMINE       ? 'C5 H10 N2 O3'   146.144 
GLU 'L-peptide linking' y 'GLUTAMIC ACID' ? 'C5 H9 N O4'     147.129 
GLY 'peptide linking'   y GLYCINE         ? 'C2 H5 N O2'     75.067  
HIS 'L-peptide linking' y HISTIDINE       ? 'C6 H10 N3 O2 1' 156.162 
HOH non-polymer         . WATER           ? 'H2 O'           18.015  
ILE 'L-peptide linking' y ISOLEUCINE      ? 'C6 H13 N O2'    131.173 
LEU 'L-peptide linking' y LEUCINE         ? 'C6 H13 N O2'    131.173 
LYS 'L-peptide linking' y LYSINE          ? 'C6 H15 N2 O2 1' 147.195 
MET 'L-peptide linking' y METHIONINE      ? 'C5 H11 N O2 S'  149.211 
PHE 'L-peptide linking' y PHENYLALANINE   ? 'C9 H11 N O2'    165.189 
PRO 'L-peptide linking' y PROLINE         ? 'C5 H9 N O2'     115.130 
SER 'L-peptide linking' y SERINE          ? 'C3 H7 N O3'     105.093 
THR 'L-peptide linking' y THREONINE       ? 'C4 H9 N O3'     119.119 
TRP 'L-peptide linking' y TRYPTOPHAN      ? 'C11 H12 N2 O2'  204.225 
TYR 'L-peptide linking' y TYROSINE        ? 'C9 H11 N O3'    181.189 
VAL 'L-peptide linking' y VALINE          ? 'C5 H11 N O2'    117.146 
# 
loop_
_pdbx_poly_seq_scheme.asym_id 
_pdbx_poly_seq_scheme.entity_id 
_pdbx_poly_seq_scheme.seq_id 
_pdbx_poly_seq_scheme.mon_id 
_pdbx_poly_seq_scheme.ndb_seq_num 
_pdbx_poly_seq_scheme.pdb_seq_num 
_pdbx_poly_seq_scheme.auth_seq_num 
_pdbx_poly_seq_scheme.pdb_mon_id 
_pdbx_poly_seq_scheme.auth_mon_id 
_pdbx_poly_seq_scheme.pdb_strand_id 
_pdbx_poly_seq_scheme.pdb_ins_code 
_pdbx_poly_seq_scheme.hetero 
A 1 1  PRO 1  1  1  PRO PRO A . n 
A 1 2  GLN 2  2  2  GLN GLN A . n 
A 1 3  PHE 3  3  3  PHE PHE A . n 
A 1 4  HIS 4  4  4  HIS HIS A . n 
A 1 5  LEU 5  5  5  LEU LEU A . n 
A 1 6  TRP 6  6  6  TRP TRP A . n 
A 1 7  LYS 7  7  7  LYS LYS A . n 
A 1 8  ARG 8  8  8  ARG ARG A . n 
A 1 9  PRO 9  9  9  PRO PRO A . n 
A 1 10 VAL 10 10 10 VAL VAL A . n 
A 1 11 VAL 11 11 11 VAL VAL A . n 
A 1 12 THR 12 12 12 THR THR A . n 
A 1 13 ALA 13 13 13 ALA ALA A . n 
A 1 14 HIS 14 14 14 HIS HIS A . n 
A 1 15 ILE 15 15 15 ILE ILE A . n 
A 1 16 GLU 16 16 16 GLU GLU A . n 
A 1 17 GLY 17 17 17 GLY GLY A . n 
A 1 18 GLN 18 18 18 GLN GLN A . n 
A 1 19 PRO 19 19 19 PRO PRO A . n 
A 1 20 VAL 20 20 20 VAL VAL A . n 
A 1 21 GLU 21 21 21 GLU GLU A . n 
A 1 22 VAL 22 22 22 VAL VAL A . n 
A 1 23 LEU 23 23 23 LEU LEU A . n 
A 1 24 LEU 24 24 24 LEU LEU A . n 
A 1 25 ASP 25 25 25 ASP ASP A . n 
A 1 26 THR 26 26 26 THR THR A . n 
A 1 27 GLY 27 27 27 GLY GLY A . n 
A 1 28 ALA 28 28 28 ALA ALA A . n 
A 1 29 ASP 29 29 29 ASP ASP A . n 
A 1 30 ASP 30 30 30 ASP ASP A . n 
A 1 31 SER 31 31 31 SER SER A . n 
A 1 32 ILE 32 32 32 ILE ILE A . n 
A 1 33 VAL 33 33 33 VAL VAL A . n 
A 1 34 THR 34 34 34 THR THR A . n 
A 1 35 GLY 35 35 35 GLY GLY A . n 
A 1 36 ILE 36 36 36 ILE ILE A . n 
A 1 37 GLU 37 37 37 GLU GLU A . n 
A 1 38 LEU 38 38 38 LEU LEU A . n 
A 1 39 GLY 39 39 39 GLY GLY A . n 
A 1 40 PRO 40 40 40 PRO PRO A . n 
A 1 41 HIS 41 41 41 HIS HIS A . n 
A 1 42 TYR 42 42 42 TYR TYR A . n 
A 1 43 THR 43 43 43 THR THR A . n 
A 1 44 PRO 44 44 44 PRO PRO A . n 
A 1 45 LYS 45 45 45 LYS LYS A . n 
A 1 46 ILE 46 46 46 ILE ILE A . n 
A 1 47 VAL 47 47 47 VAL VAL A . n 
A 1 48 GLY 48 48 ?  ?   ?   A . n 
A 1 49 GLY 49 49 ?  ?   ?   A . n 
A 1 50 ILE 50 50 ?  ?   ?   A . n 
A 1 51 GLY 51 51 ?  ?   ?   A . n 
A 1 52 GLY 52 52 52 GLY GLY A . n 
A 1 53 PHE 53 53 53 PHE PHE A . n 
A 1 54 ILE 54 54 54 ILE ILE A . n 
A 1 55 ASN 55 55 55 ASN ASN A . n 
A 1 56 THR 56 56 56 THR THR A . n 
A 1 57 LYS 57 57 57 LYS LYS A . n 
A 1 58 GLU 58 58 58 GLU GLU A . n 
A 1 59 TYR 59 59 59 TYR TYR A . n 
A 1 60 LYS 60 60 60 LYS LYS A . n 
A 1 61 ASN 61 61 61 ASN ASN A . n 
A 1 62 VAL 62 62 62 VAL VAL A . n 
A 1 63 GLU 63 63 63 GLU GLU A . n 
A 1 64 VAL 64 64 64 VAL VAL A . n 
A 1 65 GLU 65 65 65 GLU GLU A . n 
A 1 66 VAL 66 66 66 VAL VAL A . n 
A 1 67 LEU 67 67 67 LEU LEU A . n 
A 1 68 GLY 68 68 68 GLY GLY A . n 
A 1 69 LYS 69 69 69 LYS LYS A . n 
A 1 70 ARG 70 70 70 ARG ARG A . n 
A 1 71 ILE 71 71 71 ILE ILE A . n 
A 1 72 LYS 72 72 72 LYS LYS A . n 
A 1 73 GLY 73 73 73 GLY GLY A . n 
A 1 74 THR 74 74 74 THR THR A . n 
A 1 75 ILE 75 75 75 ILE ILE A . n 
A 1 76 MET 76 76 76 MET MET A . n 
A 1 77 THR 77 77 77 THR THR A . n 
A 1 78 GLY 78 78 78 GLY GLY A . n 
A 1 79 ASP 79 79 79 ASP ASP A . n 
A 1 80 THR 80 80 80 THR THR A . n 
A 1 81 PRO 81 81 81 PRO PRO A . n 
A 1 82 ILE 82 82 82 ILE ILE A . n 
A 1 83 ASN 83 83 83 ASN ASN A . n 
A 1 84 ILE 84 84 84 ILE ILE A . n 
A 1 85 PHE 85 85 85 PHE PHE A . n 
A 1 86 GLY 86 86 86 GLY GLY A . n 
A 1 87 ARG 87 87 87 ARG ARG A . n 
A 1 88 ASN 88 88 88 ASN ASN A . n 
A 1 89 LEU 89 89 89 LEU LEU A . n 
A 1 90 LEU 90 90 90 LEU LEU A . n 
A 1 91 THR 91 91 91 THR THR A . n 
A 1 92 ALA 92 92 92 ALA ALA A . n 
A 1 93 LEU 93 93 93 LEU LEU A . n 
A 1 94 GLY 94 94 94 GLY GLY A . n 
A 1 95 MET 95 95 95 MET MET A . n 
A 1 96 SER 96 96 96 SER SER A . n 
A 1 97 LEU 97 97 97 LEU LEU A . n 
A 1 98 ASN 98 98 98 ASN ASN A . n 
A 1 99 PHE 99 99 99 PHE PHE A . n 
# 
loop_
_pdbx_nonpoly_scheme.asym_id 
_pdbx_nonpoly_scheme.entity_id 
_pdbx_nonpoly_scheme.mon_id 
_pdbx_nonpoly_scheme.ndb_seq_num 
_pdbx_nonpoly_scheme.pdb_seq_num 
_pdbx_nonpoly_scheme.auth_seq_num 
_pdbx_nonpoly_scheme.pdb_mon_id 
_pdbx_nonpoly_scheme.auth_mon_id 
_pdbx_nonpoly_scheme.pdb_strand_id 
_pdbx_nonpoly_scheme.pdb_ins_code 
B 2 HOH 1  402 402 HOH HOH A . 
B 2 HOH 2  403 403 HOH HOH A . 
B 2 HOH 3  404 404 HOH HOH A . 
B 2 HOH 4  405 405 HOH HOH A . 
B 2 HOH 5  406 406 HOH HOH A . 
B 2 HOH 6  407 407 HOH HOH A . 
B 2 HOH 7  408 408 HOH HOH A . 
B 2 HOH 8  409 409 HOH HOH A . 
B 2 HOH 9  410 410 HOH HOH A . 
B 2 HOH 10 413 413 HOH HOH A . 
B 2 HOH 11 414 414 HOH HOH A . 
B 2 HOH 12 415 415 HOH HOH A . 
B 2 HOH 13 416 416 HOH HOH A . 
B 2 HOH 14 417 417 HOH HOH A . 
B 2 HOH 15 418 418 HOH HOH A . 
B 2 HOH 16 419 419 HOH HOH A . 
B 2 HOH 17 424 424 HOH HOH A . 
B 2 HOH 18 425 425 HOH HOH A . 
B 2 HOH 19 426 426 HOH HOH A . 
# 
loop_
_pdbx_unobs_or_zero_occ_atoms.id 
_pdbx_unobs_or_zero_occ_atoms.PDB_model_num 
_pdbx_unobs_or_zero_occ_atoms.polymer_flag 
_pdbx_unobs_or_zero_occ_atoms.occupancy_flag 
_pdbx_unobs_or_zero_occ_atoms.auth_asym_id 
_pdbx_unobs_or_zero_occ_atoms.auth_comp_id 
_pdbx_unobs_or_zero_occ_atoms.auth_seq_id 
_pdbx_unobs_or_zero_occ_atoms.PDB_ins_code 
_pdbx_unobs_or_zero_occ_atoms.auth_atom_id 
_pdbx_unobs_or_zero_occ_atoms.label_alt_id 
_pdbx_unobs_or_zero_occ_atoms.label_asym_id 
_pdbx_unobs_or_zero_occ_atoms.label_comp_id 
_pdbx_unobs_or_zero_occ_atoms.label_seq_id 
_pdbx_unobs_or_zero_occ_atoms.label_atom_id 
1  1 Y 1 A PHE 53 ? CG  ? A PHE 53 CG  
2  1 Y 1 A PHE 53 ? CD1 ? A PHE 53 CD1 
3  1 Y 1 A PHE 53 ? CD2 ? A PHE 53 CD2 
4  1 Y 1 A PHE 53 ? CE1 ? A PHE 53 CE1 
5  1 Y 1 A PHE 53 ? CE2 ? A PHE 53 CE2 
6  1 Y 1 A PHE 53 ? CZ  ? A PHE 53 CZ  
7  1 Y 1 A LYS 60 ? CG  ? A LYS 60 CG  
8  1 Y 1 A LYS 60 ? CD  ? A LYS 60 CD  
9  1 Y 1 A LYS 60 ? CE  ? A LYS 60 CE  
10 1 Y 1 A LYS 60 ? NZ  ? A LYS 60 NZ  
# 
loop_
_software.name 
_software.classification 
_software.version 
_software.citation_id 
_software.pdbx_ordinal 
X-PLOR    'model building' . ? 1 
X-PLOR    refinement       . ? 2 
DENZO     'data reduction' . ? 3 
SCALEPACK 'data scaling'   . ? 4 
X-PLOR    phasing          . ? 5 
# 
_cell.entry_id           1AZ5 
_cell.length_a           45.400 
_cell.length_b           45.400 
_cell.length_c           87.900 
_cell.angle_alpha        90.00 
_cell.angle_beta         90.00 
_cell.angle_gamma        120.00 
_cell.Z_PDB              6 
_cell.pdbx_unique_axis   ? 
# 
_symmetry.entry_id                         1AZ5 
_symmetry.space_group_name_H-M             'P 32 2 1' 
_symmetry.pdbx_full_space_group_name_H-M   ? 
_symmetry.cell_setting                     ? 
_symmetry.Int_Tables_number                154 
# 
_exptl.entry_id          1AZ5 
_exptl.method            'X-RAY DIFFRACTION' 
_exptl.crystals_number   1 
# 
_exptl_crystal.id                    1 
_exptl_crystal.density_meas          ? 
_exptl_crystal.density_Matthews      2.43 
_exptl_crystal.density_percent_sol   40. 
_exptl_crystal.description           ? 
# 
_exptl_crystal_grow.crystal_id      1 
_exptl_crystal_grow.method          ? 
_exptl_crystal_grow.temp            ? 
_exptl_crystal_grow.temp_details    ? 
_exptl_crystal_grow.pH              6.5 
_exptl_crystal_grow.pdbx_pH_range   ? 
_exptl_crystal_grow.pdbx_details    '100 MM SODIUM CACODYLATE, PH 6.5, 0.3 M NACL' 
# 
_diffrn.id                     1 
_diffrn.ambient_temp           298 
_diffrn.ambient_temp_details   ? 
_diffrn.crystal_id             1 
# 
_diffrn_detector.diffrn_id              1 
_diffrn_detector.detector               'IMAGE PLATE' 
_diffrn_detector.type                   RIGAKU 
_diffrn_detector.pdbx_collection_date   1994-10 
_diffrn_detector.details                COLLIMATOR 
# 
_diffrn_radiation.diffrn_id                        1 
_diffrn_radiation.wavelength_id                    1 
_diffrn_radiation.pdbx_monochromatic_or_laue_m_l   M 
_diffrn_radiation.monochromator                    'GRAPHITE(002)' 
_diffrn_radiation.pdbx_diffrn_protocol             ? 
_diffrn_radiation.pdbx_scattering_type             x-ray 
# 
_diffrn_radiation_wavelength.id           1 
_diffrn_radiation_wavelength.wavelength   1.5418 
_diffrn_radiation_wavelength.wt           1.0 
# 
_diffrn_source.diffrn_id                   1 
_diffrn_source.source                      ? 
_diffrn_source.type                        ? 
_diffrn_source.pdbx_synchrotron_site       ? 
_diffrn_source.pdbx_synchrotron_beamline   ? 
_diffrn_source.pdbx_wavelength             1.5418 
_diffrn_source.pdbx_wavelength_list        ? 
# 
_reflns.entry_id                     1AZ5 
_reflns.observed_criterion_sigma_I   ? 
_reflns.observed_criterion_sigma_F   ? 
_reflns.d_resolution_low             30. 
_reflns.d_resolution_high            2.0 
_reflns.number_obs                   7300 
_reflns.number_all                   ? 
_reflns.percent_possible_obs         97. 
_reflns.pdbx_Rmerge_I_obs            0.0860000 
_reflns.pdbx_Rsym_value              0.0860000 
_reflns.pdbx_netI_over_sigmaI        ? 
_reflns.B_iso_Wilson_estimate        14. 
_reflns.pdbx_redundancy              5. 
_reflns.pdbx_diffrn_id               1 
_reflns.pdbx_ordinal                 1 
# 
_reflns_shell.d_res_high             2.00 
_reflns_shell.d_res_low              2.06 
_reflns_shell.percent_possible_all   94. 
_reflns_shell.Rmerge_I_obs           ? 
_reflns_shell.pdbx_Rsym_value        ? 
_reflns_shell.meanI_over_sigI_obs    ? 
_reflns_shell.pdbx_redundancy        ? 
_reflns_shell.pdbx_diffrn_id         ? 
_reflns_shell.pdbx_ordinal           1 
# 
_refine.entry_id                                 1AZ5 
_refine.ls_number_reflns_obs                     7110 
_refine.ls_number_reflns_all                     ? 
_refine.pdbx_ls_sigma_I                          ? 
_refine.pdbx_ls_sigma_F                          0.0 
_refine.pdbx_data_cutoff_high_absF               0.0 
_refine.pdbx_data_cutoff_low_absF                0.0 
_refine.pdbx_data_cutoff_high_rms_absF           ? 
_refine.ls_d_res_low                             7.0 
_refine.ls_d_res_high                            2.0 
_refine.ls_percent_reflns_obs                    94.4 
_refine.ls_R_factor_obs                          0.2040000 
_refine.ls_R_factor_all                          ? 
_refine.ls_R_factor_R_work                       0.2040000 
_refine.ls_R_factor_R_free                       0.2660000 
_refine.ls_R_factor_R_free_error                 0.01 
_refine.ls_R_factor_R_free_error_details         ? 
_refine.ls_percent_reflns_R_free                 10. 
_refine.ls_number_reflns_R_free                  775 
_refine.ls_number_parameters                     ? 
_refine.ls_number_restraints                     ? 
_refine.occupancy_min                            ? 
_refine.occupancy_max                            ? 
_refine.B_iso_mean                               23. 
_refine.aniso_B[1][1]                            ? 
_refine.aniso_B[2][2]                            ? 
_refine.aniso_B[3][3]                            ? 
_refine.aniso_B[1][2]                            ? 
_refine.aniso_B[1][3]                            ? 
_refine.aniso_B[2][3]                            ? 
_refine.solvent_model_details                    ? 
_refine.solvent_model_param_ksol                 ? 
_refine.solvent_model_param_bsol                 ? 
_refine.pdbx_ls_cross_valid_method               ? 
_refine.details                                  ? 
_refine.pdbx_starting_model                      'PDB ENTRY 1SAM' 
_refine.pdbx_method_to_determine_struct          'MOLECULAR REPLACEMENT' 
_refine.pdbx_isotropic_thermal_model             'X-PLOR RESTRAINED INDIVID B-FACTORS' 
_refine.pdbx_stereochemistry_target_values       ? 
_refine.pdbx_stereochem_target_val_spec_case     ? 
_refine.pdbx_R_Free_selection_details            RANDOM 
_refine.pdbx_overall_ESU_R                       ? 
_refine.pdbx_overall_ESU_R_Free                  ? 
_refine.overall_SU_ML                            ? 
_refine.overall_SU_B                             ? 
_refine.pdbx_refine_id                           'X-RAY DIFFRACTION' 
_refine.pdbx_diffrn_id                           1 
_refine.pdbx_TLS_residual_ADP_flag               ? 
_refine.correlation_coeff_Fo_to_Fc               ? 
_refine.correlation_coeff_Fo_to_Fc_free          ? 
_refine.pdbx_solvent_vdw_probe_radii             ? 
_refine.pdbx_solvent_ion_probe_radii             ? 
_refine.pdbx_solvent_shrinkage_radii             ? 
_refine.pdbx_overall_phase_error                 ? 
_refine.overall_SU_R_Cruickshank_DPI             ? 
_refine.pdbx_overall_SU_R_free_Cruickshank_DPI   ? 
_refine.pdbx_overall_SU_R_Blow_DPI               ? 
_refine.pdbx_overall_SU_R_free_Blow_DPI          ? 
# 
_refine_analyze.entry_id                        1AZ5 
_refine_analyze.Luzzati_coordinate_error_obs    0.25 
_refine_analyze.Luzzati_sigma_a_obs             0.20 
_refine_analyze.Luzzati_d_res_low_obs           5.0 
_refine_analyze.Luzzati_coordinate_error_free   0.31 
_refine_analyze.Luzzati_sigma_a_free            0.21 
_refine_analyze.Luzzati_d_res_low_free          ? 
_refine_analyze.number_disordered_residues      ? 
_refine_analyze.occupancy_sum_hydrogen          ? 
_refine_analyze.occupancy_sum_non_hydrogen      ? 
_refine_analyze.pdbx_refine_id                  'X-RAY DIFFRACTION' 
# 
_refine_hist.pdbx_refine_id                   'X-RAY DIFFRACTION' 
_refine_hist.cycle_id                         LAST 
_refine_hist.pdbx_number_atoms_protein        730 
_refine_hist.pdbx_number_atoms_nucleic_acid   0 
_refine_hist.pdbx_number_atoms_ligand         0 
_refine_hist.number_atoms_solvent             20 
_refine_hist.number_atoms_total               750 
_refine_hist.d_res_high                       2.0 
_refine_hist.d_res_low                        7.0 
# 
loop_
_refine_ls_restr.type 
_refine_ls_restr.dev_ideal 
_refine_ls_restr.dev_ideal_target 
_refine_ls_restr.weight 
_refine_ls_restr.number 
_refine_ls_restr.pdbx_refine_id 
_refine_ls_restr.pdbx_restraint_function 
x_bond_d                0.011 ?   ? ? 'X-RAY DIFFRACTION' ? 
x_bond_d_na             ?     ?   ? ? 'X-RAY DIFFRACTION' ? 
x_bond_d_prot           ?     ?   ? ? 'X-RAY DIFFRACTION' ? 
x_angle_d               ?     ?   ? ? 'X-RAY DIFFRACTION' ? 
x_angle_d_na            ?     ?   ? ? 'X-RAY DIFFRACTION' ? 
x_angle_d_prot          ?     ?   ? ? 'X-RAY DIFFRACTION' ? 
x_angle_deg             1.8   ?   ? ? 'X-RAY DIFFRACTION' ? 
x_angle_deg_na          ?     ?   ? ? 'X-RAY DIFFRACTION' ? 
x_angle_deg_prot        ?     ?   ? ? 'X-RAY DIFFRACTION' ? 
x_dihedral_angle_d      27.9  ?   ? ? 'X-RAY DIFFRACTION' ? 
x_dihedral_angle_d_na   ?     ?   ? ? 'X-RAY DIFFRACTION' ? 
x_dihedral_angle_d_prot ?     ?   ? ? 'X-RAY DIFFRACTION' ? 
x_improper_angle_d      1.4   ?   ? ? 'X-RAY DIFFRACTION' ? 
x_improper_angle_d_na   ?     ?   ? ? 'X-RAY DIFFRACTION' ? 
x_improper_angle_d_prot ?     ?   ? ? 'X-RAY DIFFRACTION' ? 
x_mcbond_it             ?     1.5 ? ? 'X-RAY DIFFRACTION' ? 
x_mcangle_it            ?     2.0 ? ? 'X-RAY DIFFRACTION' ? 
x_scbond_it             ?     1.5 ? ? 'X-RAY DIFFRACTION' ? 
x_scangle_it            ?     2.0 ? ? 'X-RAY DIFFRACTION' ? 
# 
_refine_ls_shell.pdbx_total_number_of_bins_used   20 
_refine_ls_shell.d_res_high                       2.00 
_refine_ls_shell.d_res_low                        2.03 
_refine_ls_shell.number_reflns_R_work             284 
_refine_ls_shell.R_factor_R_work                  0.2540000 
_refine_ls_shell.percent_reflns_obs               92.5 
_refine_ls_shell.R_factor_R_free                  0.2670000 
_refine_ls_shell.R_factor_R_free_error            0.04 
_refine_ls_shell.percent_reflns_R_free            11.4 
_refine_ls_shell.number_reflns_R_free             40 
_refine_ls_shell.pdbx_refine_id                   'X-RAY DIFFRACTION' 
_refine_ls_shell.number_reflns_all                ? 
_refine_ls_shell.R_factor_all                     ? 
# 
loop_
_pdbx_xplor_file.serial_no 
_pdbx_xplor_file.param_file 
_pdbx_xplor_file.topol_file 
_pdbx_xplor_file.pdbx_refine_id 
1 PARHCSDX.PRO TOPHCSDX.PRO 'X-RAY DIFFRACTION' 
2 PARAM11.WAT  TOPH11.WAT   'X-RAY DIFFRACTION' 
# 
_struct.entry_id                  1AZ5 
_struct.title                     
;UNLIGANDED SIV PROTEASE STRUCTURE IN AN "OPEN" CONFORMATION
;
_struct.pdbx_model_details        ? 
_struct.pdbx_CASP_flag            ? 
_struct.pdbx_model_type_details   ? 
# 
_struct_keywords.entry_id        1AZ5 
_struct_keywords.pdbx_keywords   'ASPARTYL PROTEASE' 
_struct_keywords.text            'HIV, AIDS, PROTEINASE, ASPARTYL PROTEASE, ENDONUCLEASE' 
# 
loop_
_struct_asym.id 
_struct_asym.pdbx_blank_PDB_chainid_flag 
_struct_asym.pdbx_modified 
_struct_asym.entity_id 
_struct_asym.details 
A N N 1 ? 
B N N 2 ? 
# 
_struct_ref.id                         1 
_struct_ref.db_name                    UNP 
_struct_ref.db_code                    POL_SIVM1 
_struct_ref.entity_id                  1 
_struct_ref.pdbx_db_accession          P05896 
_struct_ref.pdbx_align_begin           1 
_struct_ref.pdbx_seq_one_letter_code   
;VLELWEGRTLCKAMQSPKKTGMLEMWKNGPCYGQMPKQTGGFFRPWPLGKEAPQFPHGSSASGADANCSPRRTSCGSAKE
LHALGQAAERKQREALQGGDRGFAAPQFSLWRRPVVTAHIEGQPVEVLLDTGADDSIVTGIELGPHYTPKIVGGIGGFIN
TKEYKNVEIEVLGKRIKGTIMTGDTPINIFGRNLLTALGMSLNLPIAKVEPVKSPLKPGKDGPKLKQWPLSKEKIVALRE
ICEKMEKDGQLEEAPPTNPYNTPTFAIKKKDKNKWRMLIDFRELNRVTQDFTEVQLGIPHPAGLAKRKRITVLDIGDAYF
SIPLDEEFRQYTAFTLPSVNNAEPGKRYIYKVLPQGWKGSPAIFQYTMRHVLEPFRKANPDVTLVQYMDDILIASDRTDL
EHDRVVLQLKELLNSIGFSSPEEKFQKDPPFQWMGYELWPTKWKLQKIELPQRETWTVNDIQKLVGVLNWAAQIYPGIKT
KHLCRLIRGKMTLTEEVQWTEMAEAEYEENKIILSQEQEGCYYQESKPLEATVIKSQDNQWSYKIHQEDKILKVGKFAKI
KNTHTNGVRLLAHVIQKIGKEAIVIWGQVPKFHLPVEKDVWEQWWTDYWQVTWIPEWDFISTPPLVRLVFNLVKDPIEGE
ETYYVDGSCSKQSKEGKAGYITDRGKDKVKVLEQTTNQQAELEAFLMALTDSGPKANIIVDSQYVMGIITGCPTESESRL
VNQIIEEMIKKTEIYVAWVPAHKGIGGNQEIDHLVSQGIRQVLFLEKIEPAQEEHSKYHSNIKELVFKFGLPRLVAKQIV
DTCDKCHQKGEAIHGQVNSDLGTWQMDCTHLEGKIVIVAVHVASGFIEAEVIPQETGRQTALFLLKLASRWPITHLHTDN
GANFASQEVKMVAWWAGIEHTFGVPYNPQSQGVVEAMNHHLKNQIDRIREQANSVETIVLMAVHCMNFKRRGGIGDMTPA
ERLINMITTEQEIQFQQSKNSKFKNFRVYYREGRDQLWKGPGELLWKGEGAVILKVGTDIKVVPRRKAKIIKDYGGGKEM
DSSSHMEDTGEAREVA
;
_struct_ref.pdbx_db_isoform            ? 
# 
_struct_ref_seq.align_id                      1 
_struct_ref_seq.ref_id                        1 
_struct_ref_seq.pdbx_PDB_id_code              1AZ5 
_struct_ref_seq.pdbx_strand_id                A 
_struct_ref_seq.seq_align_beg                 1 
_struct_ref_seq.pdbx_seq_align_beg_ins_code   ? 
_struct_ref_seq.seq_align_end                 98 
_struct_ref_seq.pdbx_seq_align_end_ins_code   ? 
_struct_ref_seq.pdbx_db_accession             P05896 
_struct_ref_seq.db_align_beg                  106 
_struct_ref_seq.pdbx_db_align_beg_ins_code    ? 
_struct_ref_seq.db_align_end                  203 
_struct_ref_seq.pdbx_db_align_end_ins_code    ? 
_struct_ref_seq.pdbx_auth_seq_align_beg       1 
_struct_ref_seq.pdbx_auth_seq_align_end       98 
# 
loop_
_struct_ref_seq_dif.align_id 
_struct_ref_seq_dif.pdbx_pdb_id_code 
_struct_ref_seq_dif.mon_id 
_struct_ref_seq_dif.pdbx_pdb_strand_id 
_struct_ref_seq_dif.seq_num 
_struct_ref_seq_dif.pdbx_pdb_ins_code 
_struct_ref_seq_dif.pdbx_seq_db_name 
_struct_ref_seq_dif.pdbx_seq_db_accession_code 
_struct_ref_seq_dif.db_mon_id 
_struct_ref_seq_dif.pdbx_seq_db_seq_num 
_struct_ref_seq_dif.details 
_struct_ref_seq_dif.pdbx_auth_seq_num 
_struct_ref_seq_dif.pdbx_ordinal 
1 1AZ5 HIS A 4  ? UNP P05896 SER 109 'engineered mutation' 4  1 
1 1AZ5 LYS A 7  ? UNP P05896 ARG 112 conflict              7  2 
1 1AZ5 VAL A 64 ? UNP P05896 ILE 169 conflict              64 3 
# 
_pdbx_struct_assembly.id                   1 
_pdbx_struct_assembly.details              author_defined_assembly 
_pdbx_struct_assembly.method_details       ? 
_pdbx_struct_assembly.oligomeric_details   dimeric 
_pdbx_struct_assembly.oligomeric_count     2 
# 
_pdbx_struct_assembly_gen.assembly_id       1 
_pdbx_struct_assembly_gen.oper_expression   1,2 
_pdbx_struct_assembly_gen.asym_id_list      A,B 
# 
loop_
_pdbx_struct_oper_list.id 
_pdbx_struct_oper_list.type 
_pdbx_struct_oper_list.name 
_pdbx_struct_oper_list.symmetry_operation 
_pdbx_struct_oper_list.matrix[1][1] 
_pdbx_struct_oper_list.matrix[1][2] 
_pdbx_struct_oper_list.matrix[1][3] 
_pdbx_struct_oper_list.vector[1] 
_pdbx_struct_oper_list.matrix[2][1] 
_pdbx_struct_oper_list.matrix[2][2] 
_pdbx_struct_oper_list.matrix[2][3] 
_pdbx_struct_oper_list.vector[2] 
_pdbx_struct_oper_list.matrix[3][1] 
_pdbx_struct_oper_list.matrix[3][2] 
_pdbx_struct_oper_list.matrix[3][3] 
_pdbx_struct_oper_list.vector[3] 
1 'identity operation'         1_555 x,y,z         1.0000000000 0.0000000000  0.0000000000  0.0000000000 0.0000000000  1.0000000000  0.0000000000 0.0000000000   0.0000000000  0.0000000000 1.0000000000  0.0000000000  
2 'crystal symmetry operation' 5_555 x-y,-y,-z+1/3 0.8268533719 -0.0732763959 -0.5576235927 3.5874587582 -0.0732763959 -0.9970608313 0.0223666813 -19.8017570393 -0.5576235927 0.0223666813 -0.8297925406 14.3551360151 
# 
_struct_biol.id   1 
# 
_struct_conf.conf_type_id            HELX_P 
_struct_conf.id                      HELX_P1 
_struct_conf.pdbx_PDB_helix_id       1 
_struct_conf.beg_label_comp_id       ARG 
_struct_conf.beg_label_asym_id       A 
_struct_conf.beg_label_seq_id        87 
_struct_conf.pdbx_beg_PDB_ins_code   ? 
_struct_conf.end_label_comp_id       ALA 
_struct_conf.end_label_asym_id       A 
_struct_conf.end_label_seq_id        92 
_struct_conf.pdbx_end_PDB_ins_code   ? 
_struct_conf.beg_auth_comp_id        ARG 
_struct_conf.beg_auth_asym_id        A 
_struct_conf.beg_auth_seq_id         87 
_struct_conf.end_auth_comp_id        ALA 
_struct_conf.end_auth_asym_id        A 
_struct_conf.end_auth_seq_id         92 
_struct_conf.pdbx_PDB_helix_class    1 
_struct_conf.details                 ? 
_struct_conf.pdbx_PDB_helix_length   6 
# 
_struct_conf_type.id          HELX_P 
_struct_conf_type.criteria    ? 
_struct_conf_type.reference   ? 
# 
loop_
_struct_sheet.id 
_struct_sheet.type 
_struct_sheet.number_strands 
_struct_sheet.details 
A ? 2 ? 
B ? 3 ? 
C ? 2 ? 
# 
loop_
_struct_sheet_order.sheet_id 
_struct_sheet_order.range_id_1 
_struct_sheet_order.range_id_2 
_struct_sheet_order.offset 
_struct_sheet_order.sense 
A 1 2 ? anti-parallel 
B 1 2 ? anti-parallel 
B 2 3 ? anti-parallel 
C 1 2 ? anti-parallel 
# 
loop_
_struct_sheet_range.sheet_id 
_struct_sheet_range.id 
_struct_sheet_range.beg_label_comp_id 
_struct_sheet_range.beg_label_asym_id 
_struct_sheet_range.beg_label_seq_id 
_struct_sheet_range.pdbx_beg_PDB_ins_code 
_struct_sheet_range.end_label_comp_id 
_struct_sheet_range.end_label_asym_id 
_struct_sheet_range.end_label_seq_id 
_struct_sheet_range.pdbx_end_PDB_ins_code 
_struct_sheet_range.beg_auth_comp_id 
_struct_sheet_range.beg_auth_asym_id 
_struct_sheet_range.beg_auth_seq_id 
_struct_sheet_range.end_auth_comp_id 
_struct_sheet_range.end_auth_asym_id 
_struct_sheet_range.end_auth_seq_id 
A 1 VAL A 10 ? ILE A 15 ? VAL A 10 ILE A 15 
A 2 GLN A 18 ? LEU A 23 ? GLN A 18 LEU A 23 
B 1 THR A 43 ? VAL A 47 ? THR A 43 VAL A 47 
B 2 ILE A 54 ? TYR A 59 ? ILE A 54 TYR A 59 
B 3 ILE A 75 ? THR A 77 ? ILE A 75 THR A 77 
C 1 VAL A 62 ? VAL A 66 ? VAL A 62 VAL A 66 
C 2 LYS A 69 ? GLY A 73 ? LYS A 69 GLY A 73 
# 
loop_
_pdbx_struct_sheet_hbond.sheet_id 
_pdbx_struct_sheet_hbond.range_id_1 
_pdbx_struct_sheet_hbond.range_id_2 
_pdbx_struct_sheet_hbond.range_1_label_atom_id 
_pdbx_struct_sheet_hbond.range_1_label_comp_id 
_pdbx_struct_sheet_hbond.range_1_label_asym_id 
_pdbx_struct_sheet_hbond.range_1_label_seq_id 
_pdbx_struct_sheet_hbond.range_1_PDB_ins_code 
_pdbx_struct_sheet_hbond.range_1_auth_atom_id 
_pdbx_struct_sheet_hbond.range_1_auth_comp_id 
_pdbx_struct_sheet_hbond.range_1_auth_asym_id 
_pdbx_struct_sheet_hbond.range_1_auth_seq_id 
_pdbx_struct_sheet_hbond.range_2_label_atom_id 
_pdbx_struct_sheet_hbond.range_2_label_comp_id 
_pdbx_struct_sheet_hbond.range_2_label_asym_id 
_pdbx_struct_sheet_hbond.range_2_label_seq_id 
_pdbx_struct_sheet_hbond.range_2_PDB_ins_code 
_pdbx_struct_sheet_hbond.range_2_auth_atom_id 
_pdbx_struct_sheet_hbond.range_2_auth_comp_id 
_pdbx_struct_sheet_hbond.range_2_auth_asym_id 
_pdbx_struct_sheet_hbond.range_2_auth_seq_id 
A 1 2 O VAL A 11 ? O VAL A 11 N VAL A 22 ? N VAL A 22 
B 1 2 O THR A 43 ? O THR A 43 N GLU A 58 ? N GLU A 58 
B 2 3 O LYS A 57 ? O LYS A 57 N THR A 77 ? N THR A 77 
C 1 2 O VAL A 62 ? O VAL A 62 N GLY A 73 ? N GLY A 73 
# 
_struct_site.id                   NUL 
_struct_site.pdbx_evidence_code   Unknown 
_struct_site.pdbx_auth_asym_id    ? 
_struct_site.pdbx_auth_comp_id    ? 
_struct_site.pdbx_auth_seq_id     ? 
_struct_site.pdbx_auth_ins_code   ? 
_struct_site.pdbx_num_residues    1 
_struct_site.details              'CATALYTIC ASPARTIC ACID.' 
# 
_struct_site_gen.id                   1 
_struct_site_gen.site_id              NUL 
_struct_site_gen.pdbx_num_res         1 
_struct_site_gen.label_comp_id        ASP 
_struct_site_gen.label_asym_id        A 
_struct_site_gen.label_seq_id         25 
_struct_site_gen.pdbx_auth_ins_code   ? 
_struct_site_gen.auth_comp_id         ASP 
_struct_site_gen.auth_asym_id         A 
_struct_site_gen.auth_seq_id          25 
_struct_site_gen.label_atom_id        . 
_struct_site_gen.label_alt_id         ? 
_struct_site_gen.symmetry             1_555 
_struct_site_gen.details              ? 
# 
_pdbx_validate_close_contact.id               1 
_pdbx_validate_close_contact.PDB_model_num    1 
_pdbx_validate_close_contact.auth_atom_id_1   O 
_pdbx_validate_close_contact.auth_asym_id_1   A 
_pdbx_validate_close_contact.auth_comp_id_1   GLY 
_pdbx_validate_close_contact.auth_seq_id_1    39 
_pdbx_validate_close_contact.PDB_ins_code_1   ? 
_pdbx_validate_close_contact.label_alt_id_1   ? 
_pdbx_validate_close_contact.auth_atom_id_2   H2 
_pdbx_validate_close_contact.auth_asym_id_2   A 
_pdbx_validate_close_contact.auth_comp_id_2   HOH 
_pdbx_validate_close_contact.auth_seq_id_2    417 
_pdbx_validate_close_contact.PDB_ins_code_2   ? 
_pdbx_validate_close_contact.label_alt_id_2   ? 
_pdbx_validate_close_contact.dist             1.56 
# 
loop_
_pdbx_struct_special_symmetry.id 
_pdbx_struct_special_symmetry.PDB_model_num 
_pdbx_struct_special_symmetry.auth_asym_id 
_pdbx_struct_special_symmetry.auth_comp_id 
_pdbx_struct_special_symmetry.auth_seq_id 
_pdbx_struct_special_symmetry.PDB_ins_code 
_pdbx_struct_special_symmetry.label_asym_id 
_pdbx_struct_special_symmetry.label_comp_id 
_pdbx_struct_special_symmetry.label_seq_id 
1 1 A HOH 413 ? B HOH . 
2 1 A HOH 413 ? B HOH . 
# 
loop_
_pdbx_unobs_or_zero_occ_residues.id 
_pdbx_unobs_or_zero_occ_residues.PDB_model_num 
_pdbx_unobs_or_zero_occ_residues.polymer_flag 
_pdbx_unobs_or_zero_occ_residues.occupancy_flag 
_pdbx_unobs_or_zero_occ_residues.auth_asym_id 
_pdbx_unobs_or_zero_occ_residues.auth_comp_id 
_pdbx_unobs_or_zero_occ_residues.auth_seq_id 
_pdbx_unobs_or_zero_occ_residues.PDB_ins_code 
_pdbx_unobs_or_zero_occ_residues.label_asym_id 
_pdbx_unobs_or_zero_occ_residues.label_comp_id 
_pdbx_unobs_or_zero_occ_residues.label_seq_id 
1 1 Y 1 A GLY 48 ? A GLY 48 
2 1 Y 1 A GLY 49 ? A GLY 49 
3 1 Y 1 A ILE 50 ? A ILE 50 
4 1 Y 1 A GLY 51 ? A GLY 51 
# 
loop_
_chem_comp_atom.comp_id 
_chem_comp_atom.atom_id 
_chem_comp_atom.type_symbol 
_chem_comp_atom.pdbx_aromatic_flag 
_chem_comp_atom.pdbx_stereo_config 
_chem_comp_atom.pdbx_ordinal 
ALA N    N N N 1   
ALA CA   C N S 2   
ALA C    C N N 3   
ALA O    O N N 4   
ALA CB   C N N 5   
ALA OXT  O N N 6   
ALA H    H N N 7   
ALA H2   H N N 8   
ALA HA   H N N 9   
ALA HB1  H N N 10  
ALA HB2  H N N 11  
ALA HB3  H N N 12  
ALA HXT  H N N 13  
ARG N    N N N 14  
ARG CA   C N S 15  
ARG C    C N N 16  
ARG O    O N N 17  
ARG CB   C N N 18  
ARG CG   C N N 19  
ARG CD   C N N 20  
ARG NE   N N N 21  
ARG CZ   C N N 22  
ARG NH1  N N N 23  
ARG NH2  N N N 24  
ARG OXT  O N N 25  
ARG H    H N N 26  
ARG H2   H N N 27  
ARG HA   H N N 28  
ARG HB2  H N N 29  
ARG HB3  H N N 30  
ARG HG2  H N N 31  
ARG HG3  H N N 32  
ARG HD2  H N N 33  
ARG HD3  H N N 34  
ARG HE   H N N 35  
ARG HH11 H N N 36  
ARG HH12 H N N 37  
ARG HH21 H N N 38  
ARG HH22 H N N 39  
ARG HXT  H N N 40  
ASN N    N N N 41  
ASN CA   C N S 42  
ASN C    C N N 43  
ASN O    O N N 44  
ASN CB   C N N 45  
ASN CG   C N N 46  
ASN OD1  O N N 47  
ASN ND2  N N N 48  
ASN OXT  O N N 49  
ASN H    H N N 50  
ASN H2   H N N 51  
ASN HA   H N N 52  
ASN HB2  H N N 53  
ASN HB3  H N N 54  
ASN HD21 H N N 55  
ASN HD22 H N N 56  
ASN HXT  H N N 57  
ASP N    N N N 58  
ASP CA   C N S 59  
ASP C    C N N 60  
ASP O    O N N 61  
ASP CB   C N N 62  
ASP CG   C N N 63  
ASP OD1  O N N 64  
ASP OD2  O N N 65  
ASP OXT  O N N 66  
ASP H    H N N 67  
ASP H2   H N N 68  
ASP HA   H N N 69  
ASP HB2  H N N 70  
ASP HB3  H N N 71  
ASP HD2  H N N 72  
ASP HXT  H N N 73  
GLN N    N N N 74  
GLN CA   C N S 75  
GLN C    C N N 76  
GLN O    O N N 77  
GLN CB   C N N 78  
GLN CG   C N N 79  
GLN CD   C N N 80  
GLN OE1  O N N 81  
GLN NE2  N N N 82  
GLN OXT  O N N 83  
GLN H    H N N 84  
GLN H2   H N N 85  
GLN HA   H N N 86  
GLN HB2  H N N 87  
GLN HB3  H N N 88  
GLN HG2  H N N 89  
GLN HG3  H N N 90  
GLN HE21 H N N 91  
GLN HE22 H N N 92  
GLN HXT  H N N 93  
GLU N    N N N 94  
GLU CA   C N S 95  
GLU C    C N N 96  
GLU O    O N N 97  
GLU CB   C N N 98  
GLU CG   C N N 99  
GLU CD   C N N 100 
GLU OE1  O N N 101 
GLU OE2  O N N 102 
GLU OXT  O N N 103 
GLU H    H N N 104 
GLU H2   H N N 105 
GLU HA   H N N 106 
GLU HB2  H N N 107 
GLU HB3  H N N 108 
GLU HG2  H N N 109 
GLU HG3  H N N 110 
GLU HE2  H N N 111 
GLU HXT  H N N 112 
GLY N    N N N 113 
GLY CA   C N N 114 
GLY C    C N N 115 
GLY O    O N N 116 
GLY OXT  O N N 117 
GLY H    H N N 118 
GLY H2   H N N 119 
GLY HA2  H N N 120 
GLY HA3  H N N 121 
GLY HXT  H N N 122 
HIS N    N N N 123 
HIS CA   C N S 124 
HIS C    C N N 125 
HIS O    O N N 126 
HIS CB   C N N 127 
HIS CG   C Y N 128 
HIS ND1  N Y N 129 
HIS CD2  C Y N 130 
HIS CE1  C Y N 131 
HIS NE2  N Y N 132 
HIS OXT  O N N 133 
HIS H    H N N 134 
HIS H2   H N N 135 
HIS HA   H N N 136 
HIS HB2  H N N 137 
HIS HB3  H N N 138 
HIS HD1  H N N 139 
HIS HD2  H N N 140 
HIS HE1  H N N 141 
HIS HE2  H N N 142 
HIS HXT  H N N 143 
HOH O    O N N 144 
HOH H1   H N N 145 
HOH H2   H N N 146 
ILE N    N N N 147 
ILE CA   C N S 148 
ILE C    C N N 149 
ILE O    O N N 150 
ILE CB   C N S 151 
ILE CG1  C N N 152 
ILE CG2  C N N 153 
ILE CD1  C N N 154 
ILE OXT  O N N 155 
ILE H    H N N 156 
ILE H2   H N N 157 
ILE HA   H N N 158 
ILE HB   H N N 159 
ILE HG12 H N N 160 
ILE HG13 H N N 161 
ILE HG21 H N N 162 
ILE HG22 H N N 163 
ILE HG23 H N N 164 
ILE HD11 H N N 165 
ILE HD12 H N N 166 
ILE HD13 H N N 167 
ILE HXT  H N N 168 
LEU N    N N N 169 
LEU CA   C N S 170 
LEU C    C N N 171 
LEU O    O N N 172 
LEU CB   C N N 173 
LEU CG   C N N 174 
LEU CD1  C N N 175 
LEU CD2  C N N 176 
LEU OXT  O N N 177 
LEU H    H N N 178 
LEU H2   H N N 179 
LEU HA   H N N 180 
LEU HB2  H N N 181 
LEU HB3  H N N 182 
LEU HG   H N N 183 
LEU HD11 H N N 184 
LEU HD12 H N N 185 
LEU HD13 H N N 186 
LEU HD21 H N N 187 
LEU HD22 H N N 188 
LEU HD23 H N N 189 
LEU HXT  H N N 190 
LYS N    N N N 191 
LYS CA   C N S 192 
LYS C    C N N 193 
LYS O    O N N 194 
LYS CB   C N N 195 
LYS CG   C N N 196 
LYS CD   C N N 197 
LYS CE   C N N 198 
LYS NZ   N N N 199 
LYS OXT  O N N 200 
LYS H    H N N 201 
LYS H2   H N N 202 
LYS HA   H N N 203 
LYS HB2  H N N 204 
LYS HB3  H N N 205 
LYS HG2  H N N 206 
LYS HG3  H N N 207 
LYS HD2  H N N 208 
LYS HD3  H N N 209 
LYS HE2  H N N 210 
LYS HE3  H N N 211 
LYS HZ1  H N N 212 
LYS HZ2  H N N 213 
LYS HZ3  H N N 214 
LYS HXT  H N N 215 
MET N    N N N 216 
MET CA   C N S 217 
MET C    C N N 218 
MET O    O N N 219 
MET CB   C N N 220 
MET CG   C N N 221 
MET SD   S N N 222 
MET CE   C N N 223 
MET OXT  O N N 224 
MET H    H N N 225 
MET H2   H N N 226 
MET HA   H N N 227 
MET HB2  H N N 228 
MET HB3  H N N 229 
MET HG2  H N N 230 
MET HG3  H N N 231 
MET HE1  H N N 232 
MET HE2  H N N 233 
MET HE3  H N N 234 
MET HXT  H N N 235 
PHE N    N N N 236 
PHE CA   C N S 237 
PHE C    C N N 238 
PHE O    O N N 239 
PHE CB   C N N 240 
PHE CG   C Y N 241 
PHE CD1  C Y N 242 
PHE CD2  C Y N 243 
PHE CE1  C Y N 244 
PHE CE2  C Y N 245 
PHE CZ   C Y N 246 
PHE OXT  O N N 247 
PHE H    H N N 248 
PHE H2   H N N 249 
PHE HA   H N N 250 
PHE HB2  H N N 251 
PHE HB3  H N N 252 
PHE HD1  H N N 253 
PHE HD2  H N N 254 
PHE HE1  H N N 255 
PHE HE2  H N N 256 
PHE HZ   H N N 257 
PHE HXT  H N N 258 
PRO N    N N N 259 
PRO CA   C N S 260 
PRO C    C N N 261 
PRO O    O N N 262 
PRO CB   C N N 263 
PRO CG   C N N 264 
PRO CD   C N N 265 
PRO OXT  O N N 266 
PRO H    H N N 267 
PRO HA   H N N 268 
PRO HB2  H N N 269 
PRO HB3  H N N 270 
PRO HG2  H N N 271 
PRO HG3  H N N 272 
PRO HD2  H N N 273 
PRO HD3  H N N 274 
PRO HXT  H N N 275 
SER N    N N N 276 
SER CA   C N S 277 
SER C    C N N 278 
SER O    O N N 279 
SER CB   C N N 280 
SER OG   O N N 281 
SER OXT  O N N 282 
SER H    H N N 283 
SER H2   H N N 284 
SER HA   H N N 285 
SER HB2  H N N 286 
SER HB3  H N N 287 
SER HG   H N N 288 
SER HXT  H N N 289 
THR N    N N N 290 
THR CA   C N S 291 
THR C    C N N 292 
THR O    O N N 293 
THR CB   C N R 294 
THR OG1  O N N 295 
THR CG2  C N N 296 
THR OXT  O N N 297 
THR H    H N N 298 
THR H2   H N N 299 
THR HA   H N N 300 
THR HB   H N N 301 
THR HG1  H N N 302 
THR HG21 H N N 303 
THR HG22 H N N 304 
THR HG23 H N N 305 
THR HXT  H N N 306 
TRP N    N N N 307 
TRP CA   C N S 308 
TRP C    C N N 309 
TRP O    O N N 310 
TRP CB   C N N 311 
TRP CG   C Y N 312 
TRP CD1  C Y N 313 
TRP CD2  C Y N 314 
TRP NE1  N Y N 315 
TRP CE2  C Y N 316 
TRP CE3  C Y N 317 
TRP CZ2  C Y N 318 
TRP CZ3  C Y N 319 
TRP CH2  C Y N 320 
TRP OXT  O N N 321 
TRP H    H N N 322 
TRP H2   H N N 323 
TRP HA   H N N 324 
TRP HB2  H N N 325 
TRP HB3  H N N 326 
TRP HD1  H N N 327 
TRP HE1  H N N 328 
TRP HE3  H N N 329 
TRP HZ2  H N N 330 
TRP HZ3  H N N 331 
TRP HH2  H N N 332 
TRP HXT  H N N 333 
TYR N    N N N 334 
TYR CA   C N S 335 
TYR C    C N N 336 
TYR O    O N N 337 
TYR CB   C N N 338 
TYR CG   C Y N 339 
TYR CD1  C Y N 340 
TYR CD2  C Y N 341 
TYR CE1  C Y N 342 
TYR CE2  C Y N 343 
TYR CZ   C Y N 344 
TYR OH   O N N 345 
TYR OXT  O N N 346 
TYR H    H N N 347 
TYR H2   H N N 348 
TYR HA   H N N 349 
TYR HB2  H N N 350 
TYR HB3  H N N 351 
TYR HD1  H N N 352 
TYR HD2  H N N 353 
TYR HE1  H N N 354 
TYR HE2  H N N 355 
TYR HH   H N N 356 
TYR HXT  H N N 357 
VAL N    N N N 358 
VAL CA   C N S 359 
VAL C    C N N 360 
VAL O    O N N 361 
VAL CB   C N N 362 
VAL CG1  C N N 363 
VAL CG2  C N N 364 
VAL OXT  O N N 365 
VAL H    H N N 366 
VAL H2   H N N 367 
VAL HA   H N N 368 
VAL HB   H N N 369 
VAL HG11 H N N 370 
VAL HG12 H N N 371 
VAL HG13 H N N 372 
VAL HG21 H N N 373 
VAL HG22 H N N 374 
VAL HG23 H N N 375 
VAL HXT  H N N 376 
# 
loop_
_chem_comp_bond.comp_id 
_chem_comp_bond.atom_id_1 
_chem_comp_bond.atom_id_2 
_chem_comp_bond.value_order 
_chem_comp_bond.pdbx_aromatic_flag 
_chem_comp_bond.pdbx_stereo_config 
_chem_comp_bond.pdbx_ordinal 
ALA N   CA   sing N N 1   
ALA N   H    sing N N 2   
ALA N   H2   sing N N 3   
ALA CA  C    sing N N 4   
ALA CA  CB   sing N N 5   
ALA CA  HA   sing N N 6   
ALA C   O    doub N N 7   
ALA C   OXT  sing N N 8   
ALA CB  HB1  sing N N 9   
ALA CB  HB2  sing N N 10  
ALA CB  HB3  sing N N 11  
ALA OXT HXT  sing N N 12  
ARG N   CA   sing N N 13  
ARG N   H    sing N N 14  
ARG N   H2   sing N N 15  
ARG CA  C    sing N N 16  
ARG CA  CB   sing N N 17  
ARG CA  HA   sing N N 18  
ARG C   O    doub N N 19  
ARG C   OXT  sing N N 20  
ARG CB  CG   sing N N 21  
ARG CB  HB2  sing N N 22  
ARG CB  HB3  sing N N 23  
ARG CG  CD   sing N N 24  
ARG CG  HG2  sing N N 25  
ARG CG  HG3  sing N N 26  
ARG CD  NE   sing N N 27  
ARG CD  HD2  sing N N 28  
ARG CD  HD3  sing N N 29  
ARG NE  CZ   sing N N 30  
ARG NE  HE   sing N N 31  
ARG CZ  NH1  sing N N 32  
ARG CZ  NH2  doub N N 33  
ARG NH1 HH11 sing N N 34  
ARG NH1 HH12 sing N N 35  
ARG NH2 HH21 sing N N 36  
ARG NH2 HH22 sing N N 37  
ARG OXT HXT  sing N N 38  
ASN N   CA   sing N N 39  
ASN N   H    sing N N 40  
ASN N   H2   sing N N 41  
ASN CA  C    sing N N 42  
ASN CA  CB   sing N N 43  
ASN CA  HA   sing N N 44  
ASN C   O    doub N N 45  
ASN C   OXT  sing N N 46  
ASN CB  CG   sing N N 47  
ASN CB  HB2  sing N N 48  
ASN CB  HB3  sing N N 49  
ASN CG  OD1  doub N N 50  
ASN CG  ND2  sing N N 51  
ASN ND2 HD21 sing N N 52  
ASN ND2 HD22 sing N N 53  
ASN OXT HXT  sing N N 54  
ASP N   CA   sing N N 55  
ASP N   H    sing N N 56  
ASP N   H2   sing N N 57  
ASP CA  C    sing N N 58  
ASP CA  CB   sing N N 59  
ASP CA  HA   sing N N 60  
ASP C   O    doub N N 61  
ASP C   OXT  sing N N 62  
ASP CB  CG   sing N N 63  
ASP CB  HB2  sing N N 64  
ASP CB  HB3  sing N N 65  
ASP CG  OD1  doub N N 66  
ASP CG  OD2  sing N N 67  
ASP OD2 HD2  sing N N 68  
ASP OXT HXT  sing N N 69  
GLN N   CA   sing N N 70  
GLN N   H    sing N N 71  
GLN N   H2   sing N N 72  
GLN CA  C    sing N N 73  
GLN CA  CB   sing N N 74  
GLN CA  HA   sing N N 75  
GLN C   O    doub N N 76  
GLN C   OXT  sing N N 77  
GLN CB  CG   sing N N 78  
GLN CB  HB2  sing N N 79  
GLN CB  HB3  sing N N 80  
GLN CG  CD   sing N N 81  
GLN CG  HG2  sing N N 82  
GLN CG  HG3  sing N N 83  
GLN CD  OE1  doub N N 84  
GLN CD  NE2  sing N N 85  
GLN NE2 HE21 sing N N 86  
GLN NE2 HE22 sing N N 87  
GLN OXT HXT  sing N N 88  
GLU N   CA   sing N N 89  
GLU N   H    sing N N 90  
GLU N   H2   sing N N 91  
GLU CA  C    sing N N 92  
GLU CA  CB   sing N N 93  
GLU CA  HA   sing N N 94  
GLU C   O    doub N N 95  
GLU C   OXT  sing N N 96  
GLU CB  CG   sing N N 97  
GLU CB  HB2  sing N N 98  
GLU CB  HB3  sing N N 99  
GLU CG  CD   sing N N 100 
GLU CG  HG2  sing N N 101 
GLU CG  HG3  sing N N 102 
GLU CD  OE1  doub N N 103 
GLU CD  OE2  sing N N 104 
GLU OE2 HE2  sing N N 105 
GLU OXT HXT  sing N N 106 
GLY N   CA   sing N N 107 
GLY N   H    sing N N 108 
GLY N   H2   sing N N 109 
GLY CA  C    sing N N 110 
GLY CA  HA2  sing N N 111 
GLY CA  HA3  sing N N 112 
GLY C   O    doub N N 113 
GLY C   OXT  sing N N 114 
GLY OXT HXT  sing N N 115 
HIS N   CA   sing N N 116 
HIS N   H    sing N N 117 
HIS N   H2   sing N N 118 
HIS CA  C    sing N N 119 
HIS CA  CB   sing N N 120 
HIS CA  HA   sing N N 121 
HIS C   O    doub N N 122 
HIS C   OXT  sing N N 123 
HIS CB  CG   sing N N 124 
HIS CB  HB2  sing N N 125 
HIS CB  HB3  sing N N 126 
HIS CG  ND1  sing Y N 127 
HIS CG  CD2  doub Y N 128 
HIS ND1 CE1  doub Y N 129 
HIS ND1 HD1  sing N N 130 
HIS CD2 NE2  sing Y N 131 
HIS CD2 HD2  sing N N 132 
HIS CE1 NE2  sing Y N 133 
HIS CE1 HE1  sing N N 134 
HIS NE2 HE2  sing N N 135 
HIS OXT HXT  sing N N 136 
HOH O   H1   sing N N 137 
HOH O   H2   sing N N 138 
ILE N   CA   sing N N 139 
ILE N   H    sing N N 140 
ILE N   H2   sing N N 141 
ILE CA  C    sing N N 142 
ILE CA  CB   sing N N 143 
ILE CA  HA   sing N N 144 
ILE C   O    doub N N 145 
ILE C   OXT  sing N N 146 
ILE CB  CG1  sing N N 147 
ILE CB  CG2  sing N N 148 
ILE CB  HB   sing N N 149 
ILE CG1 CD1  sing N N 150 
ILE CG1 HG12 sing N N 151 
ILE CG1 HG13 sing N N 152 
ILE CG2 HG21 sing N N 153 
ILE CG2 HG22 sing N N 154 
ILE CG2 HG23 sing N N 155 
ILE CD1 HD11 sing N N 156 
ILE CD1 HD12 sing N N 157 
ILE CD1 HD13 sing N N 158 
ILE OXT HXT  sing N N 159 
LEU N   CA   sing N N 160 
LEU N   H    sing N N 161 
LEU N   H2   sing N N 162 
LEU CA  C    sing N N 163 
LEU CA  CB   sing N N 164 
LEU CA  HA   sing N N 165 
LEU C   O    doub N N 166 
LEU C   OXT  sing N N 167 
LEU CB  CG   sing N N 168 
LEU CB  HB2  sing N N 169 
LEU CB  HB3  sing N N 170 
LEU CG  CD1  sing N N 171 
LEU CG  CD2  sing N N 172 
LEU CG  HG   sing N N 173 
LEU CD1 HD11 sing N N 174 
LEU CD1 HD12 sing N N 175 
LEU CD1 HD13 sing N N 176 
LEU CD2 HD21 sing N N 177 
LEU CD2 HD22 sing N N 178 
LEU CD2 HD23 sing N N 179 
LEU OXT HXT  sing N N 180 
LYS N   CA   sing N N 181 
LYS N   H    sing N N 182 
LYS N   H2   sing N N 183 
LYS CA  C    sing N N 184 
LYS CA  CB   sing N N 185 
LYS CA  HA   sing N N 186 
LYS C   O    doub N N 187 
LYS C   OXT  sing N N 188 
LYS CB  CG   sing N N 189 
LYS CB  HB2  sing N N 190 
LYS CB  HB3  sing N N 191 
LYS CG  CD   sing N N 192 
LYS CG  HG2  sing N N 193 
LYS CG  HG3  sing N N 194 
LYS CD  CE   sing N N 195 
LYS CD  HD2  sing N N 196 
LYS CD  HD3  sing N N 197 
LYS CE  NZ   sing N N 198 
LYS CE  HE2  sing N N 199 
LYS CE  HE3  sing N N 200 
LYS NZ  HZ1  sing N N 201 
LYS NZ  HZ2  sing N N 202 
LYS NZ  HZ3  sing N N 203 
LYS OXT HXT  sing N N 204 
MET N   CA   sing N N 205 
MET N   H    sing N N 206 
MET N   H2   sing N N 207 
MET CA  C    sing N N 208 
MET CA  CB   sing N N 209 
MET CA  HA   sing N N 210 
MET C   O    doub N N 211 
MET C   OXT  sing N N 212 
MET CB  CG   sing N N 213 
MET CB  HB2  sing N N 214 
MET CB  HB3  sing N N 215 
MET CG  SD   sing N N 216 
MET CG  HG2  sing N N 217 
MET CG  HG3  sing N N 218 
MET SD  CE   sing N N 219 
MET CE  HE1  sing N N 220 
MET CE  HE2  sing N N 221 
MET CE  HE3  sing N N 222 
MET OXT HXT  sing N N 223 
PHE N   CA   sing N N 224 
PHE N   H    sing N N 225 
PHE N   H2   sing N N 226 
PHE CA  C    sing N N 227 
PHE CA  CB   sing N N 228 
PHE CA  HA   sing N N 229 
PHE C   O    doub N N 230 
PHE C   OXT  sing N N 231 
PHE CB  CG   sing N N 232 
PHE CB  HB2  sing N N 233 
PHE CB  HB3  sing N N 234 
PHE CG  CD1  doub Y N 235 
PHE CG  CD2  sing Y N 236 
PHE CD1 CE1  sing Y N 237 
PHE CD1 HD1  sing N N 238 
PHE CD2 CE2  doub Y N 239 
PHE CD2 HD2  sing N N 240 
PHE CE1 CZ   doub Y N 241 
PHE CE1 HE1  sing N N 242 
PHE CE2 CZ   sing Y N 243 
PHE CE2 HE2  sing N N 244 
PHE CZ  HZ   sing N N 245 
PHE OXT HXT  sing N N 246 
PRO N   CA   sing N N 247 
PRO N   CD   sing N N 248 
PRO N   H    sing N N 249 
PRO CA  C    sing N N 250 
PRO CA  CB   sing N N 251 
PRO CA  HA   sing N N 252 
PRO C   O    doub N N 253 
PRO C   OXT  sing N N 254 
PRO CB  CG   sing N N 255 
PRO CB  HB2  sing N N 256 
PRO CB  HB3  sing N N 257 
PRO CG  CD   sing N N 258 
PRO CG  HG2  sing N N 259 
PRO CG  HG3  sing N N 260 
PRO CD  HD2  sing N N 261 
PRO CD  HD3  sing N N 262 
PRO OXT HXT  sing N N 263 
SER N   CA   sing N N 264 
SER N   H    sing N N 265 
SER N   H2   sing N N 266 
SER CA  C    sing N N 267 
SER CA  CB   sing N N 268 
SER CA  HA   sing N N 269 
SER C   O    doub N N 270 
SER C   OXT  sing N N 271 
SER CB  OG   sing N N 272 
SER CB  HB2  sing N N 273 
SER CB  HB3  sing N N 274 
SER OG  HG   sing N N 275 
SER OXT HXT  sing N N 276 
THR N   CA   sing N N 277 
THR N   H    sing N N 278 
THR N   H2   sing N N 279 
THR CA  C    sing N N 280 
THR CA  CB   sing N N 281 
THR CA  HA   sing N N 282 
THR C   O    doub N N 283 
THR C   OXT  sing N N 284 
THR CB  OG1  sing N N 285 
THR CB  CG2  sing N N 286 
THR CB  HB   sing N N 287 
THR OG1 HG1  sing N N 288 
THR CG2 HG21 sing N N 289 
THR CG2 HG22 sing N N 290 
THR CG2 HG23 sing N N 291 
THR OXT HXT  sing N N 292 
TRP N   CA   sing N N 293 
TRP N   H    sing N N 294 
TRP N   H2   sing N N 295 
TRP CA  C    sing N N 296 
TRP CA  CB   sing N N 297 
TRP CA  HA   sing N N 298 
TRP C   O    doub N N 299 
TRP C   OXT  sing N N 300 
TRP CB  CG   sing N N 301 
TRP CB  HB2  sing N N 302 
TRP CB  HB3  sing N N 303 
TRP CG  CD1  doub Y N 304 
TRP CG  CD2  sing Y N 305 
TRP CD1 NE1  sing Y N 306 
TRP CD1 HD1  sing N N 307 
TRP CD2 CE2  doub Y N 308 
TRP CD2 CE3  sing Y N 309 
TRP NE1 CE2  sing Y N 310 
TRP NE1 HE1  sing N N 311 
TRP CE2 CZ2  sing Y N 312 
TRP CE3 CZ3  doub Y N 313 
TRP CE3 HE3  sing N N 314 
TRP CZ2 CH2  doub Y N 315 
TRP CZ2 HZ2  sing N N 316 
TRP CZ3 CH2  sing Y N 317 
TRP CZ3 HZ3  sing N N 318 
TRP CH2 HH2  sing N N 319 
TRP OXT HXT  sing N N 320 
TYR N   CA   sing N N 321 
TYR N   H    sing N N 322 
TYR N   H2   sing N N 323 
TYR CA  C    sing N N 324 
TYR CA  CB   sing N N 325 
TYR CA  HA   sing N N 326 
TYR C   O    doub N N 327 
TYR C   OXT  sing N N 328 
TYR CB  CG   sing N N 329 
TYR CB  HB2  sing N N 330 
TYR CB  HB3  sing N N 331 
TYR CG  CD1  doub Y N 332 
TYR CG  CD2  sing Y N 333 
TYR CD1 CE1  sing Y N 334 
TYR CD1 HD1  sing N N 335 
TYR CD2 CE2  doub Y N 336 
TYR CD2 HD2  sing N N 337 
TYR CE1 CZ   doub Y N 338 
TYR CE1 HE1  sing N N 339 
TYR CE2 CZ   sing Y N 340 
TYR CE2 HE2  sing N N 341 
TYR CZ  OH   sing N N 342 
TYR OH  HH   sing N N 343 
TYR OXT HXT  sing N N 344 
VAL N   CA   sing N N 345 
VAL N   H    sing N N 346 
VAL N   H2   sing N N 347 
VAL CA  C    sing N N 348 
VAL CA  CB   sing N N 349 
VAL CA  HA   sing N N 350 
VAL C   O    doub N N 351 
VAL C   OXT  sing N N 352 
VAL CB  CG1  sing N N 353 
VAL CB  CG2  sing N N 354 
VAL CB  HB   sing N N 355 
VAL CG1 HG11 sing N N 356 
VAL CG1 HG12 sing N N 357 
VAL CG1 HG13 sing N N 358 
VAL CG2 HG21 sing N N 359 
VAL CG2 HG22 sing N N 360 
VAL CG2 HG23 sing N N 361 
VAL OXT HXT  sing N N 362 
# 
_pdbx_initial_refinement_model.accession_code   ma-c2kzl 
_pdbx_initial_refinement_model.id               1 
_pdbx_initial_refinement_model.entity_id_list   ? 
_pdbx_initial_refinement_model.type             'in silico model' 
_pdbx_initial_refinement_model.source_name      ModelArchive 
_pdbx_initial_refinement_model.details          'ENTRY 1SAM that was moved from PDB to ModelArchive' 
# 
_atom_sites.entry_id                    1AZ5 
_atom_sites.fract_transf_matrix[1][1]   -0.02433233 
_atom_sites.fract_transf_matrix[1][2]   0.00551515 
_atom_sites.fract_transf_matrix[1][3]   -0.00493838 
_atom_sites.fract_transf_matrix[2][1]   -0.00656269 
_atom_sites.fract_transf_matrix[2][2]   0.00934156 
_atom_sites.fract_transf_matrix[2][3]   -0.02272784 
_atom_sites.fract_transf_matrix[3][1]   -0.00160874 
_atom_sites.fract_transf_matrix[3][2]   -0.01057285 
_atom_sites.fract_transf_matrix[3][3]   -0.00388111 
_atom_sites.fract_transf_vector[1]      0.865494 
_atom_sites.fract_transf_vector[2]      0.267392 
_atom_sites.fract_transf_vector[3]      0.092735 
# 
loop_
_atom_type.symbol 
C 
H 
N 
O 
S 
# 
loop_
_atom_site.group_PDB 
_atom_site.id 
_atom_site.type_symbol 
_atom_site.label_atom_id 
_atom_site.label_alt_id 
_atom_site.label_comp_id 
_atom_site.label_asym_id 
_atom_site.label_entity_id 
_atom_site.label_seq_id 
_atom_site.pdbx_PDB_ins_code 
_atom_site.Cartn_x 
_atom_site.Cartn_y 
_atom_site.Cartn_z 
_atom_site.occupancy 
_atom_site.B_iso_or_equiv 
_atom_site.pdbx_formal_charge 
_atom_site.auth_seq_id 
_atom_site.auth_comp_id 
_atom_site.auth_asym_id 
_atom_site.auth_atom_id 
_atom_site.pdbx_PDB_model_num 
ATOM   1   N N    . PRO A 1 1  ? 19.099  -3.062  1.470   1.00 29.47 ? 1   PRO A N    1 
ATOM   2   C CA   . PRO A 1 1  ? 19.204  -3.196  2.940   1.00 28.87 ? 1   PRO A CA   1 
ATOM   3   C C    . PRO A 1 1  ? 18.097  -4.106  3.469   1.00 28.00 ? 1   PRO A C    1 
ATOM   4   O O    . PRO A 1 1  ? 17.259  -4.587  2.705   1.00 26.02 ? 1   PRO A O    1 
ATOM   5   C CB   . PRO A 1 1  ? 19.091  -1.791  3.540   1.00 31.20 ? 1   PRO A CB   1 
ATOM   6   C CG   . PRO A 1 1  ? 18.403  -0.991  2.392   1.00 30.49 ? 1   PRO A CG   1 
ATOM   7   C CD   . PRO A 1 1  ? 18.932  -1.640  1.124   1.00 28.61 ? 1   PRO A CD   1 
ATOM   8   H H2   . PRO A 1 1  ? 19.879  -3.547  0.992   1.00 25.00 ? 1   PRO A H2   1 
ATOM   9   H H3   . PRO A 1 1  ? 18.206  -3.582  1.285   1.00 25.00 ? 1   PRO A H3   1 
ATOM   10  N N    . GLN A 1 2  ? 18.078  -4.314  4.775   1.00 25.22 ? 2   GLN A N    1 
ATOM   11  C CA   . GLN A 1 2  ? 17.085  -5.176  5.370   1.00 26.08 ? 2   GLN A CA   1 
ATOM   12  C C    . GLN A 1 2  ? 16.392  -4.487  6.520   1.00 24.19 ? 2   GLN A C    1 
ATOM   13  O O    . GLN A 1 2  ? 16.866  -3.473  7.028   1.00 20.56 ? 2   GLN A O    1 
ATOM   14  C CB   . GLN A 1 2  ? 17.745  -6.469  5.852   1.00 33.17 ? 2   GLN A CB   1 
ATOM   15  C CG   . GLN A 1 2  ? 18.993  -6.234  6.712   1.00 39.62 ? 2   GLN A CG   1 
ATOM   16  C CD   . GLN A 1 2  ? 19.745  -7.517  7.061   1.00 40.49 ? 2   GLN A CD   1 
ATOM   17  O OE1  . GLN A 1 2  ? 20.303  -7.642  8.158   1.00 43.05 ? 2   GLN A OE1  1 
ATOM   18  N NE2  . GLN A 1 2  ? 19.773  -8.464  6.132   1.00 39.21 ? 2   GLN A NE2  1 
ATOM   19  H H    . GLN A 1 2  ? 18.690  -3.860  5.396   1.00 25.00 ? 2   GLN A H    1 
ATOM   20  H HE21 . GLN A 1 2  ? 20.266  -9.276  6.374   1.00 25.00 ? 2   GLN A HE21 1 
ATOM   21  H HE22 . GLN A 1 2  ? 19.330  -8.345  5.269   1.00 25.00 ? 2   GLN A HE22 1 
ATOM   22  N N    . PHE A 1 3  ? 15.231  -5.025  6.865   1.00 23.34 ? 3   PHE A N    1 
ATOM   23  C CA   . PHE A 1 3  ? 14.402  -4.560  7.958   1.00 22.23 ? 3   PHE A CA   1 
ATOM   24  C C    . PHE A 1 3  ? 14.347  -5.716  8.892   1.00 23.74 ? 3   PHE A C    1 
ATOM   25  O O    . PHE A 1 3  ? 14.090  -6.836  8.452   1.00 25.26 ? 3   PHE A O    1 
ATOM   26  C CB   . PHE A 1 3  ? 12.966  -4.359  7.512   1.00 26.21 ? 3   PHE A CB   1 
ATOM   27  C CG   . PHE A 1 3  ? 12.701  -3.039  6.941   1.00 30.01 ? 3   PHE A CG   1 
ATOM   28  C CD1  . PHE A 1 3  ? 12.576  -1.933  7.771   1.00 34.82 ? 3   PHE A CD1  1 
ATOM   29  C CD2  . PHE A 1 3  ? 12.575  -2.879  5.575   1.00 35.02 ? 3   PHE A CD2  1 
ATOM   30  C CE1  . PHE A 1 3  ? 12.330  -0.677  7.252   1.00 34.85 ? 3   PHE A CE1  1 
ATOM   31  C CE2  . PHE A 1 3  ? 12.324  -1.625  5.036   1.00 38.21 ? 3   PHE A CE2  1 
ATOM   32  C CZ   . PHE A 1 3  ? 12.202  -0.518  5.878   1.00 39.09 ? 3   PHE A CZ   1 
ATOM   33  H H    . PHE A 1 3  ? 14.892  -5.804  6.373   1.00 25.00 ? 3   PHE A H    1 
ATOM   34  N N    . HIS A 1 4  ? 14.650  -5.489  10.160  1.00 21.96 ? 4   HIS A N    1 
ATOM   35  C CA   . HIS A 1 4  ? 14.518  -6.571  11.115  1.00 21.94 ? 4   HIS A CA   1 
ATOM   36  C C    . HIS A 1 4  ? 13.085  -6.444  11.618  1.00 19.85 ? 4   HIS A C    1 
ATOM   37  O O    . HIS A 1 4  ? 12.432  -5.405  11.425  1.00 21.07 ? 4   HIS A O    1 
ATOM   38  C CB   . HIS A 1 4  ? 15.621  -6.543  12.160  1.00 23.15 ? 4   HIS A CB   1 
ATOM   39  C CG   . HIS A 1 4  ? 16.963  -6.869  11.578  1.00 28.56 ? 4   HIS A CG   1 
ATOM   40  N ND1  . HIS A 1 4  ? 17.233  -8.084  10.984  1.00 33.55 ? 4   HIS A ND1  1 
ATOM   41  C CD2  . HIS A 1 4  ? 18.070  -6.113  11.390  1.00 31.09 ? 4   HIS A CD2  1 
ATOM   42  C CE1  . HIS A 1 4  ? 18.441  -8.062  10.453  1.00 30.90 ? 4   HIS A CE1  1 
ATOM   43  N NE2  . HIS A 1 4  ? 18.970  -6.875  10.684  1.00 32.47 ? 4   HIS A NE2  1 
ATOM   44  H H    . HIS A 1 4  ? 14.882  -4.580  10.440  1.00 25.00 ? 4   HIS A H    1 
ATOM   45  H HD1  . HIS A 1 4  ? 16.648  -8.878  10.972  1.00 25.00 ? 4   HIS A HD1  1 
ATOM   46  H HE2  . HIS A 1 4  ? 19.856  -6.606  10.340  1.00 25.00 ? 4   HIS A HE2  1 
ATOM   47  N N    . LEU A 1 5  ? 12.552  -7.518  12.169  1.00 18.51 ? 5   LEU A N    1 
ATOM   48  C CA   . LEU A 1 5  ? 11.150  -7.522  12.546  1.00 18.38 ? 5   LEU A CA   1 
ATOM   49  C C    . LEU A 1 5  ? 10.789  -7.412  14.010  1.00 19.07 ? 5   LEU A C    1 
ATOM   50  O O    . LEU A 1 5  ? 9.719   -7.829  14.418  1.00 19.04 ? 5   LEU A O    1 
ATOM   51  C CB   . LEU A 1 5  ? 10.473  -8.728  11.882  1.00 21.11 ? 5   LEU A CB   1 
ATOM   52  C CG   . LEU A 1 5  ? 10.601  -8.743  10.343  1.00 20.37 ? 5   LEU A CG   1 
ATOM   53  C CD1  . LEU A 1 5  ? 10.523  -10.163 9.750   1.00 18.46 ? 5   LEU A CD1  1 
ATOM   54  C CD2  . LEU A 1 5  ? 9.556   -7.820  9.729   1.00 17.57 ? 5   LEU A CD2  1 
ATOM   55  H H    . LEU A 1 5  ? 13.105  -8.293  12.342  1.00 25.00 ? 5   LEU A H    1 
ATOM   56  N N    . TRP A 1 6  ? 11.666  -6.804  14.799  1.00 21.84 ? 6   TRP A N    1 
ATOM   57  C CA   . TRP A 1 6  ? 11.388  -6.624  16.212  1.00 21.90 ? 6   TRP A CA   1 
ATOM   58  C C    . TRP A 1 6  ? 10.241  -5.615  16.349  1.00 22.60 ? 6   TRP A C    1 
ATOM   59  O O    . TRP A 1 6  ? 9.355   -5.771  17.193  1.00 23.46 ? 6   TRP A O    1 
ATOM   60  C CB   . TRP A 1 6  ? 12.640  -6.146  16.930  1.00 25.18 ? 6   TRP A CB   1 
ATOM   61  C CG   . TRP A 1 6  ? 13.719  -7.184  16.979  1.00 31.73 ? 6   TRP A CG   1 
ATOM   62  C CD1  . TRP A 1 6  ? 14.905  -7.185  16.278  1.00 34.41 ? 6   TRP A CD1  1 
ATOM   63  C CD2  . TRP A 1 6  ? 13.738  -8.364  17.795  1.00 31.25 ? 6   TRP A CD2  1 
ATOM   64  N NE1  . TRP A 1 6  ? 15.654  -8.286  16.620  1.00 33.65 ? 6   TRP A NE1  1 
ATOM   65  C CE2  . TRP A 1 6  ? 14.965  -9.023  17.550  1.00 32.50 ? 6   TRP A CE2  1 
ATOM   66  C CE3  . TRP A 1 6  ? 12.840  -8.924  18.711  1.00 31.12 ? 6   TRP A CE3  1 
ATOM   67  C CZ2  . TRP A 1 6  ? 15.312  -10.214 18.194  1.00 31.32 ? 6   TRP A CZ2  1 
ATOM   68  C CZ3  . TRP A 1 6  ? 13.189  -10.110 19.347  1.00 28.78 ? 6   TRP A CZ3  1 
ATOM   69  C CH2  . TRP A 1 6  ? 14.413  -10.737 19.085  1.00 31.55 ? 6   TRP A CH2  1 
ATOM   70  H H    . TRP A 1 6  ? 12.488  -6.451  14.413  1.00 25.00 ? 6   TRP A H    1 
ATOM   71  H HE1  . TRP A 1 6  ? 16.546  -8.509  16.282  1.00 25.00 ? 6   TRP A HE1  1 
ATOM   72  N N    . LYS A 1 7  ? 10.241  -4.587  15.501  1.00 24.64 ? 7   LYS A N    1 
ATOM   73  C CA   . LYS A 1 7  ? 9.168   -3.596  15.526  1.00 21.02 ? 7   LYS A CA   1 
ATOM   74  C C    . LYS A 1 7  ? 8.254   -3.882  14.329  1.00 16.93 ? 7   LYS A C    1 
ATOM   75  O O    . LYS A 1 7  ? 8.689   -4.506  13.356  1.00 16.12 ? 7   LYS A O    1 
ATOM   76  C CB   . LYS A 1 7  ? 9.744   -2.151  15.470  1.00 23.77 ? 7   LYS A CB   1 
ATOM   77  C CG   . LYS A 1 7  ? 10.357  -1.675  14.115  1.00 27.68 ? 7   LYS A CG   1 
ATOM   78  C CD   . LYS A 1 7  ? 11.032  -0.242  14.165  1.00 25.88 ? 7   LYS A CD   1 
ATOM   79  C CE   . LYS A 1 7  ? 10.071  0.989   14.163  1.00 26.44 ? 7   LYS A CE   1 
ATOM   80  N NZ   . LYS A 1 7  ? 9.567   1.510   12.818  1.00 24.76 ? 7   LYS A NZ   1 
ATOM   81  H H    . LYS A 1 7  ? 10.917  -4.511  14.804  1.00 25.00 ? 7   LYS A H    1 
ATOM   82  H HZ1  . LYS A 1 7  ? 9.046   0.760   12.323  1.00 25.00 ? 7   LYS A HZ1  1 
ATOM   83  H HZ2  . LYS A 1 7  ? 8.942   2.327   12.975  1.00 25.00 ? 7   LYS A HZ2  1 
ATOM   84  H HZ3  . LYS A 1 7  ? 10.386  1.805   12.252  1.00 25.00 ? 7   LYS A HZ3  1 
ATOM   85  N N    . ARG A 1 8  ? 6.978   -3.515  14.433  1.00 15.94 ? 8   ARG A N    1 
ATOM   86  C CA   . ARG A 1 8  ? 6.061   -3.661  13.307  1.00 19.16 ? 8   ARG A CA   1 
ATOM   87  C C    . ARG A 1 8  ? 6.700   -2.847  12.176  1.00 20.91 ? 8   ARG A C    1 
ATOM   88  O O    . ARG A 1 8  ? 7.088   -1.687  12.362  1.00 15.73 ? 8   ARG A O    1 
ATOM   89  C CB   . ARG A 1 8  ? 4.694   -3.057  13.615  1.00 19.21 ? 8   ARG A CB   1 
ATOM   90  C CG   . ARG A 1 8  ? 4.173   -3.381  14.985  1.00 32.43 ? 8   ARG A CG   1 
ATOM   91  C CD   . ARG A 1 8  ? 2.661   -3.347  15.033  1.00 36.02 ? 8   ARG A CD   1 
ATOM   92  N NE   . ARG A 1 8  ? 2.101   -2.208  14.320  1.00 46.04 ? 8   ARG A NE   1 
ATOM   93  C CZ   . ARG A 1 8  ? 1.035   -2.287  13.522  1.00 54.44 ? 8   ARG A CZ   1 
ATOM   94  N NH1  . ARG A 1 8  ? 0.429   -3.461  13.321  1.00 56.03 ? 8   ARG A NH1  1 
ATOM   95  N NH2  . ARG A 1 8  ? 0.579   -1.196  12.910  1.00 57.34 ? 8   ARG A NH2  1 
ATOM   96  H H    . ARG A 1 8  ? 6.681   -3.106  15.269  1.00 25.00 ? 8   ARG A H    1 
ATOM   97  H HE   . ARG A 1 8  ? 2.528   -1.334  14.434  1.00 25.00 ? 8   ARG A HE   1 
ATOM   98  H HH11 . ARG A 1 8  ? 0.768   -4.287  13.773  1.00 25.00 ? 8   ARG A HH11 1 
ATOM   99  H HH12 . ARG A 1 8  ? -0.374  -3.519  12.728  1.00 25.00 ? 8   ARG A HH12 1 
ATOM   100 H HH21 . ARG A 1 8  ? 1.034   -0.318  13.051  1.00 25.00 ? 8   ARG A HH21 1 
ATOM   101 H HH22 . ARG A 1 8  ? -0.223  -1.261  12.317  1.00 25.00 ? 8   ARG A HH22 1 
ATOM   102 N N    . PRO A 1 9  ? 6.809   -3.430  10.982  1.00 19.42 ? 9   PRO A N    1 
ATOM   103 C CA   . PRO A 1 9  ? 7.424   -2.685  9.875   1.00 16.52 ? 9   PRO A CA   1 
ATOM   104 C C    . PRO A 1 9  ? 6.511   -1.636  9.210   1.00 16.92 ? 9   PRO A C    1 
ATOM   105 O O    . PRO A 1 9  ? 5.934   -1.878  8.151   1.00 17.12 ? 9   PRO A O    1 
ATOM   106 C CB   . PRO A 1 9  ? 7.840   -3.793  8.930   1.00 16.42 ? 9   PRO A CB   1 
ATOM   107 C CG   . PRO A 1 9  ? 6.693   -4.796  9.111   1.00 16.58 ? 9   PRO A CG   1 
ATOM   108 C CD   . PRO A 1 9  ? 6.367   -4.773  10.578  1.00 16.49 ? 9   PRO A CD   1 
ATOM   109 N N    . VAL A 1 10 ? 6.411   -0.469  9.848   1.00 17.82 ? 10  VAL A N    1 
ATOM   110 C CA   . VAL A 1 10 ? 5.598   0.667   9.390   1.00 15.98 ? 10  VAL A CA   1 
ATOM   111 C C    . VAL A 1 10 ? 6.559   1.707   8.815   1.00 17.55 ? 10  VAL A C    1 
ATOM   112 O O    . VAL A 1 10 ? 7.521   2.100   9.474   1.00 20.45 ? 10  VAL A O    1 
ATOM   113 C CB   . VAL A 1 10 ? 4.815   1.306   10.570  1.00 16.42 ? 10  VAL A CB   1 
ATOM   114 C CG1  . VAL A 1 10 ? 4.125   2.611   10.136  1.00 18.30 ? 10  VAL A CG1  1 
ATOM   115 C CG2  . VAL A 1 10 ? 3.790   0.334   11.111  1.00 13.31 ? 10  VAL A CG2  1 
ATOM   116 H H    . VAL A 1 10 ? 6.931   -0.352  10.674  1.00 25.00 ? 10  VAL A H    1 
ATOM   117 N N    . VAL A 1 11 ? 6.335   2.108   7.564   1.00 20.44 ? 11  VAL A N    1 
ATOM   118 C CA   . VAL A 1 11 ? 7.199   3.091   6.902   1.00 15.58 ? 11  VAL A CA   1 
ATOM   119 C C    . VAL A 1 11 ? 6.343   4.231   6.361   1.00 12.32 ? 11  VAL A C    1 
ATOM   120 O O    . VAL A 1 11 ? 5.121   4.170   6.416   1.00 11.13 ? 11  VAL A O    1 
ATOM   121 C CB   . VAL A 1 11 ? 8.011   2.461   5.719   1.00 13.47 ? 11  VAL A CB   1 
ATOM   122 C CG1  . VAL A 1 11 ? 9.061   1.516   6.235   1.00 11.78 ? 11  VAL A CG1  1 
ATOM   123 C CG2  . VAL A 1 11 ? 7.079   1.739   4.741   1.00 13.99 ? 11  VAL A CG2  1 
ATOM   124 H H    . VAL A 1 11 ? 5.555   1.753   7.087   1.00 25.00 ? 11  VAL A H    1 
ATOM   125 N N    . THR A 1 12 ? 6.979   5.293   5.889   1.00 14.18 ? 12  THR A N    1 
ATOM   126 C CA   . THR A 1 12 ? 6.215   6.393   5.330   1.00 15.64 ? 12  THR A CA   1 
ATOM   127 C C    . THR A 1 12 ? 6.344   6.334   3.829   1.00 13.72 ? 12  THR A C    1 
ATOM   128 O O    . THR A 1 12 ? 7.451   6.227   3.295   1.00 17.09 ? 12  THR A O    1 
ATOM   129 C CB   . THR A 1 12 ? 6.715   7.745   5.778   1.00 18.16 ? 12  THR A CB   1 
ATOM   130 O OG1  . THR A 1 12 ? 6.799   7.770   7.208   1.00 23.87 ? 12  THR A OG1  1 
ATOM   131 C CG2  . THR A 1 12 ? 5.749   8.818   5.299   1.00 18.45 ? 12  THR A CG2  1 
ATOM   132 H H    . THR A 1 12 ? 7.952   5.322   5.865   1.00 25.00 ? 12  THR A H    1 
ATOM   133 H HG1  . THR A 1 12 ? 6.942   8.670   7.507   1.00 25.00 ? 12  THR A HG1  1 
ATOM   134 N N    . ALA A 1 13 ? 5.215   6.459   3.153   1.00 12.54 ? 13  ALA A N    1 
ATOM   135 C CA   . ALA A 1 13 ? 5.184   6.408   1.714   1.00 9.21  ? 13  ALA A CA   1 
ATOM   136 C C    . ALA A 1 13 ? 4.492   7.660   1.249   1.00 12.90 ? 13  ALA A C    1 
ATOM   137 O O    . ALA A 1 13 ? 3.826   8.326   2.037   1.00 12.80 ? 13  ALA A O    1 
ATOM   138 C CB   . ALA A 1 13 ? 4.387   5.172   1.267   1.00 12.89 ? 13  ALA A CB   1 
ATOM   139 H H    . ALA A 1 13 ? 4.370   6.590   3.625   1.00 25.00 ? 13  ALA A H    1 
ATOM   140 N N    . HIS A 1 14 ? 4.722   8.025   -0.004  1.00 12.97 ? 14  HIS A N    1 
ATOM   141 C CA   . HIS A 1 14 ? 4.063   9.165   -0.617  1.00 12.33 ? 14  HIS A CA   1 
ATOM   142 C C    . HIS A 1 14 ? 3.289   8.561   -1.764  1.00 14.52 ? 14  HIS A C    1 
ATOM   143 O O    . HIS A 1 14 ? 3.864   7.885   -2.617  1.00 15.52 ? 14  HIS A O    1 
ATOM   144 C CB   . HIS A 1 14 ? 5.067   10.149  -1.190  1.00 12.13 ? 14  HIS A CB   1 
ATOM   145 C CG   . HIS A 1 14 ? 5.554   11.156  -0.209  1.00 12.68 ? 14  HIS A CG   1 
ATOM   146 N ND1  . HIS A 1 14 ? 5.334   11.043  1.146   1.00 17.64 ? 14  HIS A ND1  1 
ATOM   147 C CD2  . HIS A 1 14 ? 6.271   12.288  -0.382  1.00 11.79 ? 14  HIS A CD2  1 
ATOM   148 C CE1  . HIS A 1 14 ? 5.896   12.060  1.767   1.00 15.56 ? 14  HIS A CE1  1 
ATOM   149 N NE2  . HIS A 1 14 ? 6.472   12.830  0.861   1.00 18.48 ? 14  HIS A NE2  1 
ATOM   150 H H    . HIS A 1 14 ? 5.344   7.489   -0.545  1.00 25.00 ? 14  HIS A H    1 
ATOM   151 H HD1  . HIS A 1 14 ? 4.847   10.309  1.597   1.00 25.00 ? 14  HIS A HD1  1 
ATOM   152 H HE2  . HIS A 1 14 ? 6.957   13.663  1.049   1.00 25.00 ? 14  HIS A HE2  1 
ATOM   153 N N    . ILE A 1 15 ? 1.984   8.747   -1.771  1.00 14.18 ? 15  ILE A N    1 
ATOM   154 C CA   . ILE A 1 15 ? 1.190   8.200   -2.855  1.00 16.82 ? 15  ILE A CA   1 
ATOM   155 C C    . ILE A 1 15 ? 0.645   9.392   -3.589  1.00 15.02 ? 15  ILE A C    1 
ATOM   156 O O    . ILE A 1 15 ? -0.162  10.132  -3.042  1.00 14.25 ? 15  ILE A O    1 
ATOM   157 C CB   . ILE A 1 15 ? 0.054   7.295   -2.334  1.00 15.80 ? 15  ILE A CB   1 
ATOM   158 C CG1  . ILE A 1 15 ? 0.653   6.172   -1.462  1.00 14.82 ? 15  ILE A CG1  1 
ATOM   159 C CG2  . ILE A 1 15 ? -0.744  6.745   -3.524  1.00 13.29 ? 15  ILE A CG2  1 
ATOM   160 C CD1  . ILE A 1 15 ? -0.340  5.163   -0.914  1.00 18.01 ? 15  ILE A CD1  1 
ATOM   161 H H    . ILE A 1 15 ? 1.522   9.232   -1.059  1.00 25.00 ? 15  ILE A H    1 
ATOM   162 N N    . GLU A 1 16 ? 1.111   9.598   -4.811  1.00 15.29 ? 16  GLU A N    1 
ATOM   163 C CA   . GLU A 1 16 ? 0.683   10.762  -5.584  1.00 20.80 ? 16  GLU A CA   1 
ATOM   164 C C    . GLU A 1 16 ? 1.004   12.024  -4.795  1.00 17.58 ? 16  GLU A C    1 
ATOM   165 O O    . GLU A 1 16 ? 0.235   12.972  -4.811  1.00 19.64 ? 16  GLU A O    1 
ATOM   166 C CB   . GLU A 1 16 ? -0.815  10.717  -5.860  1.00 29.09 ? 16  GLU A CB   1 
ATOM   167 C CG   . GLU A 1 16 ? -1.218  9.653   -6.844  1.00 39.55 ? 16  GLU A CG   1 
ATOM   168 C CD   . GLU A 1 16 ? -0.859  10.030  -8.259  1.00 44.27 ? 16  GLU A CD   1 
ATOM   169 O OE1  . GLU A 1 16 ? -1.365  11.082  -8.708  1.00 49.05 ? 16  GLU A OE1  1 
ATOM   170 O OE2  . GLU A 1 16 ? -0.084  9.285   -8.916  1.00 45.93 ? 16  GLU A OE2  1 
ATOM   171 H H    . GLU A 1 16 ? 1.713   8.930   -5.196  1.00 25.00 ? 16  GLU A H    1 
ATOM   172 N N    . GLY A 1 17 ? 2.114   11.991  -4.058  1.00 15.95 ? 17  GLY A N    1 
ATOM   173 C CA   . GLY A 1 17 ? 2.549   13.125  -3.260  1.00 17.20 ? 17  GLY A CA   1 
ATOM   174 C C    . GLY A 1 17 ? 1.922   13.299  -1.885  1.00 13.51 ? 17  GLY A C    1 
ATOM   175 O O    . GLY A 1 17 ? 2.284   14.210  -1.151  1.00 12.96 ? 17  GLY A O    1 
ATOM   176 H H    . GLY A 1 17 ? 2.651   11.178  -4.038  1.00 25.00 ? 17  GLY A H    1 
ATOM   177 N N    . GLN A 1 18 ? 1.000   12.423  -1.515  1.00 15.81 ? 18  GLN A N    1 
ATOM   178 C CA   . GLN A 1 18 ? 0.332   12.518  -0.223  1.00 14.96 ? 18  GLN A CA   1 
ATOM   179 C C    . GLN A 1 18 ? 0.983   11.521  0.723   1.00 20.01 ? 18  GLN A C    1 
ATOM   180 O O    . GLN A 1 18 ? 1.058   10.328  0.409   1.00 16.25 ? 18  GLN A O    1 
ATOM   181 C CB   . GLN A 1 18 ? -1.159  12.227  -0.395  1.00 15.03 ? 18  GLN A CB   1 
ATOM   182 C CG   . GLN A 1 18 ? -1.827  13.148  -1.404  1.00 11.97 ? 18  GLN A CG   1 
ATOM   183 C CD   . GLN A 1 18 ? -3.282  12.839  -1.613  1.00 11.18 ? 18  GLN A CD   1 
ATOM   184 O OE1  . GLN A 1 18 ? -4.042  12.659  -0.670  1.00 13.67 ? 18  GLN A OE1  1 
ATOM   185 N NE2  . GLN A 1 18 ? -3.685  12.783  -2.864  1.00 18.44 ? 18  GLN A NE2  1 
ATOM   186 H H    . GLN A 1 18 ? 0.735   11.698  -2.120  1.00 25.00 ? 18  GLN A H    1 
ATOM   187 H HE21 . GLN A 1 18 ? -4.625  12.617  -3.069  1.00 25.00 ? 18  GLN A HE21 1 
ATOM   188 H HE22 . GLN A 1 18 ? -3.006  12.924  -3.557  1.00 25.00 ? 18  GLN A HE22 1 
ATOM   189 N N    . PRO A 1 19 ? 1.506   12.003  1.878   1.00 21.37 ? 19  PRO A N    1 
ATOM   190 C CA   . PRO A 1 19 ? 2.174   11.140  2.874   1.00 21.12 ? 19  PRO A CA   1 
ATOM   191 C C    . PRO A 1 19 ? 1.235   10.217  3.663   1.00 23.07 ? 19  PRO A C    1 
ATOM   192 O O    . PRO A 1 19 ? 0.125   10.609  4.048   1.00 24.59 ? 19  PRO A O    1 
ATOM   193 C CB   . PRO A 1 19 ? 2.899   12.139  3.765   1.00 17.86 ? 19  PRO A CB   1 
ATOM   194 C CG   . PRO A 1 19 ? 1.959   13.306  3.756   1.00 21.85 ? 19  PRO A CG   1 
ATOM   195 C CD   . PRO A 1 19 ? 1.481   13.406  2.322   1.00 18.08 ? 19  PRO A CD   1 
ATOM   196 N N    . VAL A 1 20 ? 1.678   8.985   3.889   1.00 17.30 ? 20  VAL A N    1 
ATOM   197 C CA   . VAL A 1 20 ? 0.868   8.021   4.615   1.00 17.08 ? 20  VAL A CA   1 
ATOM   198 C C    . VAL A 1 20 ? 1.812   7.032   5.279   1.00 15.36 ? 20  VAL A C    1 
ATOM   199 O O    . VAL A 1 20 ? 2.934   6.868   4.821   1.00 20.35 ? 20  VAL A O    1 
ATOM   200 C CB   . VAL A 1 20 ? -0.149  7.322   3.630   1.00 17.37 ? 20  VAL A CB   1 
ATOM   201 C CG1  . VAL A 1 20 ? 0.579   6.530   2.549   1.00 16.12 ? 20  VAL A CG1  1 
ATOM   202 C CG2  . VAL A 1 20 ? -1.104  6.454   4.366   1.00 22.34 ? 20  VAL A CG2  1 
ATOM   203 H H    . VAL A 1 20 ? 2.555   8.684   3.572   1.00 25.00 ? 20  VAL A H    1 
ATOM   204 N N    . GLU A 1 21 ? 1.468   6.543   6.458   1.00 13.76 ? 21  GLU A N    1 
ATOM   205 C CA   . GLU A 1 21 ? 2.306   5.526   7.085   1.00 19.77 ? 21  GLU A CA   1 
ATOM   206 C C    . GLU A 1 21 ? 1.649   4.164   6.824   1.00 18.26 ? 21  GLU A C    1 
ATOM   207 O O    . GLU A 1 21 ? 0.452   3.975   7.067   1.00 17.45 ? 21  GLU A O    1 
ATOM   208 C CB   . GLU A 1 21 ? 2.503   5.786   8.566   1.00 26.15 ? 21  GLU A CB   1 
ATOM   209 C CG   . GLU A 1 21 ? 3.430   6.944   8.794   1.00 38.89 ? 21  GLU A CG   1 
ATOM   210 C CD   . GLU A 1 21 ? 4.257   6.762   10.037  1.00 47.30 ? 21  GLU A CD   1 
ATOM   211 O OE1  . GLU A 1 21 ? 3.716   7.000   11.148  1.00 48.65 ? 21  GLU A OE1  1 
ATOM   212 O OE2  . GLU A 1 21 ? 5.442   6.363   9.896   1.00 51.91 ? 21  GLU A OE2  1 
ATOM   213 H H    . GLU A 1 21 ? 0.685   6.855   6.940   1.00 25.00 ? 21  GLU A H    1 
ATOM   214 N N    . VAL A 1 22 ? 2.427   3.223   6.303   1.00 17.03 ? 22  VAL A N    1 
ATOM   215 C CA   . VAL A 1 22 ? 1.883   1.927   5.953   1.00 13.74 ? 22  VAL A CA   1 
ATOM   216 C C    . VAL A 1 22 ? 2.617   0.759   6.577   1.00 12.34 ? 22  VAL A C    1 
ATOM   217 O O    . VAL A 1 22 ? 3.802   0.872   6.928   1.00 11.84 ? 22  VAL A O    1 
ATOM   218 C CB   . VAL A 1 22 ? 1.881   1.757   4.404   1.00 13.37 ? 22  VAL A CB   1 
ATOM   219 C CG1  . VAL A 1 22 ? 1.011   2.825   3.761   1.00 14.35 ? 22  VAL A CG1  1 
ATOM   220 C CG2  . VAL A 1 22 ? 3.301   1.879   3.852   1.00 12.23 ? 22  VAL A CG2  1 
ATOM   221 H H    . VAL A 1 22 ? 3.386   3.390   6.191   1.00 25.00 ? 22  VAL A H    1 
ATOM   222 N N    . LEU A 1 23 ? 1.902   -0.357  6.713   1.00 13.08 ? 23  LEU A N    1 
ATOM   223 C CA   . LEU A 1 23 ? 2.471   -1.592  7.252   1.00 11.74 ? 23  LEU A CA   1 
ATOM   224 C C    . LEU A 1 23 ? 2.819   -2.520  6.090   1.00 10.62 ? 23  LEU A C    1 
ATOM   225 O O    . LEU A 1 23 ? 1.995   -2.742  5.225   1.00 12.01 ? 23  LEU A O    1 
ATOM   226 C CB   . LEU A 1 23 ? 1.465   -2.285  8.166   1.00 10.86 ? 23  LEU A CB   1 
ATOM   227 C CG   . LEU A 1 23 ? 1.895   -3.617  8.789   1.00 9.96  ? 23  LEU A CG   1 
ATOM   228 C CD1  . LEU A 1 23 ? 2.982   -3.441  9.814   1.00 9.49  ? 23  LEU A CD1  1 
ATOM   229 C CD2  . LEU A 1 23 ? 0.682   -4.213  9.431   1.00 13.73 ? 23  LEU A CD2  1 
ATOM   230 H H    . LEU A 1 23 ? 0.963   -0.361  6.441   1.00 25.00 ? 23  LEU A H    1 
ATOM   231 N N    . LEU A 1 24 ? 4.070   -2.971  6.031   1.00 14.47 ? 24  LEU A N    1 
ATOM   232 C CA   . LEU A 1 24 ? 4.550   -3.888  4.984   1.00 14.17 ? 24  LEU A CA   1 
ATOM   233 C C    . LEU A 1 24 ? 4.061   -5.237  5.489   1.00 13.64 ? 24  LEU A C    1 
ATOM   234 O O    . LEU A 1 24 ? 4.648   -5.835  6.387   1.00 13.01 ? 24  LEU A O    1 
ATOM   235 C CB   . LEU A 1 24 ? 6.083   -3.849  4.894   1.00 11.86 ? 24  LEU A CB   1 
ATOM   236 C CG   . LEU A 1 24 ? 6.671   -2.441  4.733   1.00 11.53 ? 24  LEU A CG   1 
ATOM   237 C CD1  . LEU A 1 24 ? 8.173   -2.483  4.648   1.00 12.71 ? 24  LEU A CD1  1 
ATOM   238 C CD2  . LEU A 1 24 ? 6.103   -1.792  3.507   1.00 13.60 ? 24  LEU A CD2  1 
ATOM   239 H H    . LEU A 1 24 ? 4.701   -2.688  6.729   1.00 25.00 ? 24  LEU A H    1 
ATOM   240 N N    . ASP A 1 25 ? 2.950   -5.680  4.920   1.00 14.29 ? 25  ASP A N    1 
ATOM   241 C CA   . ASP A 1 25 ? 2.257   -6.889  5.354   1.00 13.56 ? 25  ASP A CA   1 
ATOM   242 C C    . ASP A 1 25 ? 2.365   -8.107  4.421   1.00 12.64 ? 25  ASP A C    1 
ATOM   243 O O    . ASP A 1 25 ? 1.712   -8.154  3.380   1.00 15.02 ? 25  ASP A O    1 
ATOM   244 C CB   . ASP A 1 25 ? 0.794   -6.474  5.529   1.00 12.63 ? 25  ASP A CB   1 
ATOM   245 C CG   . ASP A 1 25 ? -0.008  -7.456  6.321   1.00 16.74 ? 25  ASP A CG   1 
ATOM   246 O OD1  . ASP A 1 25 ? 0.459   -8.592  6.539   1.00 19.84 ? 25  ASP A OD1  1 
ATOM   247 O OD2  . ASP A 1 25 ? -1.124  -7.082  6.719   1.00 17.49 ? 25  ASP A OD2  1 
ATOM   248 H H    . ASP A 1 25 ? 2.581   -5.180  4.158   1.00 25.00 ? 25  ASP A H    1 
ATOM   249 N N    . THR A 1 26 ? 3.160   -9.106  4.798   1.00 15.03 ? 26  THR A N    1 
ATOM   250 C CA   . THR A 1 26 ? 3.295   -10.306 3.961   1.00 13.89 ? 26  THR A CA   1 
ATOM   251 C C    . THR A 1 26 ? 2.038   -11.183 4.064   1.00 18.09 ? 26  THR A C    1 
ATOM   252 O O    . THR A 1 26 ? 1.838   -12.113 3.278   1.00 20.93 ? 26  THR A O    1 
ATOM   253 C CB   . THR A 1 26 ? 4.538   -11.150 4.314   1.00 9.76  ? 26  THR A CB   1 
ATOM   254 O OG1  . THR A 1 26 ? 4.459   -11.573 5.675   1.00 9.74  ? 26  THR A OG1  1 
ATOM   255 C CG2  . THR A 1 26 ? 5.825   -10.362 4.080   1.00 10.24 ? 26  THR A CG2  1 
ATOM   256 H H    . THR A 1 26 ? 3.696   -9.036  5.617   1.00 25.00 ? 26  THR A H    1 
ATOM   257 H HG1  . THR A 1 26 ? 3.926   -12.374 5.741   1.00 25.00 ? 26  THR A HG1  1 
ATOM   258 N N    . GLY A 1 27 ? 1.195   -10.885 5.040   1.00 15.55 ? 27  GLY A N    1 
ATOM   259 C CA   . GLY A 1 27 ? -0.023  -11.643 5.202   1.00 15.79 ? 27  GLY A CA   1 
ATOM   260 C C    . GLY A 1 27 ? -1.147  -11.143 4.327   1.00 18.78 ? 27  GLY A C    1 
ATOM   261 O O    . GLY A 1 27 ? -2.176  -11.802 4.256   1.00 23.48 ? 27  GLY A O    1 
ATOM   262 H H    . GLY A 1 27 ? 1.426   -10.171 5.656   1.00 25.00 ? 27  GLY A H    1 
ATOM   263 N N    . ALA A 1 28 ? -0.964  -9.997  3.665   1.00 16.65 ? 28  ALA A N    1 
ATOM   264 C CA   . ALA A 1 28 ? -1.993  -9.417  2.789   1.00 13.67 ? 28  ALA A CA   1 
ATOM   265 C C    . ALA A 1 28 ? -1.644  -9.580  1.317   1.00 15.25 ? 28  ALA A C    1 
ATOM   266 O O    . ALA A 1 28 ? -0.489  -9.394  0.919   1.00 15.13 ? 28  ALA A O    1 
ATOM   267 C CB   . ALA A 1 28 ? -2.161  -7.952  3.097   1.00 11.82 ? 28  ALA A CB   1 
ATOM   268 H H    . ALA A 1 28 ? -0.109  -9.523  3.708   1.00 25.00 ? 28  ALA A H    1 
ATOM   269 N N    . ASP A 1 29 ? -2.639  -9.930  0.509   1.00 16.59 ? 29  ASP A N    1 
ATOM   270 C CA   . ASP A 1 29 ? -2.445  -10.110 -0.940  1.00 20.35 ? 29  ASP A CA   1 
ATOM   271 C C    . ASP A 1 29 ? -2.479  -8.777  -1.687  1.00 19.81 ? 29  ASP A C    1 
ATOM   272 O O    . ASP A 1 29 ? -1.768  -8.594  -2.679  1.00 21.10 ? 29  ASP A O    1 
ATOM   273 C CB   . ASP A 1 29 ? -3.538  -11.016 -1.525  1.00 23.36 ? 29  ASP A CB   1 
ATOM   274 C CG   . ASP A 1 29 ? -3.723  -12.300 -0.734  1.00 25.06 ? 29  ASP A CG   1 
ATOM   275 O OD1  . ASP A 1 29 ? -2.713  -12.899 -0.313  1.00 24.58 ? 29  ASP A OD1  1 
ATOM   276 O OD2  . ASP A 1 29 ? -4.889  -12.692 -0.521  1.00 29.90 ? 29  ASP A OD2  1 
ATOM   277 H H    . ASP A 1 29 ? -3.515  -10.091 0.908   1.00 25.00 ? 29  ASP A H    1 
ATOM   278 N N    . ASP A 1 30 ? -3.336  -7.871  -1.211  1.00 20.27 ? 30  ASP A N    1 
ATOM   279 C CA   . ASP A 1 30 ? -3.527  -6.541  -1.793  1.00 20.62 ? 30  ASP A CA   1 
ATOM   280 C C    . ASP A 1 30 ? -3.251  -5.396  -0.814  1.00 18.14 ? 30  ASP A C    1 
ATOM   281 O O    . ASP A 1 30 ? -3.018  -5.611  0.369   1.00 17.71 ? 30  ASP A O    1 
ATOM   282 C CB   . ASP A 1 30 ? -4.948  -6.396  -2.326  1.00 26.53 ? 30  ASP A CB   1 
ATOM   283 C CG   . ASP A 1 30 ? -5.286  -7.425  -3.383  1.00 33.52 ? 30  ASP A CG   1 
ATOM   284 O OD1  . ASP A 1 30 ? -4.445  -7.653  -4.290  1.00 37.70 ? 30  ASP A OD1  1 
ATOM   285 O OD2  . ASP A 1 30 ? -6.399  -8.001  -3.298  1.00 38.94 ? 30  ASP A OD2  1 
ATOM   286 H H    . ASP A 1 30 ? -3.847  -8.077  -0.406  1.00 25.00 ? 30  ASP A H    1 
ATOM   287 N N    . SER A 1 31 ? -3.330  -4.176  -1.322  1.00 18.00 ? 31  SER A N    1 
ATOM   288 C CA   . SER A 1 31 ? -3.068  -3.004  -0.523  1.00 15.01 ? 31  SER A CA   1 
ATOM   289 C C    . SER A 1 31 ? -4.267  -2.064  -0.411  1.00 14.51 ? 31  SER A C    1 
ATOM   290 O O    . SER A 1 31 ? -4.932  -1.763  -1.399  1.00 16.32 ? 31  SER A O    1 
ATOM   291 C CB   . SER A 1 31 ? -1.876  -2.260  -1.122  1.00 12.89 ? 31  SER A CB   1 
ATOM   292 O OG   . SER A 1 31 ? -0.755  -3.111  -1.200  1.00 12.49 ? 31  SER A OG   1 
ATOM   293 H H    . SER A 1 31 ? -3.525  -4.065  -2.270  1.00 25.00 ? 31  SER A H    1 
ATOM   294 H HG   . SER A 1 31 ? -0.954  -3.790  -1.857  1.00 25.00 ? 31  SER A HG   1 
ATOM   295 N N    . ILE A 1 32 ? -4.550  -1.616  0.803   1.00 15.70 ? 32  ILE A N    1 
ATOM   296 C CA   . ILE A 1 32 ? -5.642  -0.682  1.042   1.00 16.68 ? 32  ILE A CA   1 
ATOM   297 C C    . ILE A 1 32 ? -5.116  0.371   2.007   1.00 16.71 ? 32  ILE A C    1 
ATOM   298 O O    . ILE A 1 32 ? -4.405  0.074   2.973   1.00 16.87 ? 32  ILE A O    1 
ATOM   299 C CB   . ILE A 1 32 ? -6.931  -1.368  1.571   1.00 18.34 ? 32  ILE A CB   1 
ATOM   300 C CG1  . ILE A 1 32 ? -8.045  -0.321  1.703   1.00 15.01 ? 32  ILE A CG1  1 
ATOM   301 C CG2  . ILE A 1 32 ? -6.661  -2.127  2.876   1.00 20.29 ? 32  ILE A CG2  1 
ATOM   302 C CD1  . ILE A 1 32 ? -9.368  -0.899  2.076   1.00 21.04 ? 32  ILE A CD1  1 
ATOM   303 H H    . ILE A 1 32 ? -3.998  -1.874  1.575   1.00 25.00 ? 32  ILE A H    1 
ATOM   304 N N    . VAL A 1 33 ? -5.496  1.606   1.749   1.00 19.15 ? 33  VAL A N    1 
ATOM   305 C CA   . VAL A 1 33 ? -5.005  2.738   2.511   1.00 17.12 ? 33  VAL A CA   1 
ATOM   306 C C    . VAL A 1 33 ? -6.154  3.754   2.710   1.00 16.70 ? 33  VAL A C    1 
ATOM   307 O O    . VAL A 1 33 ? -7.159  3.713   1.998   1.00 14.01 ? 33  VAL A O    1 
ATOM   308 C CB   . VAL A 1 33 ? -3.826  3.330   1.654   1.00 19.09 ? 33  VAL A CB   1 
ATOM   309 C CG1  . VAL A 1 33 ? -3.972  4.792   1.430   1.00 19.91 ? 33  VAL A CG1  1 
ATOM   310 C CG2  . VAL A 1 33 ? -2.458  2.913   2.183   1.00 12.74 ? 33  VAL A CG2  1 
ATOM   311 H H    . VAL A 1 33 ? -6.147  1.783   1.034   1.00 25.00 ? 33  VAL A H    1 
ATOM   312 N N    . THR A 1 34 ? -6.052  4.608   3.719   1.00 16.95 ? 34  THR A N    1 
ATOM   313 C CA   . THR A 1 34 ? -7.063  5.635   3.908   1.00 17.79 ? 34  THR A CA   1 
ATOM   314 C C    . THR A 1 34 ? -6.397  6.960   4.292   1.00 15.62 ? 34  THR A C    1 
ATOM   315 O O    . THR A 1 34 ? -5.186  7.030   4.532   1.00 12.95 ? 34  THR A O    1 
ATOM   316 C CB   . THR A 1 34 ? -8.211  5.202   4.882   1.00 19.25 ? 34  THR A CB   1 
ATOM   317 O OG1  . THR A 1 34 ? -9.315  6.099   4.733   1.00 26.57 ? 34  THR A OG1  1 
ATOM   318 C CG2  . THR A 1 34 ? -7.777  5.215   6.345   1.00 18.67 ? 34  THR A CG2  1 
ATOM   319 H H    . THR A 1 34 ? -5.306  4.550   4.354   1.00 25.00 ? 34  THR A H    1 
ATOM   320 H HG1  . THR A 1 34 ? -9.179  6.889   5.255   1.00 25.00 ? 34  THR A HG1  1 
ATOM   321 N N    . GLY A 1 35 ? -7.163  8.032   4.194   1.00 21.23 ? 35  GLY A N    1 
ATOM   322 C CA   . GLY A 1 35 ? -6.636  9.337   4.530   1.00 23.76 ? 35  GLY A CA   1 
ATOM   323 C C    . GLY A 1 35 ? -5.998  10.098  3.379   1.00 27.89 ? 35  GLY A C    1 
ATOM   324 O O    . GLY A 1 35 ? -5.360  11.129  3.598   1.00 34.08 ? 35  GLY A O    1 
ATOM   325 H H    . GLY A 1 35 ? -8.083  7.941   3.862   1.00 25.00 ? 35  GLY A H    1 
ATOM   326 N N    . ILE A 1 36 ? -6.121  9.592   2.159   1.00 22.33 ? 36  ILE A N    1 
ATOM   327 C CA   . ILE A 1 36 ? -5.557  10.296  1.016   1.00 20.93 ? 36  ILE A CA   1 
ATOM   328 C C    . ILE A 1 36 ? -6.671  10.425  -0.014  1.00 18.69 ? 36  ILE A C    1 
ATOM   329 O O    . ILE A 1 36 ? -7.687  9.742   0.102   1.00 23.53 ? 36  ILE A O    1 
ATOM   330 C CB   . ILE A 1 36 ? -4.321  9.576   0.424   1.00 18.86 ? 36  ILE A CB   1 
ATOM   331 C CG1  . ILE A 1 36 ? -4.685  8.153   0.017   1.00 19.11 ? 36  ILE A CG1  1 
ATOM   332 C CG2  . ILE A 1 36 ? -3.179  9.583   1.427   1.00 17.95 ? 36  ILE A CG2  1 
ATOM   333 C CD1  . ILE A 1 36 ? -3.733  7.562   -0.967  1.00 19.71 ? 36  ILE A CD1  1 
ATOM   334 H H    . ILE A 1 36 ? -6.617  8.771   1.987   1.00 25.00 ? 36  ILE A H    1 
ATOM   335 N N    . GLU A 1 37 ? -6.546  11.362  -0.943  1.00 16.87 ? 37  GLU A N    1 
ATOM   336 C CA   . GLU A 1 37 ? -7.577  11.539  -1.956  1.00 18.20 ? 37  GLU A CA   1 
ATOM   337 C C    . GLU A 1 37 ? -6.992  11.392  -3.324  1.00 18.50 ? 37  GLU A C    1 
ATOM   338 O O    . GLU A 1 37 ? -6.370  12.321  -3.842  1.00 22.32 ? 37  GLU A O    1 
ATOM   339 C CB   . GLU A 1 37 ? -8.263  12.892  -1.826  1.00 21.56 ? 37  GLU A CB   1 
ATOM   340 C CG   . GLU A 1 37 ? -9.646  12.766  -1.238  1.00 26.53 ? 37  GLU A CG   1 
ATOM   341 C CD   . GLU A 1 37 ? -10.558 11.781  -2.018  1.00 30.99 ? 37  GLU A CD   1 
ATOM   342 O OE1  . GLU A 1 37 ? -10.343 11.506  -3.249  1.00 30.98 ? 37  GLU A OE1  1 
ATOM   343 O OE2  . GLU A 1 37 ? -11.517 11.289  -1.379  1.00 30.77 ? 37  GLU A OE2  1 
ATOM   344 H H    . GLU A 1 37 ? -5.759  11.944  -0.934  1.00 25.00 ? 37  GLU A H    1 
ATOM   345 N N    . LEU A 1 38 ? -7.235  10.238  -3.934  1.00 16.59 ? 38  LEU A N    1 
ATOM   346 C CA   . LEU A 1 38 ? -6.672  9.954   -5.244  1.00 15.97 ? 38  LEU A CA   1 
ATOM   347 C C    . LEU A 1 38 ? -7.547  10.327  -6.414  1.00 17.56 ? 38  LEU A C    1 
ATOM   348 O O    . LEU A 1 38 ? -7.182  10.095  -7.562  1.00 21.33 ? 38  LEU A O    1 
ATOM   349 C CB   . LEU A 1 38 ? -6.216  8.500   -5.338  1.00 16.57 ? 38  LEU A CB   1 
ATOM   350 C CG   . LEU A 1 38 ? -5.063  8.172   -4.386  1.00 19.18 ? 38  LEU A CG   1 
ATOM   351 C CD1  . LEU A 1 38 ? -4.801  6.690   -4.430  1.00 17.51 ? 38  LEU A CD1  1 
ATOM   352 C CD2  . LEU A 1 38 ? -3.816  8.974   -4.764  1.00 15.80 ? 38  LEU A CD2  1 
ATOM   353 H H    . LEU A 1 38 ? -7.793  9.572   -3.480  1.00 25.00 ? 38  LEU A H    1 
ATOM   354 N N    . GLY A 1 39 ? -8.728  10.860  -6.147  1.00 18.31 ? 39  GLY A N    1 
ATOM   355 C CA   . GLY A 1 39 ? -9.533  11.277  -7.270  1.00 20.54 ? 39  GLY A CA   1 
ATOM   356 C C    . GLY A 1 39 ? -10.769 10.502  -7.678  1.00 21.16 ? 39  GLY A C    1 
ATOM   357 O O    . GLY A 1 39 ? -11.121 9.466   -7.104  1.00 18.30 ? 39  GLY A O    1 
ATOM   358 H H    . GLY A 1 39 ? -9.051  10.978  -5.235  1.00 25.00 ? 39  GLY A H    1 
ATOM   359 N N    . PRO A 1 40 ? -11.439 11.017  -8.714  1.00 21.30 ? 40  PRO A N    1 
ATOM   360 C CA   . PRO A 1 40 ? -12.667 10.503  -9.315  1.00 21.87 ? 40  PRO A CA   1 
ATOM   361 C C    . PRO A 1 40 ? -12.526 9.343   -10.287 1.00 17.51 ? 40  PRO A C    1 
ATOM   362 O O    . PRO A 1 40 ? -13.516 8.705   -10.625 1.00 20.50 ? 40  PRO A O    1 
ATOM   363 C CB   . PRO A 1 40 ? -13.220 11.748  -10.006 1.00 20.36 ? 40  PRO A CB   1 
ATOM   364 C CG   . PRO A 1 40 ? -11.957 12.376  -10.549 1.00 20.69 ? 40  PRO A CG   1 
ATOM   365 C CD   . PRO A 1 40 ? -10.979 12.237  -9.415  1.00 18.83 ? 40  PRO A CD   1 
ATOM   366 N N    . HIS A 1 41 ? -11.299 9.049   -10.699 1.00 16.72 ? 41  HIS A N    1 
ATOM   367 C CA   . HIS A 1 41 ? -11.073 7.994   -11.660 1.00 22.19 ? 41  HIS A CA   1 
ATOM   368 C C    . HIS A 1 41 ? -10.708 6.650   -11.041 1.00 21.66 ? 41  HIS A C    1 
ATOM   369 O O    . HIS A 1 41 ? -9.554  6.238   -11.086 1.00 24.10 ? 41  HIS A O    1 
ATOM   370 C CB   . HIS A 1 41 ? -9.979  8.436   -12.622 1.00 29.37 ? 41  HIS A CB   1 
ATOM   371 C CG   . HIS A 1 41 ? -10.291 8.163   -14.065 1.00 34.68 ? 41  HIS A CG   1 
ATOM   372 N ND1  . HIS A 1 41 ? -9.908  7.003   -14.704 1.00 35.50 ? 41  HIS A ND1  1 
ATOM   373 C CD2  . HIS A 1 41 ? -10.905 8.927   -15.003 1.00 34.60 ? 41  HIS A CD2  1 
ATOM   374 C CE1  . HIS A 1 41 ? -10.267 7.069   -15.975 1.00 37.85 ? 41  HIS A CE1  1 
ATOM   375 N NE2  . HIS A 1 41 ? -10.873 8.225   -16.180 1.00 35.89 ? 41  HIS A NE2  1 
ATOM   376 H H    . HIS A 1 41 ? -10.531 9.514   -10.311 1.00 25.00 ? 41  HIS A H    1 
ATOM   377 H HD1  . HIS A 1 41 ? -9.446  6.245   -14.283 1.00 25.00 ? 41  HIS A HD1  1 
ATOM   378 H HE2  . HIS A 1 41 ? -11.239 8.536   -17.040 1.00 25.00 ? 41  HIS A HE2  1 
ATOM   379 N N    . TYR A 1 42 ? -11.701 5.917   -10.565 1.00 20.35 ? 42  TYR A N    1 
ATOM   380 C CA   . TYR A 1 42 ? -11.447 4.628   -9.927  1.00 21.63 ? 42  TYR A CA   1 
ATOM   381 C C    . TYR A 1 42 ? -12.494 3.579   -10.307 1.00 19.17 ? 42  TYR A C    1 
ATOM   382 O O    . TYR A 1 42 ? -13.538 3.897   -10.865 1.00 22.66 ? 42  TYR A O    1 
ATOM   383 C CB   . TYR A 1 42 ? -11.470 4.806   -8.401  1.00 18.99 ? 42  TYR A CB   1 
ATOM   384 C CG   . TYR A 1 42 ? -12.806 5.294   -7.900  1.00 18.70 ? 42  TYR A CG   1 
ATOM   385 C CD1  . TYR A 1 42 ? -13.852 4.400   -7.660  1.00 20.99 ? 42  TYR A CD1  1 
ATOM   386 C CD2  . TYR A 1 42 ? -13.055 6.645   -7.765  1.00 20.66 ? 42  TYR A CD2  1 
ATOM   387 C CE1  . TYR A 1 42 ? -15.107 4.839   -7.312  1.00 21.47 ? 42  TYR A CE1  1 
ATOM   388 C CE2  . TYR A 1 42 ? -14.305 7.101   -7.410  1.00 26.53 ? 42  TYR A CE2  1 
ATOM   389 C CZ   . TYR A 1 42 ? -15.330 6.192   -7.183  1.00 26.50 ? 42  TYR A CZ   1 
ATOM   390 O OH   . TYR A 1 42 ? -16.569 6.650   -6.802  1.00 31.23 ? 42  TYR A OH   1 
ATOM   391 H H    . TYR A 1 42 ? -12.637 6.208   -10.644 1.00 25.00 ? 42  TYR A H    1 
ATOM   392 H HH   . TYR A 1 42 ? -16.535 7.611   -6.744  1.00 25.00 ? 42  TYR A HH   1 
ATOM   393 N N    . THR A 1 43 ? -12.224 2.336   -9.943  1.00 22.37 ? 43  THR A N    1 
ATOM   394 C CA   . THR A 1 43 ? -13.137 1.235   -10.200 1.00 22.26 ? 43  THR A CA   1 
ATOM   395 C C    . THR A 1 43 ? -13.644 0.814   -8.839  1.00 22.98 ? 43  THR A C    1 
ATOM   396 O O    . THR A 1 43 ? -12.864 0.417   -7.967  1.00 22.84 ? 43  THR A O    1 
ATOM   397 C CB   . THR A 1 43 ? -12.427 0.041   -10.796 1.00 24.68 ? 43  THR A CB   1 
ATOM   398 O OG1  . THR A 1 43 ? -11.794 0.430   -12.018 1.00 27.10 ? 43  THR A OG1  1 
ATOM   399 C CG2  . THR A 1 43 ? -13.426 -1.078  -11.060 1.00 24.07 ? 43  THR A CG2  1 
ATOM   400 H H    . THR A 1 43 ? -11.373 2.132   -9.506  1.00 25.00 ? 43  THR A H    1 
ATOM   401 H HG1  . THR A 1 43 ? -11.118 -0.216  -12.248 1.00 25.00 ? 43  THR A HG1  1 
ATOM   402 N N    . PRO A 1 44 ? -14.947 0.943   -8.618  1.00 22.51 ? 44  PRO A N    1 
ATOM   403 C CA   . PRO A 1 44 ? -15.502 0.557   -7.324  1.00 25.24 ? 44  PRO A CA   1 
ATOM   404 C C    . PRO A 1 44 ? -15.238 -0.921  -7.084  1.00 28.21 ? 44  PRO A C    1 
ATOM   405 O O    . PRO A 1 44 ? -15.386 -1.731  -8.004  1.00 30.56 ? 44  PRO A O    1 
ATOM   406 C CB   . PRO A 1 44 ? -16.996 0.832   -7.505  1.00 21.51 ? 44  PRO A CB   1 
ATOM   407 C CG   . PRO A 1 44 ? -17.205 0.629   -8.998  1.00 23.90 ? 44  PRO A CG   1 
ATOM   408 C CD   . PRO A 1 44 ? -16.008 1.340   -9.563  1.00 24.56 ? 44  PRO A CD   1 
ATOM   409 N N    . LYS A 1 45 ? -14.772 -1.265  -5.890  1.00 27.27 ? 45  LYS A N    1 
ATOM   410 C CA   . LYS A 1 45 ? -14.533 -2.664  -5.563  1.00 31.49 ? 45  LYS A CA   1 
ATOM   411 C C    . LYS A 1 45 ? -15.178 -3.013  -4.241  1.00 32.00 ? 45  LYS A C    1 
ATOM   412 O O    . LYS A 1 45 ? -15.516 -2.137  -3.457  1.00 31.82 ? 45  LYS A O    1 
ATOM   413 C CB   . LYS A 1 45 ? -13.048 -3.010  -5.524  1.00 32.33 ? 45  LYS A CB   1 
ATOM   414 C CG   . LYS A 1 45 ? -12.469 -3.393  -6.883  1.00 38.00 ? 45  LYS A CG   1 
ATOM   415 C CD   . LYS A 1 45 ? -11.632 -4.659  -6.786  1.00 43.77 ? 45  LYS A CD   1 
ATOM   416 C CE   . LYS A 1 45 ? -10.649 -4.584  -5.613  1.00 47.81 ? 45  LYS A CE   1 
ATOM   417 N NZ   . LYS A 1 45 ? -9.912  -5.858  -5.396  1.00 50.86 ? 45  LYS A NZ   1 
ATOM   418 H H    . LYS A 1 45 ? -14.633 -0.586  -5.202  1.00 25.00 ? 45  LYS A H    1 
ATOM   419 H HZ1  . LYS A 1 45 ? -10.610 -6.606  -5.207  1.00 25.00 ? 45  LYS A HZ1  1 
ATOM   420 H HZ2  . LYS A 1 45 ? -9.374  -6.099  -6.252  1.00 25.00 ? 45  LYS A HZ2  1 
ATOM   421 H HZ3  . LYS A 1 45 ? -9.269  -5.768  -4.583  1.00 25.00 ? 45  LYS A HZ3  1 
ATOM   422 N N    . ILE A 1 46 ? -15.436 -4.294  -4.049  1.00 33.45 ? 46  ILE A N    1 
ATOM   423 C CA   . ILE A 1 46 ? -16.032 -4.772  -2.822  1.00 36.75 ? 46  ILE A CA   1 
ATOM   424 C C    . ILE A 1 46 ? -15.096 -5.864  -2.357  1.00 40.96 ? 46  ILE A C    1 
ATOM   425 O O    . ILE A 1 46 ? -14.763 -6.772  -3.126  1.00 41.13 ? 46  ILE A O    1 
ATOM   426 C CB   . ILE A 1 46 ? -17.449 -5.319  -3.061  1.00 36.11 ? 46  ILE A CB   1 
ATOM   427 C CG1  . ILE A 1 46 ? -18.379 -4.156  -3.443  1.00 35.59 ? 46  ILE A CG1  1 
ATOM   428 C CG2  . ILE A 1 46 ? -17.948 -6.044  -1.811  1.00 36.03 ? 46  ILE A CG2  1 
ATOM   429 C CD1  . ILE A 1 46 ? -19.759 -4.558  -3.879  1.00 30.76 ? 46  ILE A CD1  1 
ATOM   430 H H    . ILE A 1 46 ? -15.198 -4.966  -4.718  1.00 25.00 ? 46  ILE A H    1 
ATOM   431 N N    . VAL A 1 47 ? -14.585 -5.701  -1.142  1.00 46.22 ? 47  VAL A N    1 
ATOM   432 C CA   . VAL A 1 47 ? -13.646 -6.651  -0.553  1.00 48.14 ? 47  VAL A CA   1 
ATOM   433 C C    . VAL A 1 47 ? -14.079 -6.955  0.880   1.00 51.39 ? 47  VAL A C    1 
ATOM   434 O O    . VAL A 1 47 ? -14.655 -6.052  1.511   1.00 50.38 ? 47  VAL A O    1 
ATOM   435 C CB   . VAL A 1 47 ? -12.191 -6.091  -0.570  1.00 46.17 ? 47  VAL A CB   1 
ATOM   436 C CG1  . VAL A 1 47 ? -11.624 -6.107  -1.993  1.00 45.74 ? 47  VAL A CG1  1 
ATOM   437 C CG2  . VAL A 1 47 ? -12.165 -4.674  -0.041  1.00 44.18 ? 47  VAL A CG2  1 
ATOM   438 H H    . VAL A 1 47 ? -14.867 -4.965  -0.554  1.00 25.00 ? 47  VAL A H    1 
ATOM   439 N N    . GLY A 1 52 ? -14.798 -7.281  6.922   1.00 85.19 ? 52  GLY A N    1 
ATOM   440 C CA   . GLY A 1 52 ? -16.100 -7.702  6.357   1.00 84.97 ? 52  GLY A CA   1 
ATOM   441 C C    . GLY A 1 52 ? -16.039 -7.410  4.875   1.00 83.62 ? 52  GLY A C    1 
ATOM   442 O O    . GLY A 1 52 ? -14.969 -7.554  4.277   1.00 85.08 ? 52  GLY A O    1 
ATOM   443 N N    . PHE A 1 53 ? -17.159 -6.976  4.300   1.00 79.59 ? 53  PHE A N    1 
ATOM   444 C CA   . PHE A 1 53 ? -17.218 -6.638  2.885   1.00 73.43 ? 53  PHE A CA   1 
ATOM   445 C C    . PHE A 1 53 ? -17.353 -5.122  2.824   1.00 70.44 ? 53  PHE A C    1 
ATOM   446 O O    . PHE A 1 53 ? -18.443 -4.574  3.028   1.00 72.73 ? 53  PHE A O    1 
ATOM   447 C CB   . PHE A 1 53 ? -18.408 -7.319  2.209   1.00 71.36 ? 53  PHE A CB   1 
ATOM   448 H H    . PHE A 1 53 ? -17.982 -6.787  4.799   1.00 25.00 ? 53  PHE A H    1 
ATOM   449 N N    . ILE A 1 54 ? -16.220 -4.441  2.723   1.00 63.30 ? 54  ILE A N    1 
ATOM   450 C CA   . ILE A 1 54 ? -16.225 -2.997  2.635   1.00 55.69 ? 54  ILE A CA   1 
ATOM   451 C C    . ILE A 1 54 ? -16.218 -2.583  1.174   1.00 49.69 ? 54  ILE A C    1 
ATOM   452 O O    . ILE A 1 54 ? -15.963 -3.386  0.269   1.00 44.89 ? 54  ILE A O    1 
ATOM   453 C CB   . ILE A 1 54 ? -15.010 -2.344  3.355   1.00 57.66 ? 54  ILE A CB   1 
ATOM   454 C CG1  . ILE A 1 54 ? -13.706 -2.687  2.651   1.00 56.79 ? 54  ILE A CG1  1 
ATOM   455 C CG2  . ILE A 1 54 ? -14.920 -2.814  4.795   1.00 60.58 ? 54  ILE A CG2  1 
ATOM   456 C CD1  . ILE A 1 54 ? -12.579 -1.816  3.101   1.00 57.40 ? 54  ILE A CD1  1 
ATOM   457 H H    . ILE A 1 54 ? -15.367 -4.903  2.724   1.00 25.00 ? 54  ILE A H    1 
ATOM   458 N N    . ASN A 1 55 ? -16.529 -1.313  0.962   1.00 43.81 ? 55  ASN A N    1 
ATOM   459 C CA   . ASN A 1 55 ? -16.561 -0.725  -0.357  1.00 37.54 ? 55  ASN A CA   1 
ATOM   460 C C    . ASN A 1 55 ? -15.247 0.025   -0.533  1.00 29.93 ? 55  ASN A C    1 
ATOM   461 O O    . ASN A 1 55 ? -14.867 0.809   0.327   1.00 30.65 ? 55  ASN A O    1 
ATOM   462 C CB   . ASN A 1 55 ? -17.731 0.244   -0.448  1.00 43.50 ? 55  ASN A CB   1 
ATOM   463 C CG   . ASN A 1 55 ? -18.742 -0.166  -1.486  1.00 48.07 ? 55  ASN A CG   1 
ATOM   464 O OD1  . ASN A 1 55 ? -18.430 -0.269  -2.681  1.00 53.83 ? 55  ASN A OD1  1 
ATOM   465 N ND2  . ASN A 1 55 ? -19.973 -0.372  -1.049  1.00 49.34 ? 55  ASN A ND2  1 
ATOM   466 H H    . ASN A 1 55 ? -16.728 -0.745  1.729   1.00 25.00 ? 55  ASN A H    1 
ATOM   467 H HD21 . ASN A 1 55 ? -20.610 -0.629  -1.747  1.00 25.00 ? 55  ASN A HD21 1 
ATOM   468 H HD22 . ASN A 1 55 ? -20.196 -0.259  -0.106  1.00 25.00 ? 55  ASN A HD22 1 
ATOM   469 N N    . THR A 1 56 ? -14.544 -0.232  -1.625  1.00 24.22 ? 56  THR A N    1 
ATOM   470 C CA   . THR A 1 56 ? -13.272 0.425   -1.870  1.00 22.03 ? 56  THR A CA   1 
ATOM   471 C C    . THR A 1 56 ? -13.231 1.035   -3.256  1.00 18.44 ? 56  THR A C    1 
ATOM   472 O O    . THR A 1 56 ? -14.101 0.801   -4.087  1.00 22.47 ? 56  THR A O    1 
ATOM   473 C CB   . THR A 1 56 ? -12.063 -0.546  -1.696  1.00 21.64 ? 56  THR A CB   1 
ATOM   474 O OG1  . THR A 1 56 ? -12.127 -1.585  -2.673  1.00 25.33 ? 56  THR A OG1  1 
ATOM   475 C CG2  . THR A 1 56 ? -12.048 -1.160  -0.305  1.00 20.30 ? 56  THR A CG2  1 
ATOM   476 H H    . THR A 1 56 ? -14.906 -0.823  -2.312  1.00 25.00 ? 56  THR A H    1 
ATOM   477 H HG1  . THR A 1 56 ? -12.945 -2.075  -2.524  1.00 25.00 ? 56  THR A HG1  1 
ATOM   478 N N    . LYS A 1 57 ? -12.237 1.871   -3.480  1.00 14.61 ? 57  LYS A N    1 
ATOM   479 C CA   . LYS A 1 57 ? -12.053 2.520   -4.760  1.00 12.42 ? 57  LYS A CA   1 
ATOM   480 C C    . LYS A 1 57 ? -10.694 2.043   -5.217  1.00 15.39 ? 57  LYS A C    1 
ATOM   481 O O    . LYS A 1 57 ? -9.701  2.161   -4.480  1.00 14.80 ? 57  LYS A O    1 
ATOM   482 C CB   . LYS A 1 57 ? -12.025 4.023   -4.579  1.00 13.67 ? 57  LYS A CB   1 
ATOM   483 C CG   . LYS A 1 57 ? -13.340 4.637   -4.139  1.00 14.97 ? 57  LYS A CG   1 
ATOM   484 C CD   . LYS A 1 57 ? -13.147 6.115   -3.853  1.00 16.03 ? 57  LYS A CD   1 
ATOM   485 C CE   . LYS A 1 57 ? -14.419 6.765   -3.350  1.00 22.00 ? 57  LYS A CE   1 
ATOM   486 N NZ   . LYS A 1 57 ? -14.166 8.124   -2.776  1.00 24.46 ? 57  LYS A NZ   1 
ATOM   487 H H    . LYS A 1 57 ? -11.587 2.050   -2.766  1.00 25.00 ? 57  LYS A H    1 
ATOM   488 H HZ1  . LYS A 1 57 ? -13.737 8.730   -3.502  1.00 25.00 ? 57  LYS A HZ1  1 
ATOM   489 H HZ2  . LYS A 1 57 ? -15.072 8.536   -2.476  1.00 25.00 ? 57  LYS A HZ2  1 
ATOM   490 H HZ3  . LYS A 1 57 ? -13.530 8.047   -1.957  1.00 25.00 ? 57  LYS A HZ3  1 
ATOM   491 N N    . GLU A 1 58 ? -10.658 1.441   -6.397  1.00 15.62 ? 58  GLU A N    1 
ATOM   492 C CA   . GLU A 1 58 ? -9.417  0.936   -6.939  1.00 15.69 ? 58  GLU A CA   1 
ATOM   493 C C    . GLU A 1 58 ? -8.815  1.886   -7.954  1.00 15.64 ? 58  GLU A C    1 
ATOM   494 O O    . GLU A 1 58 ? -9.483  2.302   -8.891  1.00 15.46 ? 58  GLU A O    1 
ATOM   495 C CB   . GLU A 1 58 ? -9.622  -0.432  -7.575  1.00 17.17 ? 58  GLU A CB   1 
ATOM   496 C CG   . GLU A 1 58 ? -8.316  -1.131  -7.873  1.00 20.13 ? 58  GLU A CG   1 
ATOM   497 C CD   . GLU A 1 58 ? -8.512  -2.511  -8.451  1.00 28.91 ? 58  GLU A CD   1 
ATOM   498 O OE1  . GLU A 1 58 ? -8.879  -2.607  -9.652  1.00 30.82 ? 58  GLU A OE1  1 
ATOM   499 O OE2  . GLU A 1 58 ? -8.294  -3.494  -7.697  1.00 31.00 ? 58  GLU A OE2  1 
ATOM   500 H H    . GLU A 1 58 ? -11.480 1.310   -6.912  1.00 25.00 ? 58  GLU A H    1 
ATOM   501 N N    . TYR A 1 59 ? -7.555  2.246   -7.727  1.00 14.29 ? 59  TYR A N    1 
ATOM   502 C CA   . TYR A 1 59 ? -6.802  3.134   -8.601  1.00 14.13 ? 59  TYR A CA   1 
ATOM   503 C C    . TYR A 1 59 ? -5.654  2.309   -9.175  1.00 13.66 ? 59  TYR A C    1 
ATOM   504 O O    . TYR A 1 59 ? -5.003  1.544   -8.475  1.00 22.63 ? 59  TYR A O    1 
ATOM   505 C CB   . TYR A 1 59 ? -6.268  4.346   -7.813  1.00 11.22 ? 59  TYR A CB   1 
ATOM   506 C CG   . TYR A 1 59 ? -7.360  5.197   -7.209  1.00 10.55 ? 59  TYR A CG   1 
ATOM   507 C CD1  . TYR A 1 59 ? -7.874  4.908   -5.950  1.00 7.85  ? 59  TYR A CD1  1 
ATOM   508 C CD2  . TYR A 1 59 ? -7.897  6.282   -7.902  1.00 10.04 ? 59  TYR A CD2  1 
ATOM   509 C CE1  . TYR A 1 59 ? -8.893  5.668   -5.394  1.00 7.55  ? 59  TYR A CE1  1 
ATOM   510 C CE2  . TYR A 1 59 ? -8.916  7.050   -7.345  1.00 9.71  ? 59  TYR A CE2  1 
ATOM   511 C CZ   . TYR A 1 59 ? -9.400  6.732   -6.088  1.00 10.57 ? 59  TYR A CZ   1 
ATOM   512 O OH   . TYR A 1 59 ? -10.363 7.501   -5.486  1.00 13.73 ? 59  TYR A OH   1 
ATOM   513 H H    . TYR A 1 59 ? -7.102  1.890   -6.936  1.00 25.00 ? 59  TYR A H    1 
ATOM   514 H HH   . TYR A 1 59 ? -10.790 6.964   -4.815  1.00 25.00 ? 59  TYR A HH   1 
ATOM   515 N N    . LYS A 1 60 ? -5.411  2.440   -10.460 1.00 16.25 ? 60  LYS A N    1 
ATOM   516 C CA   . LYS A 1 60 ? -4.354  1.670   -11.067 1.00 21.19 ? 60  LYS A CA   1 
ATOM   517 C C    . LYS A 1 60 ? -3.352  2.644   -11.645 1.00 20.71 ? 60  LYS A C    1 
ATOM   518 O O    . LYS A 1 60 ? -3.691  3.799   -11.890 1.00 23.43 ? 60  LYS A O    1 
ATOM   519 C CB   . LYS A 1 60 ? -4.937  0.769   -12.164 1.00 22.92 ? 60  LYS A CB   1 
ATOM   520 H H    . LYS A 1 60 ? -5.893  3.099   -11.000 1.00 25.00 ? 60  LYS A H    1 
ATOM   521 N N    . ASN A 1 61 ? -2.104  2.215   -11.771 1.00 22.31 ? 61  ASN A N    1 
ATOM   522 C CA   . ASN A 1 61 ? -1.078  3.064   -12.354 1.00 23.05 ? 61  ASN A CA   1 
ATOM   523 C C    . ASN A 1 61 ? -0.772  4.310   -11.485 1.00 22.09 ? 61  ASN A C    1 
ATOM   524 O O    . ASN A 1 61 ? -0.440  5.373   -11.994 1.00 26.33 ? 61  ASN A O    1 
ATOM   525 C CB   . ASN A 1 61 ? -1.532  3.443   -13.762 1.00 28.14 ? 61  ASN A CB   1 
ATOM   526 C CG   . ASN A 1 61 ? -0.446  4.064   -14.586 1.00 35.47 ? 61  ASN A CG   1 
ATOM   527 O OD1  . ASN A 1 61 ? 0.740   3.939   -14.274 1.00 42.73 ? 61  ASN A OD1  1 
ATOM   528 N ND2  . ASN A 1 61 ? -0.836  4.706   -15.683 1.00 37.83 ? 61  ASN A ND2  1 
ATOM   529 H H    . ASN A 1 61 ? -1.861  1.327   -11.447 1.00 25.00 ? 61  ASN A H    1 
ATOM   530 H HD21 . ASN A 1 61 ? -0.129  5.117   -16.217 1.00 25.00 ? 61  ASN A HD21 1 
ATOM   531 H HD22 . ASN A 1 61 ? -1.791  4.734   -15.889 1.00 25.00 ? 61  ASN A HD22 1 
ATOM   532 N N    . VAL A 1 62 ? -0.859  4.152   -10.166 1.00 18.44 ? 62  VAL A N    1 
ATOM   533 C CA   . VAL A 1 62 ? -0.583  5.229   -9.202  1.00 17.73 ? 62  VAL A CA   1 
ATOM   534 C C    . VAL A 1 62 ? 0.901   5.265   -8.836  1.00 16.74 ? 62  VAL A C    1 
ATOM   535 O O    . VAL A 1 62 ? 1.536   4.223   -8.614  1.00 15.95 ? 62  VAL A O    1 
ATOM   536 C CB   . VAL A 1 62 ? -1.401  5.029   -7.902  1.00 15.75 ? 62  VAL A CB   1 
ATOM   537 C CG1  . VAL A 1 62 ? -1.143  6.135   -6.913  1.00 17.40 ? 62  VAL A CG1  1 
ATOM   538 C CG2  . VAL A 1 62 ? -2.867  4.989   -8.228  1.00 19.46 ? 62  VAL A CG2  1 
ATOM   539 H H    . VAL A 1 62 ? -1.113  3.277   -9.824  1.00 25.00 ? 62  VAL A H    1 
ATOM   540 N N    . GLU A 1 63 ? 1.450   6.468   -8.770  1.00 16.39 ? 63  GLU A N    1 
ATOM   541 C CA   . GLU A 1 63 ? 2.846   6.633   -8.412  1.00 21.09 ? 63  GLU A CA   1 
ATOM   542 C C    . GLU A 1 63 ? 3.004   6.624   -6.894  1.00 18.14 ? 63  GLU A C    1 
ATOM   543 O O    . GLU A 1 63 ? 2.369   7.422   -6.186  1.00 15.98 ? 63  GLU A O    1 
ATOM   544 C CB   . GLU A 1 63 ? 3.398   7.957   -8.947  1.00 28.17 ? 63  GLU A CB   1 
ATOM   545 C CG   . GLU A 1 63 ? 4.891   8.149   -8.641  1.00 36.10 ? 63  GLU A CG   1 
ATOM   546 C CD   . GLU A 1 63 ? 5.361   9.581   -8.822  1.00 42.62 ? 63  GLU A CD   1 
ATOM   547 O OE1  . GLU A 1 63 ? 5.220   10.116  -9.945  1.00 43.39 ? 63  GLU A OE1  1 
ATOM   548 O OE2  . GLU A 1 63 ? 5.873   10.164  -7.838  1.00 47.38 ? 63  GLU A OE2  1 
ATOM   549 H H    . GLU A 1 63 ? 0.905   7.249   -8.975  1.00 25.00 ? 63  GLU A H    1 
ATOM   550 N N    . VAL A 1 64 ? 3.816   5.696   -6.396  1.00 19.60 ? 64  VAL A N    1 
ATOM   551 C CA   . VAL A 1 64 ? 4.089   5.607   -4.973  1.00 16.25 ? 64  VAL A CA   1 
ATOM   552 C C    . VAL A 1 64 ? 5.612   5.628   -4.755  1.00 16.51 ? 64  VAL A C    1 
ATOM   553 O O    . VAL A 1 64 ? 6.394   5.146   -5.580  1.00 13.72 ? 64  VAL A O    1 
ATOM   554 C CB   . VAL A 1 64 ? 3.325   4.395   -4.237  1.00 21.95 ? 64  VAL A CB   1 
ATOM   555 C CG1  . VAL A 1 64 ? 2.404   3.604   -5.172  1.00 16.23 ? 64  VAL A CG1  1 
ATOM   556 C CG2  . VAL A 1 64 ? 4.281   3.481   -3.450  1.00 18.82 ? 64  VAL A CG2  1 
ATOM   557 H H    . VAL A 1 64 ? 4.264   5.068   -7.001  1.00 25.00 ? 64  VAL A H    1 
ATOM   558 N N    . GLU A 1 65 ? 6.035   6.328   -3.714  1.00 17.82 ? 65  GLU A N    1 
ATOM   559 C CA   . GLU A 1 65 ? 7.443   6.422   -3.394  1.00 19.92 ? 65  GLU A CA   1 
ATOM   560 C C    . GLU A 1 65 ? 7.601   6.004   -1.962  1.00 14.47 ? 65  GLU A C    1 
ATOM   561 O O    . GLU A 1 65 ? 6.956   6.541   -1.069  1.00 13.65 ? 65  GLU A O    1 
ATOM   562 C CB   . GLU A 1 65 ? 7.939   7.841   -3.595  1.00 24.06 ? 65  GLU A CB   1 
ATOM   563 C CG   . GLU A 1 65 ? 7.635   8.337   -4.966  1.00 32.54 ? 65  GLU A CG   1 
ATOM   564 C CD   . GLU A 1 65 ? 8.113   9.731   -5.160  1.00 39.60 ? 65  GLU A CD   1 
ATOM   565 O OE1  . GLU A 1 65 ? 9.352   9.918   -5.142  1.00 42.43 ? 65  GLU A OE1  1 
ATOM   566 O OE2  . GLU A 1 65 ? 7.248   10.628  -5.311  1.00 41.85 ? 65  GLU A OE2  1 
ATOM   567 H H    . GLU A 1 65 ? 5.392   6.794   -3.144  1.00 25.00 ? 65  GLU A H    1 
ATOM   568 N N    . VAL A 1 66 ? 8.435   5.001   -1.757  1.00 17.93 ? 66  VAL A N    1 
ATOM   569 C CA   . VAL A 1 66 ? 8.659   4.454   -0.439  1.00 16.27 ? 66  VAL A CA   1 
ATOM   570 C C    . VAL A 1 66 ? 9.984   3.712   -0.502  1.00 17.43 ? 66  VAL A C    1 
ATOM   571 O O    . VAL A 1 66 ? 10.376  3.225   -1.568  1.00 16.65 ? 66  VAL A O    1 
ATOM   572 C CB   . VAL A 1 66 ? 7.469   3.495   -0.054  1.00 16.42 ? 66  VAL A CB   1 
ATOM   573 C CG1  . VAL A 1 66 ? 7.351   2.357   -1.052  1.00 16.40 ? 66  VAL A CG1  1 
ATOM   574 C CG2  . VAL A 1 66 ? 7.616   2.961   1.370   1.00 14.11 ? 66  VAL A CG2  1 
ATOM   575 H H    . VAL A 1 66 ? 8.935   4.612   -2.514  1.00 25.00 ? 66  VAL A H    1 
ATOM   576 N N    . LEU A 1 67 ? 10.737  3.751   0.590   1.00 19.38 ? 67  LEU A N    1 
ATOM   577 C CA   . LEU A 1 67 ? 12.018  3.036   0.685   1.00 21.81 ? 67  LEU A CA   1 
ATOM   578 C C    . LEU A 1 67 ? 13.040  3.360   -0.402  1.00 22.52 ? 67  LEU A C    1 
ATOM   579 O O    . LEU A 1 67 ? 13.830  2.492   -0.786  1.00 25.76 ? 67  LEU A O    1 
ATOM   580 C CB   . LEU A 1 67 ? 11.774  1.520   0.684   1.00 23.34 ? 67  LEU A CB   1 
ATOM   581 C CG   . LEU A 1 67 ? 10.918  0.978   1.823   1.00 23.58 ? 67  LEU A CG   1 
ATOM   582 C CD1  . LEU A 1 67 ? 10.522  -0.472  1.550   1.00 25.15 ? 67  LEU A CD1  1 
ATOM   583 C CD2  . LEU A 1 67 ? 11.711  1.123   3.099   1.00 24.48 ? 67  LEU A CD2  1 
ATOM   584 H H    . LEU A 1 67 ? 10.392  4.274   1.349   1.00 25.00 ? 67  LEU A H    1 
ATOM   585 N N    . GLY A 1 68 ? 13.017  4.583   -0.916  1.00 18.92 ? 68  GLY A N    1 
ATOM   586 C CA   . GLY A 1 68 ? 13.981  4.947   -1.936  1.00 17.94 ? 68  GLY A CA   1 
ATOM   587 C C    . GLY A 1 68 ? 13.621  4.548   -3.350  1.00 18.22 ? 68  GLY A C    1 
ATOM   588 O O    . GLY A 1 68 ? 14.376  4.830   -4.273  1.00 25.54 ? 68  GLY A O    1 
ATOM   589 H H    . GLY A 1 68 ? 12.345  5.226   -0.621  1.00 25.00 ? 68  GLY A H    1 
ATOM   590 N N    . LYS A 1 69 ? 12.468  3.911   -3.537  1.00 21.97 ? 69  LYS A N    1 
ATOM   591 C CA   . LYS A 1 69 ? 12.015  3.496   -4.871  1.00 18.12 ? 69  LYS A CA   1 
ATOM   592 C C    . LYS A 1 69 ? 10.774  4.295   -5.270  1.00 22.33 ? 69  LYS A C    1 
ATOM   593 O O    . LYS A 1 69 ? 10.049  4.809   -4.417  1.00 21.90 ? 69  LYS A O    1 
ATOM   594 C CB   . LYS A 1 69 ? 11.654  2.010   -4.899  1.00 13.87 ? 69  LYS A CB   1 
ATOM   595 C CG   . LYS A 1 69 ? 12.412  1.154   -3.913  1.00 17.90 ? 69  LYS A CG   1 
ATOM   596 C CD   . LYS A 1 69 ? 12.935  -0.076  -4.570  1.00 21.85 ? 69  LYS A CD   1 
ATOM   597 C CE   . LYS A 1 69 ? 13.601  -0.980  -3.558  1.00 27.48 ? 69  LYS A CE   1 
ATOM   598 N NZ   . LYS A 1 69 ? 14.624  -1.846  -4.220  1.00 28.58 ? 69  LYS A NZ   1 
ATOM   599 H H    . LYS A 1 69 ? 11.885  3.707   -2.780  1.00 25.00 ? 69  LYS A H    1 
ATOM   600 H HZ1  . LYS A 1 69 ? 14.169  -2.384  -4.986  1.00 25.00 ? 69  LYS A HZ1  1 
ATOM   601 H HZ2  . LYS A 1 69 ? 15.380  -1.256  -4.617  1.00 25.00 ? 69  LYS A HZ2  1 
ATOM   602 H HZ3  . LYS A 1 69 ? 15.024  -2.509  -3.525  1.00 25.00 ? 69  LYS A HZ3  1 
ATOM   603 N N    . ARG A 1 70 ? 10.552  4.423   -6.574  1.00 22.45 ? 70  ARG A N    1 
ATOM   604 C CA   . ARG A 1 70 ? 9.386   5.119   -7.075  1.00 22.92 ? 70  ARG A CA   1 
ATOM   605 C C    . ARG A 1 70 ? 8.788   4.115   -8.033  1.00 23.21 ? 70  ARG A C    1 
ATOM   606 O O    . ARG A 1 70 ? 9.443   3.719   -8.990  1.00 28.71 ? 70  ARG A O    1 
ATOM   607 C CB   . ARG A 1 70 ? 9.766   6.402   -7.821  1.00 24.72 ? 70  ARG A CB   1 
ATOM   608 C CG   . ARG A 1 70 ? 8.533   7.174   -8.283  1.00 34.98 ? 70  ARG A CG   1 
ATOM   609 C CD   . ARG A 1 70 ? 8.869   8.467   -9.003  1.00 43.55 ? 70  ARG A CD   1 
ATOM   610 N NE   . ARG A 1 70 ? 9.456   9.459   -8.108  1.00 51.17 ? 70  ARG A NE   1 
ATOM   611 C CZ   . ARG A 1 70 ? 10.731  9.838   -8.149  1.00 57.06 ? 70  ARG A CZ   1 
ATOM   612 N NH1  . ARG A 1 70 ? 11.554  9.326   -9.063  1.00 59.04 ? 70  ARG A NH1  1 
ATOM   613 N NH2  . ARG A 1 70 ? 11.182  10.746  -7.286  1.00 58.91 ? 70  ARG A NH2  1 
ATOM   614 H H    . ARG A 1 70 ? 11.159  4.029   -7.231  1.00 25.00 ? 70  ARG A H    1 
ATOM   615 H HE   . ARG A 1 70 ? 8.875   9.878   -7.444  1.00 25.00 ? 70  ARG A HE   1 
ATOM   616 H HH11 . ARG A 1 70 ? 11.224  8.658   -9.730  1.00 25.00 ? 70  ARG A HH11 1 
ATOM   617 H HH12 . ARG A 1 70 ? 12.509  9.624   -9.092  1.00 25.00 ? 70  ARG A HH12 1 
ATOM   618 H HH21 . ARG A 1 70 ? 10.563  11.143  -6.609  1.00 25.00 ? 70  ARG A HH21 1 
ATOM   619 H HH22 . ARG A 1 70 ? 12.138  11.034  -7.323  1.00 25.00 ? 70  ARG A HH22 1 
ATOM   620 N N    . ILE A 1 71 ? 7.580   3.649   -7.741  1.00 20.92 ? 71  ILE A N    1 
ATOM   621 C CA   . ILE A 1 71 ? 6.916   2.671   -8.592  1.00 16.01 ? 71  ILE A CA   1 
ATOM   622 C C    . ILE A 1 71 ? 5.529   3.152   -8.979  1.00 15.55 ? 71  ILE A C    1 
ATOM   623 O O    . ILE A 1 71 ? 5.073   4.191   -8.507  1.00 15.38 ? 71  ILE A O    1 
ATOM   624 C CB   . ILE A 1 71 ? 6.747   1.301   -7.864  1.00 17.30 ? 71  ILE A CB   1 
ATOM   625 C CG1  . ILE A 1 71 ? 6.018   1.481   -6.534  1.00 17.72 ? 71  ILE A CG1  1 
ATOM   626 C CG2  . ILE A 1 71 ? 8.085   0.636   -7.598  1.00 18.53 ? 71  ILE A CG2  1 
ATOM   627 C CD1  . ILE A 1 71 ? 5.589   0.166   -5.944  1.00 19.89 ? 71  ILE A CD1  1 
ATOM   628 H H    . ILE A 1 71 ? 7.102   4.002   -6.961  1.00 25.00 ? 71  ILE A H    1 
ATOM   629 N N    . LYS A 1 72 ? 4.899   2.430   -9.902  1.00 16.15 ? 72  LYS A N    1 
ATOM   630 C CA   . LYS A 1 72 ? 3.525   2.711   -10.307 1.00 18.53 ? 72  LYS A CA   1 
ATOM   631 C C    . LYS A 1 72 ? 2.829   1.403   -9.972  1.00 20.32 ? 72  LYS A C    1 
ATOM   632 O O    . LYS A 1 72 ? 3.375   0.316   -10.212 1.00 21.96 ? 72  LYS A O    1 
ATOM   633 C CB   . LYS A 1 72 ? 3.400   3.003   -11.804 1.00 21.27 ? 72  LYS A CB   1 
ATOM   634 C CG   . LYS A 1 72 ? 4.377   4.047   -12.295 1.00 31.54 ? 72  LYS A CG   1 
ATOM   635 C CD   . LYS A 1 72 ? 3.843   4.865   -13.450 1.00 36.52 ? 72  LYS A CD   1 
ATOM   636 C CE   . LYS A 1 72 ? 3.172   6.135   -12.932 1.00 40.55 ? 72  LYS A CE   1 
ATOM   637 N NZ   . LYS A 1 72 ? 2.909   7.136   -14.019 1.00 45.44 ? 72  LYS A NZ   1 
ATOM   638 H H    . LYS A 1 72 ? 5.330   1.657   -10.315 1.00 25.00 ? 72  LYS A H    1 
ATOM   639 H HZ1  . LYS A 1 72 ? 3.820   7.381   -14.456 1.00 25.00 ? 72  LYS A HZ1  1 
ATOM   640 H HZ2  . LYS A 1 72 ? 2.281   6.719   -14.735 1.00 25.00 ? 72  LYS A HZ2  1 
ATOM   641 H HZ3  . LYS A 1 72 ? 2.479   7.990   -13.614 1.00 25.00 ? 72  LYS A HZ3  1 
ATOM   642 N N    . GLY A 1 73 ? 1.658   1.490   -9.369  1.00 20.17 ? 73  GLY A N    1 
ATOM   643 C CA   . GLY A 1 73 ? 0.959   0.276   -9.020  1.00 18.11 ? 73  GLY A CA   1 
ATOM   644 C C    . GLY A 1 73 ? -0.498  0.512   -8.777  1.00 16.10 ? 73  GLY A C    1 
ATOM   645 O O    . GLY A 1 73 ? -1.024  1.561   -9.113  1.00 19.57 ? 73  GLY A O    1 
ATOM   646 H H    . GLY A 1 73 ? 1.271   2.366   -9.146  1.00 25.00 ? 73  GLY A H    1 
ATOM   647 N N    . THR A 1 74 ? -1.155  -0.486  -8.221  1.00 14.79 ? 74  THR A N    1 
ATOM   648 C CA   . THR A 1 74 ? -2.559  -0.402  -7.922  1.00 17.64 ? 74  THR A CA   1 
ATOM   649 C C    . THR A 1 74 ? -2.735  -0.292  -6.429  1.00 16.28 ? 74  THR A C    1 
ATOM   650 O O    . THR A 1 74 ? -2.022  -0.924  -5.665  1.00 16.68 ? 74  THR A O    1 
ATOM   651 C CB   . THR A 1 74 ? -3.224  -1.648  -8.408  1.00 19.30 ? 74  THR A CB   1 
ATOM   652 O OG1  . THR A 1 74 ? -2.840  -1.814  -9.762  1.00 22.91 ? 74  THR A OG1  1 
ATOM   653 C CG2  . THR A 1 74 ? -4.727  -1.528  -8.326  1.00 19.24 ? 74  THR A CG2  1 
ATOM   654 H H    . THR A 1 74 ? -0.721  -1.333  -7.986  1.00 25.00 ? 74  THR A H    1 
ATOM   655 H HG1  . THR A 1 74 ? -3.205  -1.088  -10.263 1.00 25.00 ? 74  THR A HG1  1 
ATOM   656 N N    . ILE A 1 75 ? -3.692  0.513   -6.016  1.00 16.74 ? 75  ILE A N    1 
ATOM   657 C CA   . ILE A 1 75 ? -3.942  0.701   -4.605  1.00 19.97 ? 75  ILE A CA   1 
ATOM   658 C C    . ILE A 1 75 ? -5.437  0.949   -4.452  1.00 17.68 ? 75  ILE A C    1 
ATOM   659 O O    . ILE A 1 75 ? -6.082  1.451   -5.368  1.00 16.35 ? 75  ILE A O    1 
ATOM   660 C CB   . ILE A 1 75 ? -3.095  1.917   -4.065  1.00 23.09 ? 75  ILE A CB   1 
ATOM   661 C CG1  . ILE A 1 75 ? -3.248  2.089   -2.554  1.00 25.94 ? 75  ILE A CG1  1 
ATOM   662 C CG2  . ILE A 1 75 ? -3.445  3.187   -4.798  1.00 20.47 ? 75  ILE A CG2  1 
ATOM   663 C CD1  . ILE A 1 75 ? -2.461  1.074   -1.728  1.00 26.74 ? 75  ILE A CD1  1 
ATOM   664 H H    . ILE A 1 75 ? -4.266  0.990   -6.658  1.00 25.00 ? 75  ILE A H    1 
ATOM   665 N N    . MET A 1 76 ? -5.988  0.540   -3.316  1.00 16.76 ? 76  MET A N    1 
ATOM   666 C CA   . MET A 1 76 ? -7.400  0.740   -3.023  1.00 20.39 ? 76  MET A CA   1 
ATOM   667 C C    . MET A 1 76 ? -7.494  1.692   -1.846  1.00 14.24 ? 76  MET A C    1 
ATOM   668 O O    . MET A 1 76 ? -6.663  1.633   -0.935  1.00 17.33 ? 76  MET A O    1 
ATOM   669 C CB   . MET A 1 76 ? -8.055  -0.576  -2.586  1.00 21.38 ? 76  MET A CB   1 
ATOM   670 C CG   . MET A 1 76 ? -8.308  -1.603  -3.689  1.00 26.66 ? 76  MET A CG   1 
ATOM   671 S SD   . MET A 1 76 ? -9.043  -3.077  -2.981  1.00 29.68 ? 76  MET A SD   1 
ATOM   672 C CE   . MET A 1 76 ? -7.614  -4.029  -2.840  1.00 32.61 ? 76  MET A CE   1 
ATOM   673 H H    . MET A 1 76 ? -5.445  0.114   -2.622  1.00 25.00 ? 76  MET A H    1 
ATOM   674 N N    . THR A 1 77 ? -8.481  2.574   -1.856  1.00 10.79 ? 77  THR A N    1 
ATOM   675 C CA   . THR A 1 77 ? -8.659  3.457   -0.715  1.00 16.10 ? 77  THR A CA   1 
ATOM   676 C C    . THR A 1 77 ? -10.012 3.093   -0.111  1.00 17.31 ? 77  THR A C    1 
ATOM   677 O O    . THR A 1 77 ? -10.911 2.703   -0.844  1.00 19.41 ? 77  THR A O    1 
ATOM   678 C CB   . THR A 1 77 ? -8.652  4.968   -1.094  1.00 13.92 ? 77  THR A CB   1 
ATOM   679 O OG1  . THR A 1 77 ? -9.727  5.244   -2.001  1.00 14.13 ? 77  THR A OG1  1 
ATOM   680 C CG2  . THR A 1 77 ? -7.285  5.409   -1.686  1.00 7.98  ? 77  THR A CG2  1 
ATOM   681 H H    . THR A 1 77 ? -9.104  2.643   -2.608  1.00 25.00 ? 77  THR A H    1 
ATOM   682 H HG1  . THR A 1 77 ? -9.935  6.160   -1.781  1.00 25.00 ? 77  THR A HG1  1 
ATOM   683 N N    . GLY A 1 78 ? -10.134 3.158   1.211   1.00 16.85 ? 78  GLY A N    1 
ATOM   684 C CA   . GLY A 1 78 ? -11.389 2.843   1.874   1.00 17.94 ? 78  GLY A CA   1 
ATOM   685 C C    . GLY A 1 78 ? -11.164 2.677   3.362   1.00 25.15 ? 78  GLY A C    1 
ATOM   686 O O    . GLY A 1 78 ? -10.022 2.745   3.820   1.00 28.06 ? 78  GLY A O    1 
ATOM   687 H H    . GLY A 1 78 ? -9.365  3.397   1.778   1.00 25.00 ? 78  GLY A H    1 
ATOM   688 N N    . ASP A 1 79 ? -12.246 2.458   4.110   1.00 32.06 ? 79  ASP A N    1 
ATOM   689 C CA   . ASP A 1 79 ? -12.203 2.274   5.565   1.00 35.10 ? 79  ASP A CA   1 
ATOM   690 C C    . ASP A 1 79 ? -11.403 1.061   5.989   1.00 35.15 ? 79  ASP A C    1 
ATOM   691 O O    . ASP A 1 79 ? -11.865 -0.076  5.930   1.00 39.11 ? 79  ASP A O    1 
ATOM   692 C CB   . ASP A 1 79 ? -13.610 2.141   6.158   1.00 41.42 ? 79  ASP A CB   1 
ATOM   693 C CG   . ASP A 1 79 ? -14.353 3.468   6.236   1.00 50.91 ? 79  ASP A CG   1 
ATOM   694 O OD1  . ASP A 1 79 ? -13.908 4.468   5.618   1.00 52.91 ? 79  ASP A OD1  1 
ATOM   695 O OD2  . ASP A 1 79 ? -15.398 3.506   6.928   1.00 56.12 ? 79  ASP A OD2  1 
ATOM   696 H H    . ASP A 1 79 ? -13.102 2.414   3.639   1.00 25.00 ? 79  ASP A H    1 
ATOM   697 N N    . THR A 1 80 ? -10.189 1.318   6.427   1.00 31.85 ? 80  THR A N    1 
ATOM   698 C CA   . THR A 1 80 ? -9.329  0.270   6.891   1.00 29.19 ? 80  THR A CA   1 
ATOM   699 C C    . THR A 1 80 ? -8.739  0.762   8.230   1.00 30.30 ? 80  THR A C    1 
ATOM   700 O O    . THR A 1 80 ? -8.453  1.949   8.403   1.00 29.29 ? 80  THR A O    1 
ATOM   701 C CB   . THR A 1 80 ? -8.259  -0.072  5.812   1.00 24.96 ? 80  THR A CB   1 
ATOM   702 O OG1  . THR A 1 80 ? -7.429  -1.145  6.271   1.00 29.26 ? 80  THR A OG1  1 
ATOM   703 C CG2  . THR A 1 80 ? -7.397  1.136   5.478   1.00 23.04 ? 80  THR A CG2  1 
ATOM   704 H H    . THR A 1 80 ? -9.844  2.234   6.431   1.00 25.00 ? 80  THR A H    1 
ATOM   705 H HG1  . THR A 1 80 ? -6.719  -0.764  6.772   1.00 25.00 ? 80  THR A HG1  1 
ATOM   706 N N    . PRO A 1 81 ? -8.708  -0.112  9.244   1.00 30.78 ? 81  PRO A N    1 
ATOM   707 C CA   . PRO A 1 81 ? -8.148  0.324   10.525  1.00 26.85 ? 81  PRO A CA   1 
ATOM   708 C C    . PRO A 1 81 ? -6.644  0.526   10.449  1.00 27.44 ? 81  PRO A C    1 
ATOM   709 O O    . PRO A 1 81 ? -6.080  1.291   11.224  1.00 29.56 ? 81  PRO A O    1 
ATOM   710 C CB   . PRO A 1 81 ? -8.505  -0.831  11.463  1.00 28.37 ? 81  PRO A CB   1 
ATOM   711 C CG   . PRO A 1 81 ? -8.627  -2.030  10.536  1.00 29.26 ? 81  PRO A CG   1 
ATOM   712 C CD   . PRO A 1 81 ? -9.323  -1.450  9.347   1.00 28.78 ? 81  PRO A CD   1 
ATOM   713 N N    . ILE A 1 82 ? -6.001  -0.169  9.512   1.00 25.97 ? 82  ILE A N    1 
ATOM   714 C CA   . ILE A 1 82 ? -4.555  -0.100  9.324   1.00 24.33 ? 82  ILE A CA   1 
ATOM   715 C C    . ILE A 1 82 ? -4.300  0.137   7.832   1.00 19.97 ? 82  ILE A C    1 
ATOM   716 O O    . ILE A 1 82 ? -5.042  -0.366  7.010   1.00 23.54 ? 82  ILE A O    1 
ATOM   717 C CB   . ILE A 1 82 ? -3.879  -1.467  9.702   1.00 27.63 ? 82  ILE A CB   1 
ATOM   718 C CG1  . ILE A 1 82 ? -4.689  -2.211  10.766  1.00 33.11 ? 82  ILE A CG1  1 
ATOM   719 C CG2  . ILE A 1 82 ? -2.472  -1.247  10.238  1.00 27.74 ? 82  ILE A CG2  1 
ATOM   720 C CD1  . ILE A 1 82 ? -4.624  -1.600  12.166  1.00 40.25 ? 82  ILE A CD1  1 
ATOM   721 H H    . ILE A 1 82 ? -6.501  -0.742  8.897   1.00 25.00 ? 82  ILE A H    1 
ATOM   722 N N    . ASN A 1 83 ? -3.288  0.926   7.491   1.00 16.30 ? 83  ASN A N    1 
ATOM   723 C CA   . ASN A 1 83 ? -2.941  1.176   6.095   1.00 14.98 ? 83  ASN A CA   1 
ATOM   724 C C    . ASN A 1 83 ? -1.956  0.079   5.795   1.00 12.88 ? 83  ASN A C    1 
ATOM   725 O O    . ASN A 1 83 ? -0.932  -0.027  6.466   1.00 14.61 ? 83  ASN A O    1 
ATOM   726 C CB   . ASN A 1 83 ? -2.226  2.503   5.936   1.00 12.30 ? 83  ASN A CB   1 
ATOM   727 C CG   . ASN A 1 83 ? -3.120  3.661   6.160   1.00 12.08 ? 83  ASN A CG   1 
ATOM   728 O OD1  . ASN A 1 83 ? -4.300  3.615   5.830   1.00 10.66 ? 83  ASN A OD1  1 
ATOM   729 N ND2  . ASN A 1 83 ? -2.576  4.714   6.732   1.00 13.31 ? 83  ASN A ND2  1 
ATOM   730 H H    . ASN A 1 83 ? -2.736  1.321   8.192   1.00 25.00 ? 83  ASN A H    1 
ATOM   731 H HD21 . ASN A 1 83 ? -3.117  5.506   6.875   1.00 25.00 ? 83  ASN A HD21 1 
ATOM   732 H HD22 . ASN A 1 83 ? -1.625  4.643   6.982   1.00 25.00 ? 83  ASN A HD22 1 
ATOM   733 N N    . ILE A 1 84 ? -2.230  -0.726  4.787   1.00 13.07 ? 84  ILE A N    1 
ATOM   734 C CA   . ILE A 1 84 ? -1.343  -1.839  4.538   1.00 13.86 ? 84  ILE A CA   1 
ATOM   735 C C    . ILE A 1 84 ? -0.858  -1.963  3.117   1.00 12.07 ? 84  ILE A C    1 
ATOM   736 O O    . ILE A 1 84 ? -1.603  -1.739  2.165   1.00 12.05 ? 84  ILE A O    1 
ATOM   737 C CB   . ILE A 1 84 ? -1.987  -3.212  4.964   1.00 21.00 ? 84  ILE A CB   1 
ATOM   738 C CG1  . ILE A 1 84 ? -3.163  -3.533  4.086   1.00 27.36 ? 84  ILE A CG1  1 
ATOM   739 C CG2  . ILE A 1 84 ? -2.553  -3.189  6.389   1.00 14.73 ? 84  ILE A CG2  1 
ATOM   740 C CD1  . ILE A 1 84 ? -2.930  -4.766  3.301   1.00 37.09 ? 84  ILE A CD1  1 
ATOM   741 H H    . ILE A 1 84 ? -3.016  -0.579  4.214   1.00 25.00 ? 84  ILE A H    1 
ATOM   742 N N    . PHE A 1 85 ? 0.429   -2.246  2.984   1.00 11.98 ? 85  PHE A N    1 
ATOM   743 C CA   . PHE A 1 85 ? 1.024   -2.480  1.677   1.00 13.46 ? 85  PHE A CA   1 
ATOM   744 C C    . PHE A 1 85 ? 1.142   -3.996  1.655   1.00 11.87 ? 85  PHE A C    1 
ATOM   745 O O    . PHE A 1 85 ? 1.910   -4.551  2.444   1.00 13.63 ? 85  PHE A O    1 
ATOM   746 C CB   . PHE A 1 85 ? 2.417   -1.831  1.573   1.00 11.85 ? 85  PHE A CB   1 
ATOM   747 C CG   . PHE A 1 85 ? 2.414   -0.464  0.944   1.00 11.68 ? 85  PHE A CG   1 
ATOM   748 C CD1  . PHE A 1 85 ? 1.244   0.293   0.884   1.00 10.84 ? 85  PHE A CD1  1 
ATOM   749 C CD2  . PHE A 1 85 ? 3.585   0.067   0.414   1.00 13.75 ? 85  PHE A CD2  1 
ATOM   750 C CE1  . PHE A 1 85 ? 1.236   1.552   0.311   1.00 10.88 ? 85  PHE A CE1  1 
ATOM   751 C CE2  . PHE A 1 85 ? 3.590   1.338   -0.167  1.00 17.14 ? 85  PHE A CE2  1 
ATOM   752 C CZ   . PHE A 1 85 ? 2.413   2.079   -0.216  1.00 11.68 ? 85  PHE A CZ   1 
ATOM   753 H H    . PHE A 1 85 ? 0.992   -2.338  3.768   1.00 25.00 ? 85  PHE A H    1 
ATOM   754 N N    . GLY A 1 86 ? 0.310   -4.642  0.837   1.00 12.20 ? 86  GLY A N    1 
ATOM   755 C CA   . GLY A 1 86 ? 0.313   -6.092  0.710   1.00 10.63 ? 86  GLY A CA   1 
ATOM   756 C C    . GLY A 1 86 ? 1.300   -6.583  -0.329  1.00 10.85 ? 86  GLY A C    1 
ATOM   757 O O    . GLY A 1 86 ? 2.049   -5.795  -0.919  1.00 13.64 ? 86  GLY A O    1 
ATOM   758 H H    . GLY A 1 86 ? -0.319  -4.113  0.318   1.00 25.00 ? 86  GLY A H    1 
ATOM   759 N N    . ARG A 1 87 ? 1.280   -7.884  -0.598  1.00 12.79 ? 87  ARG A N    1 
ATOM   760 C CA   . ARG A 1 87 ? 2.202   -8.504  -1.556  1.00 11.73 ? 87  ARG A CA   1 
ATOM   761 C C    . ARG A 1 87 ? 2.196   -7.954  -2.985  1.00 12.38 ? 87  ARG A C    1 
ATOM   762 O O    . ARG A 1 87 ? 3.210   -8.048  -3.685  1.00 13.95 ? 87  ARG A O    1 
ATOM   763 C CB   . ARG A 1 87 ? 2.007   -10.011 -1.569  1.00 15.14 ? 87  ARG A CB   1 
ATOM   764 C CG   . ARG A 1 87 ? 2.416   -10.699 -0.269  1.00 13.95 ? 87  ARG A CG   1 
ATOM   765 C CD   . ARG A 1 87 ? 2.300   -12.237 -0.376  1.00 15.07 ? 87  ARG A CD   1 
ATOM   766 N NE   . ARG A 1 87 ? 0.954   -12.671 -0.736  1.00 13.30 ? 87  ARG A NE   1 
ATOM   767 C CZ   . ARG A 1 87 ? 0.598   -13.062 -1.955  1.00 16.50 ? 87  ARG A CZ   1 
ATOM   768 N NH1  . ARG A 1 87 ? 1.478   -13.065 -2.946  1.00 15.95 ? 87  ARG A NH1  1 
ATOM   769 N NH2  . ARG A 1 87 ? -0.652  -13.439 -2.186  1.00 21.04 ? 87  ARG A NH2  1 
ATOM   770 H H    . ARG A 1 87 ? 0.637   -8.437  -0.123  1.00 25.00 ? 87  ARG A H    1 
ATOM   771 H HE   . ARG A 1 87 ? 0.241   -12.621 -0.088  1.00 25.00 ? 87  ARG A HE   1 
ATOM   772 H HH11 . ARG A 1 87 ? 2.421   -12.772 -2.787  1.00 25.00 ? 87  ARG A HH11 1 
ATOM   773 H HH12 . ARG A 1 87 ? 1.195   -13.368 -3.855  1.00 25.00 ? 87  ARG A HH12 1 
ATOM   774 H HH21 . ARG A 1 87 ? -1.310  -13.434 -1.439  1.00 25.00 ? 87  ARG A HH21 1 
ATOM   775 H HH22 . ARG A 1 87 ? -0.931  -13.741 -3.098  1.00 25.00 ? 87  ARG A HH22 1 
ATOM   776 N N    . ASN A 1 88 ? 1.076   -7.389  -3.430  1.00 14.77 ? 88  ASN A N    1 
ATOM   777 C CA   . ASN A 1 88 ? 1.012   -6.807  -4.783  1.00 15.57 ? 88  ASN A CA   1 
ATOM   778 C C    . ASN A 1 88 ? 1.966   -5.605  -4.918  1.00 17.48 ? 88  ASN A C    1 
ATOM   779 O O    . ASN A 1 88 ? 2.470   -5.333  -6.013  1.00 20.43 ? 88  ASN A O    1 
ATOM   780 C CB   . ASN A 1 88 ? -0.414  -6.410  -5.150  1.00 16.07 ? 88  ASN A CB   1 
ATOM   781 C CG   . ASN A 1 88 ? -0.874  -5.160  -4.442  1.00 17.83 ? 88  ASN A CG   1 
ATOM   782 O OD1  . ASN A 1 88 ? -0.895  -5.096  -3.210  1.00 17.54 ? 88  ASN A OD1  1 
ATOM   783 N ND2  . ASN A 1 88 ? -1.254  -4.157  -5.214  1.00 17.48 ? 88  ASN A ND2  1 
ATOM   784 H H    . ASN A 1 88 ? 0.277   -7.378  -2.857  1.00 25.00 ? 88  ASN A H    1 
ATOM   785 H HD21 . ASN A 1 88 ? -1.557  -3.326  -4.787  1.00 25.00 ? 88  ASN A HD21 1 
ATOM   786 H HD22 . ASN A 1 88 ? -1.233  -4.254  -6.189  1.00 25.00 ? 88  ASN A HD22 1 
ATOM   787 N N    . LEU A 1 89 ? 2.221   -4.896  -3.817  1.00 12.20 ? 89  LEU A N    1 
ATOM   788 C CA   . LEU A 1 89 ? 3.169   -3.781  -3.841  1.00 10.70 ? 89  LEU A CA   1 
ATOM   789 C C    . LEU A 1 89 ? 4.551   -4.240  -3.357  1.00 9.73  ? 89  LEU A C    1 
ATOM   790 O O    . LEU A 1 89 ? 5.581   -3.752  -3.816  1.00 12.88 ? 89  LEU A O    1 
ATOM   791 C CB   . LEU A 1 89 ? 2.667   -2.600  -2.999  1.00 13.28 ? 89  LEU A CB   1 
ATOM   792 C CG   . LEU A 1 89 ? 1.479   -1.852  -3.619  1.00 12.04 ? 89  LEU A CG   1 
ATOM   793 C CD1  . LEU A 1 89 ? 1.141   -0.627  -2.794  1.00 15.77 ? 89  LEU A CD1  1 
ATOM   794 C CD2  . LEU A 1 89 ? 1.823   -1.424  -5.025  1.00 12.79 ? 89  LEU A CD2  1 
ATOM   795 H H    . LEU A 1 89 ? 1.769   -5.118  -2.974  1.00 25.00 ? 89  LEU A H    1 
ATOM   796 N N    . LEU A 1 90 ? 4.590   -5.171  -2.419  1.00 9.85  ? 90  LEU A N    1 
ATOM   797 C CA   . LEU A 1 90 ? 5.877   -5.666  -1.951  1.00 10.25 ? 90  LEU A CA   1 
ATOM   798 C C    . LEU A 1 90 ? 6.710   -6.264  -3.084  1.00 13.02 ? 90  LEU A C    1 
ATOM   799 O O    . LEU A 1 90 ? 7.918   -6.061  -3.132  1.00 13.53 ? 90  LEU A O    1 
ATOM   800 C CB   . LEU A 1 90 ? 5.687   -6.690  -0.835  1.00 11.83 ? 90  LEU A CB   1 
ATOM   801 C CG   . LEU A 1 90 ? 4.960   -6.159  0.406   1.00 13.03 ? 90  LEU A CG   1 
ATOM   802 C CD1  . LEU A 1 90 ? 4.843   -7.254  1.465   1.00 14.32 ? 90  LEU A CD1  1 
ATOM   803 C CD2  . LEU A 1 90 ? 5.707   -4.982  0.974   1.00 13.16 ? 90  LEU A CD2  1 
ATOM   804 H H    . LEU A 1 90 ? 3.754   -5.498  -2.023  1.00 25.00 ? 90  LEU A H    1 
ATOM   805 N N    . THR A 1 91 ? 6.072   -6.998  -3.998  1.00 14.83 ? 91  THR A N    1 
ATOM   806 C CA   . THR A 1 91 ? 6.765   -7.601  -5.150  1.00 13.77 ? 91  THR A CA   1 
ATOM   807 C C    . THR A 1 91 ? 7.195   -6.550  -6.169  1.00 12.10 ? 91  THR A C    1 
ATOM   808 O O    . THR A 1 91 ? 8.303   -6.601  -6.706  1.00 16.20 ? 91  THR A O    1 
ATOM   809 C CB   . THR A 1 91 ? 5.904   -8.669  -5.853  1.00 10.58 ? 91  THR A CB   1 
ATOM   810 O OG1  . THR A 1 91 ? 4.627   -8.121  -6.185  1.00 15.20 ? 91  THR A OG1  1 
ATOM   811 C CG2  . THR A 1 91 ? 5.679   -9.825  -4.938  1.00 11.69 ? 91  THR A CG2  1 
ATOM   812 H H    . THR A 1 91 ? 5.114   -7.159  -3.896  1.00 25.00 ? 91  THR A H    1 
ATOM   813 H HG1  . THR A 1 91 ? 4.056   -8.100  -5.408  1.00 25.00 ? 91  THR A HG1  1 
ATOM   814 N N    . ALA A 1 92 ? 6.331   -5.577  -6.422  1.00 13.38 ? 92  ALA A N    1 
ATOM   815 C CA   . ALA A 1 92 ? 6.656   -4.505  -7.356  1.00 14.48 ? 92  ALA A CA   1 
ATOM   816 C C    . ALA A 1 92 ? 7.854   -3.699  -6.805  1.00 14.91 ? 92  ALA A C    1 
ATOM   817 O O    . ALA A 1 92 ? 8.588   -3.095  -7.572  1.00 16.72 ? 92  ALA A O    1 
ATOM   818 C CB   . ALA A 1 92 ? 5.432   -3.599  -7.572  1.00 14.47 ? 92  ALA A CB   1 
ATOM   819 H H    . ALA A 1 92 ? 5.454   -5.589  -5.988  1.00 25.00 ? 92  ALA A H    1 
ATOM   820 N N    . LEU A 1 93 ? 8.045   -3.713  -5.482  1.00 15.97 ? 93  LEU A N    1 
ATOM   821 C CA   . LEU A 1 93 ? 9.155   -3.014  -4.813  1.00 15.46 ? 93  LEU A CA   1 
ATOM   822 C C    . LEU A 1 93 ? 10.383  -3.889  -4.677  1.00 15.04 ? 93  LEU A C    1 
ATOM   823 O O    . LEU A 1 93 ? 11.372  -3.485  -4.085  1.00 18.35 ? 93  LEU A O    1 
ATOM   824 C CB   . LEU A 1 93 ? 8.748   -2.552  -3.417  1.00 17.74 ? 93  LEU A CB   1 
ATOM   825 C CG   . LEU A 1 93 ? 7.899   -1.292  -3.282  1.00 21.42 ? 93  LEU A CG   1 
ATOM   826 C CD1  . LEU A 1 93 ? 7.237   -1.263  -1.905  1.00 21.23 ? 93  LEU A CD1  1 
ATOM   827 C CD2  . LEU A 1 93 ? 8.782   -0.072  -3.495  1.00 18.43 ? 93  LEU A CD2  1 
ATOM   828 H H    . LEU A 1 93 ? 7.400   -4.187  -4.918  1.00 25.00 ? 93  LEU A H    1 
ATOM   829 N N    . GLY A 1 94 ? 10.310  -5.110  -5.200  1.00 17.79 ? 94  GLY A N    1 
ATOM   830 C CA   . GLY A 1 94 ? 11.443  -6.006  -5.138  1.00 15.69 ? 94  GLY A CA   1 
ATOM   831 C C    . GLY A 1 94 ? 11.803  -6.480  -3.751  1.00 18.65 ? 94  GLY A C    1 
ATOM   832 O O    . GLY A 1 94 ? 12.975  -6.692  -3.461  1.00 24.17 ? 94  GLY A O    1 
ATOM   833 H H    . GLY A 1 94 ? 9.495   -5.408  -5.646  1.00 25.00 ? 94  GLY A H    1 
ATOM   834 N N    . MET A 1 95 ? 10.808  -6.682  -2.895  1.00 18.65 ? 95  MET A N    1 
ATOM   835 C CA   . MET A 1 95 ? 11.079  -7.144  -1.545  1.00 16.70 ? 95  MET A CA   1 
ATOM   836 C C    . MET A 1 95 ? 10.951  -8.648  -1.409  1.00 19.29 ? 95  MET A C    1 
ATOM   837 O O    . MET A 1 95 ? 10.086  -9.272  -2.030  1.00 19.95 ? 95  MET A O    1 
ATOM   838 C CB   . MET A 1 95 ? 10.141  -6.483  -0.552  1.00 17.12 ? 95  MET A CB   1 
ATOM   839 C CG   . MET A 1 95 ? 10.282  -4.971  -0.443  1.00 21.48 ? 95  MET A CG   1 
ATOM   840 S SD   . MET A 1 95 ? 9.298   -4.373  0.916   1.00 27.77 ? 95  MET A SD   1 
ATOM   841 C CE   . MET A 1 95 ? 10.260  -4.874  2.242   1.00 21.90 ? 95  MET A CE   1 
ATOM   842 H H    . MET A 1 95 ? 9.881   -6.530  -3.175  1.00 25.00 ? 95  MET A H    1 
ATOM   843 N N    . SER A 1 96 ? 11.813  -9.218  -0.574  1.00 20.33 ? 96  SER A N    1 
ATOM   844 C CA   . SER A 1 96 ? 11.802  -10.645 -0.282  1.00 18.59 ? 96  SER A CA   1 
ATOM   845 C C    . SER A 1 96 ? 11.977  -10.872 1.217   1.00 20.07 ? 96  SER A C    1 
ATOM   846 O O    . SER A 1 96 ? 12.342  -9.958  1.962   1.00 18.37 ? 96  SER A O    1 
ATOM   847 C CB   . SER A 1 96 ? 12.897  -11.368 -1.054  1.00 15.82 ? 96  SER A CB   1 
ATOM   848 O OG   . SER A 1 96 ? 14.175  -10.836 -0.766  1.00 20.48 ? 96  SER A OG   1 
ATOM   849 H H    . SER A 1 96 ? 12.504  -8.688  -0.127  1.00 25.00 ? 96  SER A H    1 
ATOM   850 H HG   . SER A 1 96 ? 14.500  -11.062 0.120   1.00 25.00 ? 96  SER A HG   1 
ATOM   851 N N    . LEU A 1 97 ? 11.651  -12.082 1.655   1.00 19.79 ? 97  LEU A N    1 
ATOM   852 C CA   . LEU A 1 97 ? 11.776  -12.485 3.047   1.00 18.74 ? 97  LEU A CA   1 
ATOM   853 C C    . LEU A 1 97 ? 13.074  -13.278 3.067   1.00 21.23 ? 97  LEU A C    1 
ATOM   854 O O    . LEU A 1 97 ? 13.268  -14.174 2.256   1.00 23.85 ? 97  LEU A O    1 
ATOM   855 C CB   . LEU A 1 97 ? 10.584  -13.382 3.431   1.00 18.04 ? 97  LEU A CB   1 
ATOM   856 C CG   . LEU A 1 97 ? 9.799   -13.234 4.736   1.00 18.57 ? 97  LEU A CG   1 
ATOM   857 C CD1  . LEU A 1 97 ? 9.950   -11.861 5.380   1.00 20.92 ? 97  LEU A CD1  1 
ATOM   858 C CD2  . LEU A 1 97 ? 8.344   -13.531 4.452   1.00 16.80 ? 97  LEU A CD2  1 
ATOM   859 H H    . LEU A 1 97 ? 11.357  -12.760 1.018   1.00 25.00 ? 97  LEU A H    1 
ATOM   860 N N    . ASN A 1 98 ? 13.985  -12.918 3.954   1.00 22.19 ? 98  ASN A N    1 
ATOM   861 C CA   . ASN A 1 98 ? 15.259  -13.602 4.025   1.00 21.46 ? 98  ASN A CA   1 
ATOM   862 C C    . ASN A 1 98 ? 15.369  -14.348 5.294   1.00 19.93 ? 98  ASN A C    1 
ATOM   863 O O    . ASN A 1 98 ? 14.832  -13.919 6.306   1.00 21.43 ? 98  ASN A O    1 
ATOM   864 C CB   . ASN A 1 98 ? 16.419  -12.620 3.949   1.00 27.75 ? 98  ASN A CB   1 
ATOM   865 C CG   . ASN A 1 98 ? 16.930  -12.477 2.565   1.00 36.08 ? 98  ASN A CG   1 
ATOM   866 O OD1  . ASN A 1 98 ? 16.225  -11.978 1.670   1.00 38.56 ? 98  ASN A OD1  1 
ATOM   867 N ND2  . ASN A 1 98 ? 18.131  -12.979 2.340   1.00 40.36 ? 98  ASN A ND2  1 
ATOM   868 H H    . ASN A 1 98 ? 13.796  -12.201 4.594   1.00 25.00 ? 98  ASN A H    1 
ATOM   869 H HD21 . ASN A 1 98 ? 18.486  -12.891 1.433   1.00 25.00 ? 98  ASN A HD21 1 
ATOM   870 H HD22 . ASN A 1 98 ? 18.605  -13.419 3.080   1.00 25.00 ? 98  ASN A HD22 1 
ATOM   871 N N    . PHE A 1 99 ? 16.103  -15.446 5.234   1.00 18.06 ? 99  PHE A N    1 
ATOM   872 C CA   . PHE A 1 99 ? 16.327  -16.289 6.379   1.00 19.94 ? 99  PHE A CA   1 
ATOM   873 C C    . PHE A 1 99 ? 17.658  -17.002 6.175   1.00 22.56 ? 99  PHE A C    1 
ATOM   874 O O    . PHE A 1 99 ? 18.274  -16.833 5.090   1.00 26.01 ? 99  PHE A O    1 
ATOM   875 C CB   . PHE A 1 99 ? 15.168  -17.272 6.545   1.00 15.80 ? 99  PHE A CB   1 
ATOM   876 C CG   . PHE A 1 99 ? 14.988  -18.217 5.387   1.00 16.28 ? 99  PHE A CG   1 
ATOM   877 C CD1  . PHE A 1 99 ? 14.351  -17.799 4.223   1.00 17.40 ? 99  PHE A CD1  1 
ATOM   878 C CD2  . PHE A 1 99 ? 15.423  -19.545 5.483   1.00 16.59 ? 99  PHE A CD2  1 
ATOM   879 C CE1  . PHE A 1 99 ? 14.145  -18.687 3.167   1.00 18.48 ? 99  PHE A CE1  1 
ATOM   880 C CE2  . PHE A 1 99 ? 15.224  -20.439 4.441   1.00 15.07 ? 99  PHE A CE2  1 
ATOM   881 C CZ   . PHE A 1 99 ? 14.583  -20.014 3.278   1.00 17.13 ? 99  PHE A CZ   1 
ATOM   882 O OXT  . PHE A 1 99 ? 18.103  -17.666 7.129   1.00 25.20 ? 99  PHE A OXT  1 
ATOM   883 H H    . PHE A 1 99 ? 16.564  -15.741 4.422   1.00 25.00 ? 99  PHE A H    1 
HETATM 884 O O    . HOH B 2 .  ? 10.075  4.722   3.308   1.00 15.98 ? 402 HOH A O    1 
HETATM 885 H H1   . HOH B 2 .  ? 9.927   5.063   4.200   1.00 25.00 ? 402 HOH A H1   1 
HETATM 886 H H2   . HOH B 2 .  ? 10.857  4.179   3.430   1.00 25.00 ? 402 HOH A H2   1 
HETATM 887 O O    . HOH B 2 .  ? 10.053  5.471   6.449   1.00 25.57 ? 403 HOH A O    1 
HETATM 888 H H1   . HOH B 2 .  ? 9.483   6.245   6.522   1.00 25.00 ? 403 HOH A H1   1 
HETATM 889 H H2   . HOH B 2 .  ? 10.407  5.392   7.341   1.00 25.00 ? 403 HOH A H2   1 
HETATM 890 O O    . HOH B 2 .  ? -0.848  7.897   7.637   1.00 33.94 ? 404 HOH A O    1 
HETATM 891 H H1   . HOH B 2 .  ? -1.264  8.743   7.426   1.00 25.00 ? 404 HOH A H1   1 
HETATM 892 H H2   . HOH B 2 .  ? -1.280  7.322   7.006   1.00 25.00 ? 404 HOH A H2   1 
HETATM 893 O O    . HOH B 2 .  ? -4.383  -3.062  -3.777  1.00 17.92 ? 405 HOH A O    1 
HETATM 894 H H1   . HOH B 2 .  ? -4.394  -2.275  -3.214  1.00 25.00 ? 405 HOH A H1   1 
HETATM 895 H H2   . HOH B 2 .  ? -5.224  -3.465  -3.553  1.00 25.00 ? 405 HOH A H2   1 
HETATM 896 O O    . HOH B 2 .  ? -14.808 2.113   2.601   1.00 32.95 ? 406 HOH A O    1 
HETATM 897 H H1   . HOH B 2 .  ? -15.100 1.486   1.921   1.00 25.00 ? 406 HOH A H1   1 
HETATM 898 H H2   . HOH B 2 .  ? -15.422 2.041   3.332   1.00 25.00 ? 406 HOH A H2   1 
HETATM 899 O O    . HOH B 2 .  ? -3.866  7.475   6.928   1.00 27.43 ? 407 HOH A O    1 
HETATM 900 H H1   . HOH B 2 .  ? -4.056  6.735   7.501   1.00 25.00 ? 407 HOH A H1   1 
HETATM 901 H H2   . HOH B 2 .  ? -4.290  7.276   6.072   1.00 25.00 ? 407 HOH A H2   1 
HETATM 902 O O    . HOH B 2 .  ? 5.734   0.956   14.428  1.00 48.82 ? 408 HOH A O    1 
HETATM 903 H H1   . HOH B 2 .  ? 5.491   1.682   14.995  1.00 25.00 ? 408 HOH A H1   1 
HETATM 904 H H2   . HOH B 2 .  ? 6.147   1.364   13.665  1.00 25.00 ? 408 HOH A H2   1 
HETATM 905 O O    . HOH B 2 .  ? -9.430  8.043   -2.917  1.00 13.38 ? 409 HOH A O    1 
HETATM 906 H H1   . HOH B 2 .  ? -9.383  7.120   -3.173  1.00 25.00 ? 409 HOH A H1   1 
HETATM 907 H H2   . HOH B 2 .  ? -9.753  8.456   -3.733  1.00 25.00 ? 409 HOH A H2   1 
HETATM 908 O O    . HOH B 2 .  ? -17.334 -10.645 0.768   1.00 46.25 ? 410 HOH A O    1 
HETATM 909 H H1   . HOH B 2 .  ? -16.706 -10.051 1.204   1.00 25.00 ? 410 HOH A H1   1 
HETATM 910 H H2   . HOH B 2 .  ? -17.004 -10.638 -0.129  1.00 25.00 ? 410 HOH A H2   1 
HETATM 911 O O    . HOH B 2 .  ? -1.431  -9.711  8.187   0.50 7.25  ? 413 HOH A O    1 
HETATM 912 H H1   . HOH B 2 .  ? -0.580  -9.855  7.773   0.5  25.00 ? 413 HOH A H1   1 
HETATM 913 H H2   . HOH B 2 .  ? -1.596  -10.513 8.683   0.50 25.00 ? 413 HOH A H2   1 
HETATM 914 O O    . HOH B 2 .  ? 4.294   10.140  -4.685  1.00 18.31 ? 414 HOH A O    1 
HETATM 915 H H1   . HOH B 2 .  ? 4.668   10.540  -5.478  1.00 25.00 ? 414 HOH A H1   1 
HETATM 916 H H2   . HOH B 2 .  ? 3.711   9.461   -5.038  1.00 25.00 ? 414 HOH A H2   1 
HETATM 917 O O    . HOH B 2 .  ? -2.045  12.383  3.680   1.00 38.14 ? 415 HOH A O    1 
HETATM 918 H H1   . HOH B 2 .  ? -1.112  12.231  3.840   1.00 25.00 ? 415 HOH A H1   1 
HETATM 919 H H2   . HOH B 2 .  ? -2.193  13.323  3.627   1.00 25.00 ? 415 HOH A H2   1 
HETATM 920 O O    . HOH B 2 .  ? -0.329  -13.114 1.680   1.00 19.80 ? 416 HOH A O    1 
HETATM 921 H H1   . HOH B 2 .  ? 0.025   -12.228 1.600   1.00 25.00 ? 416 HOH A H1   1 
HETATM 922 H H2   . HOH B 2 .  ? 0.322   -13.519 2.256   1.00 25.00 ? 416 HOH A H2   1 
HETATM 923 O O    . HOH B 2 .  ? -12.793 9.579   -5.214  1.00 34.77 ? 417 HOH A O    1 
HETATM 924 H H1   . HOH B 2 .  ? -12.634 8.840   -4.628  1.00 25.00 ? 417 HOH A H1   1 
HETATM 925 H H2   . HOH B 2 .  ? -12.163 9.405   -5.946  1.00 25.00 ? 417 HOH A H2   1 
HETATM 926 O O    . HOH B 2 .  ? -16.048 -3.326  -10.113 1.00 28.36 ? 418 HOH A O    1 
HETATM 927 H H1   . HOH B 2 .  ? -15.796 -2.763  -9.356  1.00 25.00 ? 418 HOH A H1   1 
HETATM 928 H H2   . HOH B 2 .  ? -16.841 -3.767  -9.816  1.00 25.00 ? 418 HOH A H2   1 
HETATM 929 O O    . HOH B 2 .  ? -9.027  1.371   -11.720 1.00 30.41 ? 419 HOH A O    1 
HETATM 930 H H1   . HOH B 2 .  ? -8.520  1.769   -12.425 1.00 25.00 ? 419 HOH A H1   1 
HETATM 931 H H2   . HOH B 2 .  ? -9.011  2.004   -10.996 1.00 25.00 ? 419 HOH A H2   1 
HETATM 932 O O    . HOH B 2 .  ? 14.051  -10.026 12.272  1.00 28.06 ? 424 HOH A O    1 
HETATM 933 H H1   . HOH B 2 .  ? 13.499  -9.941  11.488  1.00 25.00 ? 424 HOH A H1   1 
HETATM 934 H H2   . HOH B 2 .  ? 13.438  -10.155 13.002  1.00 25.00 ? 424 HOH A H2   1 
HETATM 935 O O    . HOH B 2 .  ? 16.087  1.804   -2.495  1.00 41.93 ? 425 HOH A O    1 
HETATM 936 H H1   . HOH B 2 .  ? 15.345  1.896   -1.871  1.00 25.00 ? 425 HOH A H1   1 
HETATM 937 H H2   . HOH B 2 .  ? 16.544  1.024   -2.197  1.00 25.00 ? 425 HOH A H2   1 
HETATM 938 O O    . HOH B 2 .  ? -0.189  -3.659  -7.947  1.00 37.00 ? 426 HOH A O    1 
HETATM 939 H H1   . HOH B 2 .  ? 0.218   -4.526  -7.846  1.00 25.00 ? 426 HOH A H1   1 
HETATM 940 H H2   . HOH B 2 .  ? 0.564   -3.101  -8.132  1.00 25.00 ? 426 HOH A H2   1 
# 
